data_2KPY
#
_entry.id   2KPY
#
_entity_poly.entity_id   1
_entity_poly.type   'polypeptide(L)'
_entity_poly.pdbx_seq_one_letter_code
;AGSKLCEKTSKTYSGKCDNKKCDKKCIEWEKAQHGACHKREAGKESCFCYFDCSKSPPGATPAPPGAAPPPAAGGSPSPP
ADGGSPPPPADGGSPPVDGGSPPPPSTH
;
_entity_poly.pdbx_strand_id   A
#
# COMPACT_ATOMS: atom_id res chain seq x y z
N ALA A 1 -4.58 -18.49 21.39
CA ALA A 1 -5.70 -17.57 21.28
C ALA A 1 -5.56 -16.68 20.05
N GLY A 2 -4.44 -15.96 19.96
CA GLY A 2 -4.21 -15.09 18.82
C GLY A 2 -3.44 -13.84 19.20
N SER A 3 -2.43 -13.50 18.41
CA SER A 3 -1.61 -12.32 18.67
C SER A 3 -0.51 -12.19 17.62
N LYS A 4 -0.72 -11.30 16.66
CA LYS A 4 0.25 -11.06 15.60
C LYS A 4 -0.17 -9.90 14.71
N LEU A 5 0.54 -9.71 13.61
CA LEU A 5 0.24 -8.64 12.67
C LEU A 5 -0.26 -9.20 11.34
N CYS A 6 -1.22 -8.51 10.75
CA CYS A 6 -1.79 -8.94 9.47
C CYS A 6 -1.61 -7.86 8.41
N GLU A 7 -1.03 -8.24 7.27
CA GLU A 7 -0.80 -7.30 6.17
C GLU A 7 -1.49 -7.79 4.90
N LYS A 8 -2.11 -6.86 4.19
CA LYS A 8 -2.82 -7.18 2.95
C LYS A 8 -2.03 -6.68 1.74
N THR A 9 -2.16 -7.39 0.62
CA THR A 9 -1.47 -7.02 -0.60
C THR A 9 -2.45 -6.73 -1.73
N SER A 10 -3.28 -5.71 -1.55
CA SER A 10 -4.26 -5.34 -2.55
C SER A 10 -5.09 -6.54 -2.97
N LYS A 11 -5.57 -7.30 -1.98
CA LYS A 11 -6.38 -8.48 -2.25
C LYS A 11 -7.82 -8.10 -2.54
N THR A 12 -8.11 -6.81 -2.45
CA THR A 12 -9.46 -6.31 -2.72
C THR A 12 -9.46 -4.79 -2.89
N TYR A 13 -8.34 -4.25 -3.33
CA TYR A 13 -8.21 -2.81 -3.54
C TYR A 13 -8.83 -2.39 -4.86
N SER A 14 -8.41 -3.04 -5.94
CA SER A 14 -8.92 -2.73 -7.27
C SER A 14 -8.77 -1.25 -7.58
N GLY A 15 -9.32 -0.83 -8.71
CA GLY A 15 -9.24 0.57 -9.11
C GLY A 15 -7.80 1.04 -9.29
N LYS A 16 -7.64 2.24 -9.84
CA LYS A 16 -6.31 2.79 -10.06
C LYS A 16 -5.50 2.80 -8.78
N CYS A 17 -4.22 3.15 -8.89
CA CYS A 17 -3.32 3.20 -7.74
C CYS A 17 -3.07 4.64 -7.31
N ASP A 18 -3.54 4.98 -6.12
CA ASP A 18 -3.35 6.34 -5.59
C ASP A 18 -2.61 6.29 -4.25
N ASN A 19 -2.60 7.43 -3.57
CA ASN A 19 -1.91 7.53 -2.28
C ASN A 19 -2.90 7.37 -1.13
N LYS A 20 -3.71 8.40 -0.89
CA LYS A 20 -4.70 8.37 0.18
C LYS A 20 -5.75 7.29 -0.09
N LYS A 21 -6.06 7.07 -1.35
CA LYS A 21 -7.05 6.07 -1.74
C LYS A 21 -6.61 4.68 -1.30
N CYS A 22 -5.32 4.38 -1.50
CA CYS A 22 -4.77 3.08 -1.12
C CYS A 22 -4.93 2.84 0.37
N ASP A 23 -4.61 3.84 1.17
CA ASP A 23 -4.72 3.74 2.63
C ASP A 23 -6.18 3.71 3.06
N LYS A 24 -6.94 4.72 2.64
CA LYS A 24 -8.35 4.80 2.98
C LYS A 24 -9.09 3.53 2.58
N LYS A 25 -8.88 3.09 1.35
CA LYS A 25 -9.51 1.89 0.84
C LYS A 25 -9.11 0.67 1.67
N CYS A 26 -7.90 0.70 2.21
CA CYS A 26 -7.39 -0.40 3.02
C CYS A 26 -8.12 -0.46 4.37
N ILE A 27 -8.32 0.70 4.97
CA ILE A 27 -9.01 0.77 6.26
C ILE A 27 -10.51 0.69 6.09
N GLU A 28 -10.98 0.97 4.87
CA GLU A 28 -12.41 0.93 4.57
C GLU A 28 -12.82 -0.46 4.10
N TRP A 29 -11.89 -1.16 3.47
CA TRP A 29 -12.15 -2.51 2.96
C TRP A 29 -11.50 -3.56 3.85
N GLU A 30 -10.23 -3.37 4.15
CA GLU A 30 -9.49 -4.31 4.99
C GLU A 30 -9.37 -3.78 6.42
N LYS A 31 -9.98 -2.63 6.67
CA LYS A 31 -9.94 -2.01 7.99
C LYS A 31 -8.54 -2.09 8.59
N ALA A 32 -7.52 -1.89 7.75
CA ALA A 32 -6.14 -1.94 8.19
C ALA A 32 -5.76 -0.68 8.95
N GLN A 33 -4.48 -0.54 9.26
CA GLN A 33 -3.99 0.62 10.00
C GLN A 33 -3.28 1.60 9.05
N HIS A 34 -2.40 1.05 8.21
CA HIS A 34 -1.66 1.87 7.26
C HIS A 34 -1.45 1.13 5.94
N GLY A 35 -1.60 1.84 4.83
CA GLY A 35 -1.43 1.23 3.53
C GLY A 35 -0.60 2.10 2.58
N ALA A 36 0.03 1.46 1.60
CA ALA A 36 0.84 2.18 0.63
C ALA A 36 0.75 1.55 -0.76
N CYS A 37 1.13 2.30 -1.77
CA CYS A 37 1.08 1.81 -3.15
C CYS A 37 2.47 1.87 -3.79
N HIS A 38 2.73 0.91 -4.68
CA HIS A 38 4.02 0.85 -5.37
C HIS A 38 3.85 0.24 -6.76
N LYS A 39 4.46 0.87 -7.75
CA LYS A 39 4.39 0.38 -9.13
C LYS A 39 5.63 -0.44 -9.48
N ARG A 40 5.39 -1.62 -10.04
CA ARG A 40 6.49 -2.51 -10.42
C ARG A 40 5.96 -3.78 -11.07
N GLU A 41 6.87 -4.60 -11.59
CA GLU A 41 6.49 -5.85 -12.23
C GLU A 41 5.49 -5.60 -13.36
N ALA A 42 6.01 -5.48 -14.58
CA ALA A 42 5.17 -5.24 -15.75
C ALA A 42 4.33 -3.97 -15.57
N GLY A 43 4.80 -3.07 -14.71
CA GLY A 43 4.07 -1.84 -14.45
C GLY A 43 2.81 -2.06 -13.65
N LYS A 44 2.81 -3.09 -12.80
CA LYS A 44 1.66 -3.40 -11.98
C LYS A 44 1.78 -2.76 -10.61
N GLU A 45 0.78 -1.96 -10.24
CA GLU A 45 0.78 -1.28 -8.96
C GLU A 45 0.18 -2.16 -7.87
N SER A 46 0.92 -2.33 -6.77
CA SER A 46 0.47 -3.16 -5.67
C SER A 46 0.26 -2.33 -4.41
N CYS A 47 -0.73 -2.70 -3.61
CA CYS A 47 -1.03 -1.99 -2.37
C CYS A 47 -0.75 -2.86 -1.16
N PHE A 48 0.19 -2.41 -0.32
CA PHE A 48 0.56 -3.15 0.87
C PHE A 48 0.17 -2.37 2.13
N CYS A 49 -0.64 -2.99 2.98
CA CYS A 49 -1.09 -2.36 4.22
C CYS A 49 -0.83 -3.27 5.41
N TYR A 50 -0.56 -2.66 6.57
CA TYR A 50 -0.29 -3.41 7.78
C TYR A 50 -1.23 -2.98 8.91
N PHE A 51 -1.77 -3.96 9.63
CA PHE A 51 -2.67 -3.69 10.74
C PHE A 51 -2.58 -4.76 11.81
N ASP A 52 -2.68 -4.34 13.07
CA ASP A 52 -2.59 -5.27 14.19
C ASP A 52 -3.80 -6.20 14.22
N CYS A 53 -3.54 -7.50 14.25
CA CYS A 53 -4.60 -8.50 14.28
C CYS A 53 -4.44 -9.45 15.46
N SER A 54 -5.56 -9.95 15.97
CA SER A 54 -5.54 -10.86 17.11
C SER A 54 -5.16 -10.12 18.39
N LYS A 55 -3.91 -9.69 18.46
CA LYS A 55 -3.42 -8.97 19.64
C LYS A 55 -2.27 -8.05 19.27
N SER A 56 -1.42 -8.49 18.33
CA SER A 56 -0.29 -7.71 17.88
C SER A 56 0.71 -7.51 19.02
N PRO A 57 1.64 -8.46 19.18
CA PRO A 57 2.66 -8.42 20.22
C PRO A 57 3.70 -7.32 19.97
N PRO A 58 4.59 -7.11 20.95
CA PRO A 58 5.64 -6.10 20.85
C PRO A 58 6.71 -6.47 19.84
N GLY A 59 6.59 -7.67 19.26
CA GLY A 59 7.56 -8.12 18.28
C GLY A 59 7.04 -7.98 16.86
N ALA A 60 5.79 -7.56 16.72
CA ALA A 60 5.18 -7.39 15.41
C ALA A 60 5.04 -8.73 14.69
N THR A 61 6.10 -9.14 14.00
CA THR A 61 6.08 -10.41 13.27
C THR A 61 4.81 -10.55 12.44
N PRO A 62 4.69 -9.72 11.40
CA PRO A 62 3.52 -9.74 10.52
C PRO A 62 3.47 -11.00 9.65
N ALA A 63 2.56 -11.01 8.69
CA ALA A 63 2.41 -12.16 7.79
C ALA A 63 2.71 -11.75 6.35
N PRO A 64 3.98 -11.46 6.06
CA PRO A 64 4.43 -11.06 4.72
C PRO A 64 4.37 -12.22 3.73
N PRO A 65 4.51 -11.88 2.44
CA PRO A 65 4.48 -12.89 1.36
C PRO A 65 5.72 -13.78 1.37
N GLY A 66 6.88 -13.17 1.55
CA GLY A 66 8.12 -13.92 1.57
C GLY A 66 9.15 -13.31 2.51
N ALA A 67 8.70 -12.47 3.43
CA ALA A 67 9.59 -11.82 4.38
C ALA A 67 10.58 -10.91 3.67
N ALA A 68 10.09 -10.14 2.70
CA ALA A 68 10.93 -9.23 1.95
C ALA A 68 10.13 -8.04 1.41
N PRO A 69 9.78 -7.12 2.32
CA PRO A 69 8.99 -5.93 1.96
C PRO A 69 9.79 -4.94 1.12
N PRO A 70 9.10 -3.95 0.54
CA PRO A 70 9.73 -2.93 -0.29
C PRO A 70 10.60 -1.97 0.52
N PRO A 71 11.41 -1.17 -0.19
CA PRO A 71 12.31 -0.19 0.45
C PRO A 71 11.55 0.97 1.09
N ALA A 72 12.28 1.97 1.54
CA ALA A 72 11.68 3.14 2.17
C ALA A 72 10.83 3.92 1.17
N ALA A 73 11.14 3.76 -0.11
CA ALA A 73 10.40 4.45 -1.16
C ALA A 73 10.34 5.95 -0.90
N GLY A 74 9.52 6.65 -1.67
CA GLY A 74 9.38 8.09 -1.50
C GLY A 74 8.52 8.72 -2.58
N GLY A 75 7.45 8.03 -2.96
CA GLY A 75 6.55 8.54 -3.97
C GLY A 75 5.35 9.25 -3.38
N SER A 76 4.22 8.56 -3.33
CA SER A 76 2.99 9.14 -2.80
C SER A 76 2.58 10.38 -3.59
N PRO A 77 2.17 10.17 -4.84
CA PRO A 77 1.75 11.26 -5.72
C PRO A 77 0.42 11.88 -5.28
N SER A 78 0.32 13.20 -5.43
CA SER A 78 -0.90 13.92 -5.04
C SER A 78 -0.79 15.40 -5.38
N PRO A 79 -0.88 15.70 -6.69
CA PRO A 79 -0.80 17.08 -7.19
C PRO A 79 -2.01 17.92 -6.80
N PRO A 80 -1.92 19.25 -6.98
CA PRO A 80 -2.99 20.17 -6.65
C PRO A 80 -4.19 20.03 -7.60
N ALA A 81 -5.22 19.33 -7.15
CA ALA A 81 -6.42 19.13 -7.96
C ALA A 81 -7.68 19.19 -7.11
N ASP A 82 -8.80 19.50 -7.73
CA ASP A 82 -10.08 19.59 -7.03
C ASP A 82 -10.00 20.60 -5.89
N GLY A 83 -10.40 21.84 -6.19
CA GLY A 83 -10.36 22.88 -5.18
C GLY A 83 -11.60 23.76 -5.22
N GLY A 84 -12.74 23.15 -5.52
CA GLY A 84 -13.98 23.90 -5.58
C GLY A 84 -14.21 24.53 -6.94
N SER A 85 -14.88 23.81 -7.83
CA SER A 85 -15.16 24.31 -9.17
C SER A 85 -16.32 23.54 -9.80
N PRO A 86 -17.53 23.76 -9.28
CA PRO A 86 -18.74 23.10 -9.77
C PRO A 86 -19.15 23.60 -11.16
N PRO A 87 -20.08 22.89 -11.80
CA PRO A 87 -20.57 23.24 -13.13
C PRO A 87 -21.41 24.51 -13.12
N PRO A 88 -21.69 25.05 -14.31
CA PRO A 88 -22.50 26.27 -14.47
C PRO A 88 -23.96 26.04 -14.12
N PRO A 89 -24.71 27.14 -13.99
CA PRO A 89 -26.13 27.10 -13.65
C PRO A 89 -26.99 26.55 -14.80
N ALA A 90 -27.62 25.40 -14.56
CA ALA A 90 -28.46 24.77 -15.57
C ALA A 90 -29.64 25.66 -15.93
N ASP A 91 -29.51 26.39 -17.04
CA ASP A 91 -30.57 27.28 -17.49
C ASP A 91 -31.65 26.50 -18.24
N GLY A 92 -31.24 25.73 -19.24
CA GLY A 92 -32.17 24.95 -20.02
C GLY A 92 -32.39 25.51 -21.41
N GLY A 93 -31.99 24.75 -22.42
CA GLY A 93 -32.15 25.19 -23.80
C GLY A 93 -33.22 24.43 -24.54
N SER A 94 -32.87 23.22 -24.99
CA SER A 94 -33.81 22.38 -25.72
C SER A 94 -34.36 23.12 -26.94
N PRO A 95 -33.63 23.03 -28.07
CA PRO A 95 -32.38 22.28 -28.14
C PRO A 95 -31.25 22.93 -27.35
N PRO A 96 -30.20 22.16 -27.04
CA PRO A 96 -29.04 22.65 -26.28
C PRO A 96 -28.21 23.64 -27.09
N VAL A 97 -27.73 24.68 -26.42
CA VAL A 97 -26.91 25.69 -27.08
C VAL A 97 -25.55 25.81 -26.40
N ASP A 98 -25.03 24.68 -25.92
CA ASP A 98 -23.73 24.66 -25.26
C ASP A 98 -23.81 25.31 -23.88
N GLY A 99 -24.00 26.63 -23.86
CA GLY A 99 -24.10 27.34 -22.60
C GLY A 99 -22.73 27.68 -22.02
N GLY A 100 -22.73 28.23 -20.81
CA GLY A 100 -21.47 28.59 -20.17
C GLY A 100 -21.06 30.01 -20.49
N SER A 101 -20.13 30.16 -21.44
CA SER A 101 -19.64 31.47 -21.83
C SER A 101 -18.93 32.15 -20.66
N PRO A 102 -18.10 33.15 -20.98
CA PRO A 102 -17.35 33.91 -19.98
C PRO A 102 -18.24 34.80 -19.13
N PRO A 103 -17.68 35.35 -18.04
CA PRO A 103 -16.28 35.10 -17.67
C PRO A 103 -16.03 33.68 -17.20
N PRO A 104 -14.76 33.30 -17.09
CA PRO A 104 -14.36 31.95 -16.66
C PRO A 104 -14.67 31.71 -15.18
N PRO A 105 -14.57 30.43 -14.76
CA PRO A 105 -14.83 30.04 -13.37
C PRO A 105 -13.75 30.54 -12.42
N SER A 106 -13.84 30.12 -11.16
CA SER A 106 -12.88 30.52 -10.15
C SER A 106 -11.55 29.77 -10.32
N THR A 107 -10.58 30.09 -9.47
CA THR A 107 -9.27 29.45 -9.53
C THR A 107 -8.62 29.64 -10.90
N HIS A 108 -7.76 30.64 -10.99
CA HIS A 108 -7.06 30.95 -12.24
C HIS A 108 -5.95 29.94 -12.49
N ALA A 1 -6.00 -17.98 20.85
CA ALA A 1 -5.64 -16.63 20.43
C ALA A 1 -4.13 -16.52 20.24
N GLY A 2 -3.72 -15.94 19.11
CA GLY A 2 -2.30 -15.77 18.83
C GLY A 2 -1.98 -14.40 18.26
N SER A 3 -1.52 -13.51 19.12
CA SER A 3 -1.18 -12.15 18.70
C SER A 3 -0.24 -12.18 17.50
N LYS A 4 -0.55 -11.37 16.49
CA LYS A 4 0.26 -11.29 15.29
C LYS A 4 -0.19 -10.14 14.39
N LEU A 5 0.67 -9.75 13.47
CA LEU A 5 0.36 -8.67 12.54
C LEU A 5 -0.19 -9.20 11.22
N CYS A 6 -1.05 -8.43 10.58
CA CYS A 6 -1.64 -8.84 9.31
C CYS A 6 -1.30 -7.83 8.21
N GLU A 7 -0.88 -8.34 7.06
CA GLU A 7 -0.52 -7.48 5.93
C GLU A 7 -1.39 -7.79 4.71
N LYS A 8 -1.85 -6.75 4.03
CA LYS A 8 -2.69 -6.91 2.84
C LYS A 8 -1.97 -6.40 1.60
N THR A 9 -1.79 -7.28 0.63
CA THR A 9 -1.12 -6.92 -0.61
C THR A 9 -2.13 -6.69 -1.74
N SER A 10 -3.01 -5.71 -1.54
CA SER A 10 -4.03 -5.39 -2.53
C SER A 10 -4.84 -6.64 -2.90
N LYS A 11 -5.25 -7.39 -1.89
CA LYS A 11 -6.03 -8.61 -2.10
C LYS A 11 -7.36 -8.28 -2.76
N THR A 12 -7.77 -7.03 -2.67
CA THR A 12 -9.03 -6.59 -3.27
C THR A 12 -9.13 -5.07 -3.28
N TYR A 13 -7.98 -4.41 -3.36
CA TYR A 13 -7.94 -2.95 -3.38
C TYR A 13 -8.82 -2.39 -4.51
N SER A 14 -8.43 -2.69 -5.74
CA SER A 14 -9.16 -2.23 -6.91
C SER A 14 -9.14 -0.70 -6.99
N GLY A 15 -9.41 -0.18 -8.18
CA GLY A 15 -9.43 1.27 -8.37
C GLY A 15 -8.07 1.80 -8.77
N LYS A 16 -8.04 3.04 -9.25
CA LYS A 16 -6.80 3.67 -9.67
C LYS A 16 -5.83 3.80 -8.50
N CYS A 17 -4.69 3.12 -8.61
CA CYS A 17 -3.68 3.15 -7.56
C CYS A 17 -3.34 4.59 -7.17
N ASP A 18 -3.17 4.83 -5.88
CA ASP A 18 -2.84 6.16 -5.39
C ASP A 18 -2.27 6.09 -3.98
N ASN A 19 -2.15 7.25 -3.33
CA ASN A 19 -1.62 7.31 -1.98
C ASN A 19 -2.74 7.25 -0.95
N LYS A 20 -3.54 8.30 -0.90
CA LYS A 20 -4.65 8.37 0.04
C LYS A 20 -5.74 7.35 -0.32
N LYS A 21 -5.91 7.11 -1.61
CA LYS A 21 -6.90 6.14 -2.08
C LYS A 21 -6.59 4.74 -1.56
N CYS A 22 -5.32 4.36 -1.60
CA CYS A 22 -4.88 3.06 -1.14
C CYS A 22 -5.06 2.93 0.37
N ASP A 23 -4.49 3.88 1.10
CA ASP A 23 -4.58 3.88 2.56
C ASP A 23 -6.03 3.81 3.02
N LYS A 24 -6.85 4.73 2.52
CA LYS A 24 -8.26 4.78 2.88
C LYS A 24 -8.96 3.48 2.48
N LYS A 25 -8.72 3.03 1.25
CA LYS A 25 -9.32 1.80 0.75
C LYS A 25 -8.89 0.60 1.59
N CYS A 26 -7.69 0.68 2.16
CA CYS A 26 -7.17 -0.39 3.00
C CYS A 26 -7.96 -0.51 4.30
N ILE A 27 -8.21 0.64 4.93
CA ILE A 27 -8.95 0.66 6.18
C ILE A 27 -10.46 0.56 5.94
N GLU A 28 -10.87 0.85 4.70
CA GLU A 28 -12.29 0.79 4.34
C GLU A 28 -12.67 -0.62 3.91
N TRP A 29 -11.75 -1.28 3.21
CA TRP A 29 -12.00 -2.64 2.72
C TRP A 29 -11.28 -3.67 3.60
N GLU A 30 -10.01 -3.42 3.88
CA GLU A 30 -9.22 -4.32 4.71
C GLU A 30 -9.22 -3.87 6.16
N LYS A 31 -9.88 -2.75 6.43
CA LYS A 31 -9.96 -2.21 7.78
C LYS A 31 -8.60 -2.27 8.48
N ALA A 32 -7.54 -2.06 7.70
CA ALA A 32 -6.18 -2.08 8.25
C ALA A 32 -5.85 -0.78 8.95
N GLN A 33 -4.60 -0.63 9.38
CA GLN A 33 -4.15 0.56 10.07
C GLN A 33 -3.51 1.55 9.09
N HIS A 34 -2.63 1.04 8.24
CA HIS A 34 -1.96 1.88 7.25
C HIS A 34 -1.89 1.18 5.90
N GLY A 35 -1.77 1.98 4.84
CA GLY A 35 -1.71 1.42 3.50
C GLY A 35 -0.95 2.30 2.54
N ALA A 36 -0.29 1.70 1.55
CA ALA A 36 0.48 2.44 0.56
C ALA A 36 0.48 1.72 -0.78
N CYS A 37 0.82 2.46 -1.83
CA CYS A 37 0.86 1.89 -3.17
C CYS A 37 2.26 2.04 -3.79
N HIS A 38 2.61 1.10 -4.67
CA HIS A 38 3.90 1.13 -5.32
C HIS A 38 3.84 0.45 -6.69
N LYS A 39 4.78 0.79 -7.56
CA LYS A 39 4.84 0.21 -8.90
C LYS A 39 5.68 -1.06 -8.91
N ARG A 40 5.11 -2.13 -9.45
CA ARG A 40 5.80 -3.41 -9.52
C ARG A 40 5.47 -4.14 -10.81
N GLU A 41 6.11 -5.29 -11.04
CA GLU A 41 5.88 -6.08 -12.23
C GLU A 41 6.08 -5.24 -13.49
N ALA A 42 5.69 -5.79 -14.64
CA ALA A 42 5.83 -5.09 -15.90
C ALA A 42 5.16 -3.72 -15.84
N GLY A 43 4.10 -3.61 -15.06
CA GLY A 43 3.40 -2.35 -14.93
C GLY A 43 2.19 -2.44 -14.02
N LYS A 44 2.28 -3.30 -13.01
CA LYS A 44 1.18 -3.48 -12.07
C LYS A 44 1.53 -2.88 -10.70
N GLU A 45 0.66 -2.01 -10.20
CA GLU A 45 0.88 -1.36 -8.91
C GLU A 45 0.34 -2.23 -7.78
N SER A 46 1.15 -2.42 -6.75
CA SER A 46 0.75 -3.23 -5.60
C SER A 46 0.48 -2.35 -4.38
N CYS A 47 -0.53 -2.74 -3.60
CA CYS A 47 -0.89 -1.98 -2.41
C CYS A 47 -0.63 -2.80 -1.14
N PHE A 48 0.26 -2.28 -0.29
CA PHE A 48 0.60 -2.96 0.96
C PHE A 48 0.03 -2.21 2.16
N CYS A 49 -0.69 -2.94 3.00
CA CYS A 49 -1.30 -2.35 4.20
C CYS A 49 -0.90 -3.12 5.45
N TYR A 50 -0.78 -2.42 6.56
CA TYR A 50 -0.41 -3.04 7.82
C TYR A 50 -1.54 -2.94 8.84
N PHE A 51 -1.80 -4.04 9.55
CA PHE A 51 -2.86 -4.07 10.55
C PHE A 51 -2.50 -5.02 11.69
N ASP A 52 -3.08 -4.76 12.86
CA ASP A 52 -2.82 -5.59 14.02
C ASP A 52 -3.86 -6.71 14.16
N CYS A 53 -3.38 -7.95 14.25
CA CYS A 53 -4.26 -9.09 14.37
C CYS A 53 -4.12 -9.75 15.74
N SER A 54 -5.19 -10.39 16.21
CA SER A 54 -5.18 -11.06 17.50
C SER A 54 -4.59 -10.15 18.58
N LYS A 55 -4.85 -8.85 18.45
CA LYS A 55 -4.35 -7.88 19.41
C LYS A 55 -2.83 -7.83 19.40
N SER A 56 -2.25 -7.68 18.22
CA SER A 56 -0.81 -7.63 18.07
C SER A 56 -0.22 -6.44 18.85
N PRO A 57 1.08 -6.53 19.17
CA PRO A 57 1.78 -5.47 19.91
C PRO A 57 1.97 -4.21 19.08
N PRO A 58 2.38 -3.12 19.75
CA PRO A 58 2.60 -1.83 19.09
C PRO A 58 3.82 -1.85 18.17
N GLY A 59 4.58 -2.95 18.23
CA GLY A 59 5.76 -3.07 17.40
C GLY A 59 6.11 -4.51 17.09
N ALA A 60 5.93 -4.90 15.84
CA ALA A 60 6.23 -6.26 15.41
C ALA A 60 6.08 -6.42 13.90
N THR A 61 6.11 -7.65 13.43
CA THR A 61 5.99 -7.93 12.00
C THR A 61 4.85 -8.91 11.73
N PRO A 62 4.36 -8.92 10.49
CA PRO A 62 3.27 -9.81 10.07
C PRO A 62 3.69 -11.27 10.01
N ALA A 63 2.79 -12.13 9.56
CA ALA A 63 3.09 -13.55 9.44
C ALA A 63 3.08 -14.01 7.99
N PRO A 64 4.10 -13.60 7.23
CA PRO A 64 4.24 -13.96 5.82
C PRO A 64 4.55 -15.43 5.62
N PRO A 65 4.44 -15.90 4.36
CA PRO A 65 4.71 -17.29 4.01
C PRO A 65 6.19 -17.64 4.11
N GLY A 66 7.04 -16.63 3.95
CA GLY A 66 8.48 -16.85 4.02
C GLY A 66 9.09 -17.14 2.66
N ALA A 67 8.51 -16.55 1.63
CA ALA A 67 9.01 -16.74 0.27
C ALA A 67 9.32 -15.41 -0.40
N ALA A 68 10.52 -14.90 -0.17
CA ALA A 68 10.93 -13.63 -0.75
C ALA A 68 9.90 -12.54 -0.49
N PRO A 69 9.84 -12.07 0.77
CA PRO A 69 8.90 -11.02 1.19
C PRO A 69 9.26 -9.66 0.59
N PRO A 70 8.32 -8.70 0.71
CA PRO A 70 8.51 -7.35 0.19
C PRO A 70 9.54 -6.57 1.00
N PRO A 71 9.97 -5.42 0.45
CA PRO A 71 10.96 -4.55 1.09
C PRO A 71 10.41 -3.87 2.34
N ALA A 72 9.17 -3.41 2.25
CA ALA A 72 8.52 -2.74 3.38
C ALA A 72 9.26 -1.46 3.75
N ALA A 73 9.36 -0.55 2.80
CA ALA A 73 10.04 0.72 3.02
C ALA A 73 9.12 1.73 3.70
N GLY A 74 7.93 1.91 3.13
CA GLY A 74 6.97 2.84 3.69
C GLY A 74 6.74 4.05 2.80
N GLY A 75 5.57 4.67 2.94
CA GLY A 75 5.25 5.82 2.13
C GLY A 75 3.91 6.43 2.49
N SER A 76 3.22 6.99 1.50
CA SER A 76 1.92 7.61 1.72
C SER A 76 2.04 8.77 2.70
N PRO A 77 2.64 9.88 2.25
CA PRO A 77 2.83 11.07 3.06
C PRO A 77 1.52 11.80 3.35
N SER A 78 0.49 11.46 2.57
CA SER A 78 -0.82 12.09 2.74
C SER A 78 -1.85 11.05 3.19
N PRO A 79 -1.75 10.62 4.45
CA PRO A 79 -2.67 9.62 5.02
C PRO A 79 -4.07 10.19 5.23
N PRO A 80 -5.04 9.29 5.50
CA PRO A 80 -6.43 9.68 5.73
C PRO A 80 -6.62 10.43 7.04
N ALA A 81 -7.89 10.65 7.41
CA ALA A 81 -8.20 11.36 8.64
C ALA A 81 -9.05 10.50 9.57
N ASP A 82 -8.72 10.52 10.86
CA ASP A 82 -9.46 9.74 11.84
C ASP A 82 -10.95 10.04 11.77
N GLY A 83 -11.74 9.00 11.49
CA GLY A 83 -13.18 9.17 11.39
C GLY A 83 -13.94 8.07 12.11
N GLY A 84 -14.59 7.20 11.33
CA GLY A 84 -15.36 6.12 11.92
C GLY A 84 -15.35 4.87 11.06
N SER A 85 -16.51 4.23 10.92
CA SER A 85 -16.63 3.03 10.12
C SER A 85 -15.68 1.94 10.64
N PRO A 86 -16.01 1.37 11.80
CA PRO A 86 -15.22 0.31 12.43
C PRO A 86 -15.27 -1.00 11.65
N PRO A 87 -14.38 -1.94 11.99
CA PRO A 87 -14.31 -3.25 11.35
C PRO A 87 -15.52 -4.12 11.68
N PRO A 88 -15.67 -5.23 10.94
CA PRO A 88 -16.77 -6.18 11.15
C PRO A 88 -16.64 -6.96 12.46
N PRO A 89 -17.71 -7.65 12.85
CA PRO A 89 -17.73 -8.45 14.08
C PRO A 89 -16.85 -9.68 13.99
N ALA A 90 -16.09 -9.94 15.04
CA ALA A 90 -15.20 -11.10 15.07
C ALA A 90 -15.96 -12.39 14.75
N ASP A 91 -15.46 -13.13 13.77
CA ASP A 91 -16.09 -14.39 13.37
C ASP A 91 -15.11 -15.55 13.48
N GLY A 92 -14.17 -15.61 12.53
CA GLY A 92 -13.19 -16.68 12.54
C GLY A 92 -13.05 -17.35 11.19
N GLY A 93 -14.19 -17.57 10.52
CA GLY A 93 -14.17 -18.21 9.22
C GLY A 93 -14.48 -19.69 9.29
N SER A 94 -13.48 -20.52 8.97
CA SER A 94 -13.65 -21.96 9.00
C SER A 94 -14.87 -22.38 8.17
N PRO A 95 -14.66 -22.58 6.87
CA PRO A 95 -13.34 -22.41 6.25
C PRO A 95 -12.91 -20.95 6.20
N PRO A 96 -11.59 -20.73 6.01
CA PRO A 96 -11.02 -19.39 5.93
C PRO A 96 -11.44 -18.65 4.66
N VAL A 97 -11.13 -17.35 4.60
CA VAL A 97 -11.47 -16.54 3.44
C VAL A 97 -12.96 -16.62 3.13
N ASP A 98 -13.76 -15.99 3.97
CA ASP A 98 -15.22 -15.98 3.79
C ASP A 98 -15.59 -15.33 2.46
N GLY A 99 -15.32 -14.03 2.36
CA GLY A 99 -15.64 -13.30 1.13
C GLY A 99 -16.79 -12.35 1.32
N GLY A 100 -16.51 -11.15 1.83
CA GLY A 100 -17.54 -10.17 2.05
C GLY A 100 -17.90 -10.01 3.52
N SER A 101 -18.40 -11.08 4.12
CA SER A 101 -18.78 -11.06 5.52
C SER A 101 -19.82 -9.97 5.78
N PRO A 102 -21.04 -10.18 5.26
CA PRO A 102 -22.14 -9.23 5.43
C PRO A 102 -22.66 -9.18 6.86
N PRO A 103 -23.49 -8.18 7.15
CA PRO A 103 -23.92 -7.19 6.16
C PRO A 103 -22.78 -6.25 5.77
N PRO A 104 -22.99 -5.47 4.70
CA PRO A 104 -21.99 -4.52 4.20
C PRO A 104 -21.81 -3.33 5.14
N PRO A 105 -20.74 -2.54 4.90
CA PRO A 105 -20.44 -1.37 5.72
C PRO A 105 -21.44 -0.24 5.52
N SER A 106 -21.16 0.92 6.11
CA SER A 106 -22.04 2.07 5.99
C SER A 106 -21.80 2.80 4.68
N THR A 107 -20.53 2.95 4.31
CA THR A 107 -20.17 3.64 3.06
C THR A 107 -19.36 2.73 2.16
N HIS A 108 -19.76 2.66 0.90
CA HIS A 108 -19.07 1.83 -0.09
C HIS A 108 -19.37 2.29 -1.50
N ALA A 1 -6.24 -16.27 23.93
CA ALA A 1 -4.87 -16.14 23.43
C ALA A 1 -4.85 -15.62 22.01
N GLY A 2 -3.89 -14.74 21.71
CA GLY A 2 -3.78 -14.17 20.38
C GLY A 2 -2.86 -12.97 20.34
N SER A 3 -2.01 -12.92 19.31
CA SER A 3 -1.07 -11.82 19.16
C SER A 3 -0.25 -11.97 17.88
N LYS A 4 -0.67 -11.28 16.83
CA LYS A 4 0.03 -11.34 15.55
C LYS A 4 -0.27 -10.10 14.71
N LEU A 5 0.11 -10.15 13.44
CA LEU A 5 -0.11 -9.04 12.53
C LEU A 5 -0.67 -9.52 11.20
N CYS A 6 -1.52 -8.71 10.58
CA CYS A 6 -2.12 -9.05 9.30
C CYS A 6 -1.78 -8.01 8.24
N GLU A 7 -1.28 -8.47 7.10
CA GLU A 7 -0.91 -7.58 6.00
C GLU A 7 -1.69 -7.92 4.74
N LYS A 8 -2.16 -6.89 4.04
CA LYS A 8 -2.91 -7.08 2.81
C LYS A 8 -2.10 -6.63 1.60
N THR A 9 -2.29 -7.32 0.48
CA THR A 9 -1.58 -6.99 -0.75
C THR A 9 -2.54 -6.65 -1.87
N SER A 10 -3.34 -5.61 -1.67
CA SER A 10 -4.31 -5.17 -2.67
C SER A 10 -5.19 -6.34 -3.11
N LYS A 11 -5.38 -7.30 -2.21
CA LYS A 11 -6.19 -8.47 -2.50
C LYS A 11 -7.66 -8.08 -2.68
N THR A 12 -7.99 -6.84 -2.31
CA THR A 12 -9.35 -6.35 -2.45
C THR A 12 -9.37 -4.84 -2.66
N TYR A 13 -8.27 -4.32 -3.21
CA TYR A 13 -8.16 -2.89 -3.48
C TYR A 13 -8.93 -2.51 -4.74
N SER A 14 -8.37 -2.85 -5.89
CA SER A 14 -9.00 -2.54 -7.16
C SER A 14 -9.09 -1.03 -7.38
N GLY A 15 -8.27 -0.52 -8.30
CA GLY A 15 -8.26 0.90 -8.58
C GLY A 15 -7.06 1.32 -9.40
N LYS A 16 -6.89 2.64 -9.55
CA LYS A 16 -5.77 3.18 -10.31
C LYS A 16 -4.56 3.42 -9.41
N CYS A 17 -4.63 2.90 -8.19
CA CYS A 17 -3.54 3.05 -7.23
C CYS A 17 -3.34 4.53 -6.88
N ASP A 18 -3.01 4.79 -5.62
CA ASP A 18 -2.78 6.14 -5.15
C ASP A 18 -2.26 6.16 -3.72
N ASN A 19 -2.33 7.32 -3.08
CA ASN A 19 -1.87 7.45 -1.70
C ASN A 19 -3.03 7.32 -0.72
N LYS A 20 -3.89 8.32 -0.70
CA LYS A 20 -5.05 8.32 0.20
C LYS A 20 -6.04 7.23 -0.21
N LYS A 21 -6.18 7.02 -1.52
CA LYS A 21 -7.10 6.01 -2.04
C LYS A 21 -6.72 4.62 -1.54
N CYS A 22 -5.42 4.32 -1.55
CA CYS A 22 -4.92 3.04 -1.10
C CYS A 22 -5.08 2.89 0.41
N ASP A 23 -4.50 3.82 1.16
CA ASP A 23 -4.57 3.80 2.61
C ASP A 23 -6.02 3.73 3.08
N LYS A 24 -6.87 4.58 2.51
CA LYS A 24 -8.29 4.61 2.86
C LYS A 24 -8.97 3.30 2.47
N LYS A 25 -8.76 2.87 1.24
CA LYS A 25 -9.35 1.64 0.74
C LYS A 25 -8.89 0.44 1.57
N CYS A 26 -7.76 0.60 2.26
CA CYS A 26 -7.22 -0.47 3.09
C CYS A 26 -8.01 -0.61 4.39
N ILE A 27 -8.17 0.51 5.10
CA ILE A 27 -8.91 0.51 6.35
C ILE A 27 -10.41 0.49 6.11
N GLU A 28 -10.82 0.82 4.88
CA GLU A 28 -12.23 0.84 4.51
C GLU A 28 -12.71 -0.56 4.16
N TRP A 29 -11.91 -1.29 3.39
CA TRP A 29 -12.27 -2.64 2.97
C TRP A 29 -11.48 -3.68 3.77
N GLU A 30 -10.16 -3.49 3.83
CA GLU A 30 -9.30 -4.41 4.57
C GLU A 30 -9.26 -4.05 6.05
N LYS A 31 -9.92 -2.96 6.40
CA LYS A 31 -9.96 -2.51 7.79
C LYS A 31 -8.57 -2.57 8.42
N ALA A 32 -7.55 -2.30 7.62
CA ALA A 32 -6.18 -2.32 8.11
C ALA A 32 -5.84 -1.06 8.89
N GLN A 33 -4.57 -0.86 9.18
CA GLN A 33 -4.12 0.31 9.92
C GLN A 33 -3.43 1.31 9.00
N HIS A 34 -2.51 0.81 8.18
CA HIS A 34 -1.77 1.65 7.25
C HIS A 34 -1.57 0.95 5.91
N GLY A 35 -1.71 1.69 4.82
CA GLY A 35 -1.53 1.12 3.50
C GLY A 35 -0.70 2.00 2.59
N ALA A 36 0.03 1.36 1.67
CA ALA A 36 0.88 2.10 0.74
C ALA A 36 0.81 1.48 -0.66
N CYS A 37 1.21 2.26 -1.66
CA CYS A 37 1.19 1.80 -3.04
C CYS A 37 2.58 1.87 -3.65
N HIS A 38 2.84 0.97 -4.61
CA HIS A 38 4.13 0.94 -5.28
C HIS A 38 4.00 0.38 -6.70
N LYS A 39 4.92 0.76 -7.57
CA LYS A 39 4.91 0.31 -8.95
C LYS A 39 5.70 -0.98 -9.11
N ARG A 40 5.02 -2.03 -9.56
CA ARG A 40 5.66 -3.33 -9.76
C ARG A 40 5.31 -3.90 -11.13
N GLU A 41 5.92 -5.05 -11.46
CA GLU A 41 5.67 -5.70 -12.74
C GLU A 41 5.89 -4.73 -13.90
N ALA A 42 5.49 -5.15 -15.10
CA ALA A 42 5.65 -4.33 -16.28
C ALA A 42 4.97 -2.97 -16.10
N GLY A 43 3.89 -2.96 -15.33
CA GLY A 43 3.16 -1.72 -15.10
C GLY A 43 1.99 -1.92 -14.15
N LYS A 44 2.13 -2.84 -13.21
CA LYS A 44 1.08 -3.12 -12.25
C LYS A 44 1.46 -2.62 -10.85
N GLU A 45 0.65 -1.71 -10.32
CA GLU A 45 0.91 -1.16 -8.99
C GLU A 45 0.35 -2.06 -7.90
N SER A 46 1.14 -2.31 -6.87
CA SER A 46 0.72 -3.15 -5.76
C SER A 46 0.51 -2.33 -4.50
N CYS A 47 -0.51 -2.70 -3.72
CA CYS A 47 -0.83 -2.00 -2.49
C CYS A 47 -0.58 -2.89 -1.27
N PHE A 48 0.33 -2.47 -0.41
CA PHE A 48 0.65 -3.23 0.79
C PHE A 48 0.22 -2.48 2.05
N CYS A 49 -0.56 -3.15 2.89
CA CYS A 49 -1.04 -2.54 4.12
C CYS A 49 -0.75 -3.44 5.31
N TYR A 50 -0.52 -2.82 6.48
CA TYR A 50 -0.22 -3.57 7.69
C TYR A 50 -1.22 -3.22 8.80
N PHE A 51 -1.65 -4.23 9.55
CA PHE A 51 -2.59 -4.02 10.64
C PHE A 51 -2.35 -5.02 11.76
N ASP A 52 -2.58 -4.59 13.00
CA ASP A 52 -2.38 -5.44 14.16
C ASP A 52 -3.51 -6.46 14.29
N CYS A 53 -3.15 -7.74 14.38
CA CYS A 53 -4.13 -8.80 14.51
C CYS A 53 -4.06 -9.45 15.89
N SER A 54 -5.18 -10.01 16.34
CA SER A 54 -5.23 -10.66 17.64
C SER A 54 -4.60 -9.79 18.72
N LYS A 55 -4.83 -8.48 18.62
CA LYS A 55 -4.28 -7.54 19.59
C LYS A 55 -2.75 -7.52 19.54
N SER A 56 -2.21 -6.73 18.62
CA SER A 56 -0.76 -6.64 18.47
C SER A 56 -0.27 -5.25 18.85
N PRO A 57 1.01 -5.16 19.26
CA PRO A 57 1.62 -3.91 19.68
C PRO A 57 1.84 -2.95 18.50
N PRO A 58 2.18 -1.70 18.82
CA PRO A 58 2.42 -0.67 17.80
C PRO A 58 3.71 -0.91 17.01
N GLY A 59 3.60 -1.69 15.94
CA GLY A 59 4.76 -2.00 15.12
C GLY A 59 4.39 -2.46 13.73
N ALA A 60 5.07 -3.49 13.25
CA ALA A 60 4.82 -4.03 11.92
C ALA A 60 5.59 -5.32 11.70
N THR A 61 4.87 -6.44 11.69
CA THR A 61 5.49 -7.75 11.49
C THR A 61 4.45 -8.80 11.10
N PRO A 62 3.89 -8.65 9.90
CA PRO A 62 2.87 -9.58 9.38
C PRO A 62 3.46 -10.95 9.05
N ALA A 63 2.58 -11.89 8.72
CA ALA A 63 3.00 -13.25 8.38
C ALA A 63 2.45 -13.67 7.03
N PRO A 64 2.94 -13.03 5.96
CA PRO A 64 2.51 -13.32 4.58
C PRO A 64 3.00 -14.68 4.10
N PRO A 65 2.45 -15.14 2.97
CA PRO A 65 2.81 -16.44 2.39
C PRO A 65 4.22 -16.44 1.81
N GLY A 66 4.77 -15.24 1.61
CA GLY A 66 6.11 -15.12 1.07
C GLY A 66 7.17 -15.68 2.00
N ALA A 67 6.81 -15.80 3.28
CA ALA A 67 7.74 -16.31 4.28
C ALA A 67 8.94 -15.39 4.45
N ALA A 68 8.99 -14.67 5.57
CA ALA A 68 10.08 -13.76 5.84
C ALA A 68 10.31 -12.80 4.68
N PRO A 69 9.37 -11.86 4.49
CA PRO A 69 9.44 -10.87 3.41
C PRO A 69 10.54 -9.85 3.63
N PRO A 70 10.85 -9.07 2.60
CA PRO A 70 11.89 -8.03 2.65
C PRO A 70 11.49 -6.86 3.55
N PRO A 71 12.46 -6.00 3.87
CA PRO A 71 12.24 -4.82 4.71
C PRO A 71 11.39 -3.76 4.01
N ALA A 72 10.08 -3.98 3.98
CA ALA A 72 9.17 -3.04 3.33
C ALA A 72 9.62 -2.71 1.92
N ALA A 73 8.97 -1.71 1.32
CA ALA A 73 9.31 -1.30 -0.04
C ALA A 73 9.33 0.22 -0.17
N GLY A 74 8.15 0.83 -0.14
CA GLY A 74 8.05 2.27 -0.25
C GLY A 74 6.80 2.72 -0.96
N GLY A 75 6.16 3.77 -0.45
CA GLY A 75 4.95 4.28 -1.06
C GLY A 75 4.63 5.69 -0.60
N SER A 76 3.47 6.18 -1.01
CA SER A 76 3.04 7.53 -0.65
C SER A 76 4.12 8.56 -1.01
N PRO A 77 4.28 8.82 -2.31
CA PRO A 77 5.27 9.78 -2.81
C PRO A 77 4.92 11.22 -2.45
N SER A 78 3.66 11.44 -2.08
CA SER A 78 3.19 12.77 -1.72
C SER A 78 1.74 12.73 -1.25
N PRO A 79 1.31 13.78 -0.53
CA PRO A 79 -0.05 13.88 -0.02
C PRO A 79 -1.08 14.11 -1.12
N PRO A 80 -2.37 13.96 -0.77
CA PRO A 80 -3.46 14.15 -1.72
C PRO A 80 -3.64 15.61 -2.13
N ALA A 81 -2.86 16.04 -3.12
CA ALA A 81 -2.92 17.41 -3.61
C ALA A 81 -2.16 17.57 -4.92
N ASP A 82 -2.19 16.52 -5.74
CA ASP A 82 -1.51 16.54 -7.02
C ASP A 82 -0.03 16.83 -6.85
N GLY A 83 0.68 17.01 -7.96
CA GLY A 83 2.10 17.31 -7.91
C GLY A 83 2.38 18.77 -7.64
N GLY A 84 2.88 19.07 -6.45
CA GLY A 84 3.18 20.44 -6.09
C GLY A 84 2.80 20.77 -4.67
N SER A 85 3.65 21.53 -3.99
CA SER A 85 3.40 21.91 -2.61
C SER A 85 4.39 22.98 -2.14
N PRO A 86 4.21 24.21 -2.66
CA PRO A 86 5.08 25.34 -2.32
C PRO A 86 4.87 25.81 -0.88
N PRO A 87 5.78 26.67 -0.41
CA PRO A 87 5.73 27.21 0.96
C PRO A 87 4.58 28.19 1.14
N PRO A 88 4.29 28.54 2.40
CA PRO A 88 3.21 29.47 2.75
C PRO A 88 3.52 30.90 2.31
N PRO A 89 2.50 31.77 2.35
CA PRO A 89 2.64 33.17 1.98
C PRO A 89 3.47 33.97 2.97
N ALA A 90 3.31 33.64 4.26
CA ALA A 90 4.05 34.32 5.31
C ALA A 90 3.77 33.70 6.68
N ASP A 91 4.36 34.27 7.71
CA ASP A 91 4.16 33.76 9.07
C ASP A 91 2.98 34.47 9.75
N GLY A 92 3.01 35.79 9.75
CA GLY A 92 1.94 36.56 10.36
C GLY A 92 1.72 36.19 11.81
N GLY A 93 0.47 36.24 12.25
CA GLY A 93 0.16 35.91 13.63
C GLY A 93 0.46 37.04 14.58
N SER A 94 0.51 36.74 15.87
CA SER A 94 0.79 37.74 16.90
C SER A 94 -0.31 38.80 16.92
N PRO A 95 -1.37 38.54 17.68
CA PRO A 95 -1.50 37.29 18.46
C PRO A 95 -1.70 36.07 17.57
N PRO A 96 -1.45 34.88 18.14
CA PRO A 96 -1.61 33.61 17.42
C PRO A 96 -3.07 33.28 17.13
N VAL A 97 -3.55 33.73 15.98
CA VAL A 97 -4.94 33.47 15.59
C VAL A 97 -5.03 32.24 14.69
N ASP A 98 -4.08 32.09 13.78
CA ASP A 98 -4.06 30.96 12.87
C ASP A 98 -2.64 30.42 12.71
N GLY A 99 -2.53 29.26 12.07
CA GLY A 99 -1.22 28.65 11.86
C GLY A 99 -1.14 27.90 10.55
N GLY A 100 0.02 27.29 10.29
CA GLY A 100 0.21 26.54 9.06
C GLY A 100 -0.89 25.52 8.84
N SER A 101 -0.81 24.40 9.56
CA SER A 101 -1.80 23.34 9.43
C SER A 101 -1.80 22.76 8.02
N PRO A 102 -0.74 22.00 7.68
CA PRO A 102 -0.59 21.38 6.36
C PRO A 102 -1.60 20.26 6.14
N PRO A 103 -1.70 19.80 4.89
CA PRO A 103 -0.89 20.33 3.78
C PRO A 103 -1.30 21.74 3.39
N PRO A 104 -0.46 22.39 2.58
CA PRO A 104 -0.72 23.77 2.12
C PRO A 104 -1.88 23.84 1.13
N PRO A 105 -2.34 25.07 0.86
CA PRO A 105 -3.46 25.31 -0.06
C PRO A 105 -3.08 25.01 -1.51
N SER A 106 -1.81 24.72 -1.74
CA SER A 106 -1.33 24.42 -3.08
C SER A 106 -1.19 25.69 -3.91
N THR A 107 -2.33 26.32 -4.22
CA THR A 107 -2.33 27.54 -5.01
C THR A 107 -3.74 28.13 -5.08
N HIS A 108 -3.89 29.35 -4.57
CA HIS A 108 -5.18 30.03 -4.59
C HIS A 108 -6.30 29.07 -4.18
N ALA A 1 -2.50 -18.59 20.19
CA ALA A 1 -1.92 -18.88 18.88
C ALA A 1 -2.63 -18.10 17.78
N GLY A 2 -2.11 -16.92 17.46
CA GLY A 2 -2.71 -16.09 16.43
C GLY A 2 -2.40 -14.62 16.61
N SER A 3 -2.08 -14.24 17.84
CA SER A 3 -1.76 -12.85 18.13
C SER A 3 -0.52 -12.40 17.38
N LYS A 4 -0.68 -11.40 16.51
CA LYS A 4 0.43 -10.87 15.73
C LYS A 4 -0.05 -9.79 14.77
N LEU A 5 0.83 -9.39 13.86
CA LEU A 5 0.51 -8.36 12.87
C LEU A 5 0.12 -8.99 11.54
N CYS A 6 -0.93 -8.45 10.93
CA CYS A 6 -1.40 -8.95 9.64
C CYS A 6 -1.37 -7.86 8.58
N GLU A 7 -0.75 -8.17 7.45
CA GLU A 7 -0.63 -7.21 6.36
C GLU A 7 -1.28 -7.76 5.09
N LYS A 8 -1.99 -6.89 4.36
CA LYS A 8 -2.65 -7.28 3.13
C LYS A 8 -1.89 -6.76 1.91
N THR A 9 -2.05 -7.44 0.78
CA THR A 9 -1.37 -7.05 -0.45
C THR A 9 -2.39 -6.73 -1.54
N SER A 10 -3.23 -5.73 -1.29
CA SER A 10 -4.25 -5.33 -2.26
C SER A 10 -5.08 -6.53 -2.71
N LYS A 11 -5.67 -7.23 -1.74
CA LYS A 11 -6.49 -8.40 -2.05
C LYS A 11 -7.96 -8.01 -2.21
N THR A 12 -8.19 -6.80 -2.71
CA THR A 12 -9.54 -6.31 -2.91
C THR A 12 -9.54 -4.92 -3.55
N TYR A 13 -8.50 -4.14 -3.27
CA TYR A 13 -8.38 -2.80 -3.82
C TYR A 13 -8.70 -2.80 -5.31
N SER A 14 -7.78 -3.33 -6.11
CA SER A 14 -7.96 -3.38 -7.56
C SER A 14 -8.17 -1.98 -8.14
N GLY A 15 -8.26 -1.90 -9.45
CA GLY A 15 -8.46 -0.62 -10.10
C GLY A 15 -7.27 0.30 -9.97
N LYS A 16 -7.39 1.51 -10.47
CA LYS A 16 -6.31 2.49 -10.41
C LYS A 16 -5.79 2.63 -8.99
N CYS A 17 -4.48 2.74 -8.84
CA CYS A 17 -3.86 2.89 -7.53
C CYS A 17 -3.52 4.34 -7.25
N ASP A 18 -3.36 4.67 -5.96
CA ASP A 18 -3.03 6.04 -5.57
C ASP A 18 -2.39 6.05 -4.18
N ASN A 19 -2.32 7.23 -3.58
CA ASN A 19 -1.73 7.38 -2.25
C ASN A 19 -2.79 7.32 -1.17
N LYS A 20 -3.58 8.39 -1.06
CA LYS A 20 -4.64 8.46 -0.06
C LYS A 20 -5.71 7.42 -0.34
N LYS A 21 -5.99 7.19 -1.62
CA LYS A 21 -6.99 6.21 -2.02
C LYS A 21 -6.64 4.82 -1.50
N CYS A 22 -5.37 4.47 -1.62
CA CYS A 22 -4.90 3.16 -1.17
C CYS A 22 -5.02 3.03 0.35
N ASP A 23 -4.37 3.94 1.07
CA ASP A 23 -4.40 3.92 2.53
C ASP A 23 -5.85 3.93 3.03
N LYS A 24 -6.67 4.80 2.46
CA LYS A 24 -8.07 4.90 2.85
C LYS A 24 -8.82 3.62 2.51
N LYS A 25 -8.66 3.14 1.28
CA LYS A 25 -9.33 1.93 0.83
C LYS A 25 -8.89 0.73 1.67
N CYS A 26 -7.75 0.85 2.32
CA CYS A 26 -7.22 -0.22 3.16
C CYS A 26 -7.99 -0.30 4.48
N ILE A 27 -8.09 0.82 5.17
CA ILE A 27 -8.80 0.88 6.44
C ILE A 27 -10.32 0.91 6.22
N GLU A 28 -10.72 1.23 4.99
CA GLU A 28 -12.14 1.30 4.66
C GLU A 28 -12.68 -0.09 4.34
N TRP A 29 -11.93 -0.86 3.56
CA TRP A 29 -12.33 -2.21 3.19
C TRP A 29 -11.57 -3.25 3.99
N GLU A 30 -10.25 -3.12 4.01
CA GLU A 30 -9.39 -4.06 4.73
C GLU A 30 -9.31 -3.68 6.21
N LYS A 31 -9.93 -2.56 6.57
CA LYS A 31 -9.93 -2.09 7.95
C LYS A 31 -8.54 -2.20 8.56
N ALA A 32 -7.52 -1.95 7.74
CA ALA A 32 -6.14 -2.03 8.20
C ALA A 32 -5.76 -0.78 9.01
N GLN A 33 -4.47 -0.62 9.28
CA GLN A 33 -3.99 0.53 10.04
C GLN A 33 -3.26 1.51 9.12
N HIS A 34 -2.38 0.98 8.27
CA HIS A 34 -1.62 1.82 7.35
C HIS A 34 -1.41 1.09 6.02
N GLY A 35 -1.63 1.81 4.92
CA GLY A 35 -1.46 1.23 3.61
C GLY A 35 -0.62 2.10 2.69
N ALA A 36 0.05 1.47 1.73
CA ALA A 36 0.89 2.19 0.78
C ALA A 36 0.74 1.62 -0.63
N CYS A 37 1.15 2.40 -1.62
CA CYS A 37 1.07 1.97 -3.01
C CYS A 37 2.45 1.99 -3.66
N HIS A 38 2.69 1.03 -4.55
CA HIS A 38 3.97 0.93 -5.25
C HIS A 38 3.79 0.29 -6.62
N LYS A 39 4.50 0.82 -7.62
CA LYS A 39 4.42 0.30 -8.97
C LYS A 39 5.49 -0.77 -9.21
N ARG A 40 5.06 -1.91 -9.75
CA ARG A 40 5.98 -3.01 -10.03
C ARG A 40 5.41 -3.92 -11.12
N GLU A 41 6.21 -4.89 -11.55
CA GLU A 41 5.80 -5.83 -12.58
C GLU A 41 5.20 -5.09 -13.78
N ALA A 42 6.06 -4.67 -14.70
CA ALA A 42 5.62 -3.95 -15.88
C ALA A 42 4.97 -2.62 -15.51
N GLY A 43 3.69 -2.68 -15.17
CA GLY A 43 2.96 -1.47 -14.80
C GLY A 43 1.82 -1.75 -13.84
N LYS A 44 2.00 -2.76 -13.00
CA LYS A 44 0.98 -3.14 -12.02
C LYS A 44 1.32 -2.59 -10.64
N GLU A 45 0.46 -1.70 -10.13
CA GLU A 45 0.67 -1.11 -8.81
C GLU A 45 0.05 -1.97 -7.72
N SER A 46 0.85 -2.30 -6.71
CA SER A 46 0.38 -3.12 -5.60
C SER A 46 0.21 -2.29 -4.33
N CYS A 47 -0.78 -2.64 -3.53
CA CYS A 47 -1.05 -1.92 -2.29
C CYS A 47 -0.77 -2.80 -1.07
N PHE A 48 0.19 -2.39 -0.26
CA PHE A 48 0.56 -3.15 0.93
C PHE A 48 0.20 -2.38 2.20
N CYS A 49 -0.62 -3.00 3.05
CA CYS A 49 -1.05 -2.38 4.30
C CYS A 49 -0.77 -3.29 5.49
N TYR A 50 -0.51 -2.68 6.64
CA TYR A 50 -0.23 -3.44 7.86
C TYR A 50 -1.23 -3.10 8.96
N PHE A 51 -1.70 -4.13 9.65
CA PHE A 51 -2.67 -3.94 10.73
C PHE A 51 -2.50 -5.01 11.80
N ASP A 52 -2.60 -4.61 13.06
CA ASP A 52 -2.46 -5.54 14.17
C ASP A 52 -3.68 -6.44 14.29
N CYS A 53 -3.46 -7.74 14.19
CA CYS A 53 -4.56 -8.71 14.27
C CYS A 53 -4.43 -9.56 15.53
N SER A 54 -5.57 -10.00 16.06
CA SER A 54 -5.58 -10.81 17.27
C SER A 54 -4.75 -10.17 18.38
N LYS A 55 -5.06 -8.91 18.68
CA LYS A 55 -4.35 -8.18 19.72
C LYS A 55 -2.98 -7.72 19.22
N SER A 56 -2.18 -8.66 18.75
CA SER A 56 -0.84 -8.34 18.24
C SER A 56 0.04 -7.78 19.35
N PRO A 57 0.53 -8.67 20.22
CA PRO A 57 1.39 -8.29 21.35
C PRO A 57 2.78 -7.84 20.89
N PRO A 58 3.54 -7.24 21.81
CA PRO A 58 4.89 -6.75 21.52
C PRO A 58 5.88 -7.89 21.31
N GLY A 59 6.69 -7.77 20.25
CA GLY A 59 7.66 -8.80 19.95
C GLY A 59 7.36 -9.54 18.67
N ALA A 60 6.12 -9.43 18.21
CA ALA A 60 5.69 -10.10 16.99
C ALA A 60 5.83 -9.18 15.77
N THR A 61 5.91 -9.77 14.59
CA THR A 61 6.05 -9.01 13.36
C THR A 61 5.04 -9.46 12.31
N PRO A 62 4.79 -8.59 11.32
CA PRO A 62 3.83 -8.87 10.24
C PRO A 62 4.34 -9.94 9.29
N ALA A 63 3.59 -10.18 8.23
CA ALA A 63 3.96 -11.20 7.24
C ALA A 63 4.30 -10.55 5.90
N PRO A 64 5.47 -9.90 5.84
CA PRO A 64 5.93 -9.22 4.62
C PRO A 64 6.31 -10.21 3.52
N PRO A 65 6.48 -9.69 2.28
CA PRO A 65 6.85 -10.51 1.13
C PRO A 65 8.27 -11.03 1.22
N GLY A 66 9.21 -10.13 1.52
CA GLY A 66 10.60 -10.51 1.61
C GLY A 66 11.25 -9.98 2.89
N ALA A 67 10.57 -10.16 4.01
CA ALA A 67 11.08 -9.70 5.30
C ALA A 67 11.51 -8.24 5.24
N ALA A 68 10.55 -7.35 5.48
CA ALA A 68 10.83 -5.91 5.45
C ALA A 68 11.54 -5.52 4.16
N PRO A 69 10.79 -5.50 3.05
CA PRO A 69 11.32 -5.15 1.74
C PRO A 69 11.68 -3.67 1.63
N PRO A 70 12.40 -3.30 0.56
CA PRO A 70 12.80 -1.91 0.33
C PRO A 70 11.63 -1.01 -0.04
N PRO A 71 11.87 0.30 -0.03
CA PRO A 71 10.84 1.30 -0.36
C PRO A 71 10.47 1.28 -1.83
N ALA A 72 11.50 1.30 -2.69
CA ALA A 72 11.28 1.29 -4.13
C ALA A 72 10.40 2.45 -4.57
N ALA A 73 10.38 3.51 -3.76
CA ALA A 73 9.57 4.69 -4.07
C ALA A 73 9.77 5.77 -3.01
N GLY A 74 9.15 5.57 -1.85
CA GLY A 74 9.27 6.54 -0.77
C GLY A 74 8.22 6.34 0.30
N GLY A 75 7.11 7.07 0.20
CA GLY A 75 6.05 6.95 1.18
C GLY A 75 5.06 8.09 1.09
N SER A 76 3.99 7.89 0.33
CA SER A 76 2.97 8.91 0.16
C SER A 76 3.59 10.25 -0.24
N PRO A 77 4.13 10.31 -1.46
CA PRO A 77 4.76 11.53 -1.99
C PRO A 77 3.75 12.63 -2.27
N SER A 78 4.01 13.81 -1.70
CA SER A 78 3.11 14.95 -1.88
C SER A 78 3.86 16.13 -2.51
N PRO A 79 4.24 15.97 -3.78
CA PRO A 79 4.97 17.00 -4.52
C PRO A 79 4.09 18.22 -4.83
N PRO A 80 4.73 19.31 -5.27
CA PRO A 80 4.03 20.55 -5.61
C PRO A 80 3.18 20.42 -6.87
N ALA A 81 2.53 21.51 -7.26
CA ALA A 81 1.68 21.51 -8.45
C ALA A 81 1.49 22.92 -8.98
N ASP A 82 2.46 23.79 -8.73
CA ASP A 82 2.40 25.17 -9.19
C ASP A 82 3.72 25.89 -8.91
N GLY A 83 4.83 25.19 -9.13
CA GLY A 83 6.14 25.78 -8.91
C GLY A 83 6.38 26.09 -7.44
N GLY A 84 6.29 27.37 -7.08
CA GLY A 84 6.52 27.77 -5.71
C GLY A 84 7.98 27.99 -5.41
N SER A 85 8.34 29.24 -5.13
CA SER A 85 9.73 29.58 -4.81
C SER A 85 9.81 30.97 -4.17
N PRO A 86 9.31 31.07 -2.94
CA PRO A 86 9.32 32.34 -2.19
C PRO A 86 10.72 32.74 -1.75
N PRO A 87 10.85 33.99 -1.29
CA PRO A 87 12.13 34.53 -0.82
C PRO A 87 12.59 33.89 0.48
N PRO A 88 13.86 34.12 0.85
CA PRO A 88 14.45 33.58 2.08
C PRO A 88 13.86 34.23 3.33
N PRO A 89 14.15 33.62 4.49
CA PRO A 89 13.66 34.12 5.78
C PRO A 89 14.33 35.43 6.19
N ALA A 90 15.48 35.72 5.58
CA ALA A 90 16.21 36.94 5.87
C ALA A 90 16.45 37.09 7.37
N ASP A 91 16.94 36.02 8.00
CA ASP A 91 17.21 36.04 9.44
C ASP A 91 15.91 36.10 10.23
N GLY A 92 15.30 37.28 10.28
CA GLY A 92 14.06 37.44 11.01
C GLY A 92 14.06 38.69 11.88
N GLY A 93 13.02 38.83 12.69
CA GLY A 93 12.93 39.99 13.56
C GLY A 93 11.50 40.47 13.73
N SER A 94 10.87 40.08 14.83
CA SER A 94 9.49 40.48 15.11
C SER A 94 8.58 40.12 13.94
N PRO A 95 8.07 38.88 13.95
CA PRO A 95 8.36 37.91 15.00
C PRO A 95 9.80 37.42 14.96
N PRO A 96 10.26 36.84 16.09
CA PRO A 96 11.63 36.32 16.20
C PRO A 96 11.84 35.07 15.35
N VAL A 97 13.11 34.71 15.16
CA VAL A 97 13.45 33.54 14.36
C VAL A 97 13.15 32.24 15.13
N ASP A 98 12.59 31.28 14.41
CA ASP A 98 12.24 29.99 15.02
C ASP A 98 12.69 28.84 14.14
N GLY A 99 12.09 28.73 12.96
CA GLY A 99 12.44 27.67 12.03
C GLY A 99 12.71 28.18 10.63
N GLY A 100 13.97 28.20 10.24
CA GLY A 100 14.32 28.67 8.90
C GLY A 100 15.73 28.28 8.51
N SER A 101 16.50 29.26 8.03
CA SER A 101 17.88 29.00 7.61
C SER A 101 17.93 28.04 6.43
N PRO A 102 19.05 28.04 5.71
CA PRO A 102 19.25 27.17 4.55
C PRO A 102 19.39 25.71 4.95
N PRO A 103 19.34 24.82 3.95
CA PRO A 103 19.15 25.20 2.55
C PRO A 103 17.75 25.74 2.28
N PRO A 104 17.56 26.35 1.10
CA PRO A 104 16.27 26.92 0.69
C PRO A 104 15.23 25.84 0.41
N PRO A 105 13.96 26.26 0.28
CA PRO A 105 12.85 25.35 0.00
C PRO A 105 12.90 24.78 -1.41
N SER A 106 13.28 25.62 -2.37
CA SER A 106 13.37 25.20 -3.77
C SER A 106 14.56 25.87 -4.46
N THR A 107 14.91 25.37 -5.63
CA THR A 107 16.02 25.92 -6.40
C THR A 107 15.79 25.77 -7.90
N HIS A 108 15.42 24.56 -8.31
CA HIS A 108 15.16 24.29 -9.73
C HIS A 108 16.23 24.93 -10.61
N ALA A 1 -0.71 -16.43 24.20
CA ALA A 1 -1.55 -15.25 24.39
C ALA A 1 -2.48 -15.04 23.20
N GLY A 2 -1.93 -15.17 21.99
CA GLY A 2 -2.72 -14.99 20.79
C GLY A 2 -2.64 -13.57 20.26
N SER A 3 -1.70 -13.34 19.35
CA SER A 3 -1.52 -12.02 18.75
C SER A 3 -0.53 -12.07 17.60
N LYS A 4 -0.81 -11.29 16.56
CA LYS A 4 0.05 -11.25 15.38
C LYS A 4 -0.36 -10.11 14.45
N LEU A 5 0.56 -9.69 13.59
CA LEU A 5 0.30 -8.61 12.65
C LEU A 5 -0.28 -9.15 11.35
N CYS A 6 -1.07 -8.33 10.66
CA CYS A 6 -1.69 -8.73 9.41
C CYS A 6 -1.24 -7.82 8.27
N GLU A 7 -1.01 -8.41 7.10
CA GLU A 7 -0.58 -7.65 5.94
C GLU A 7 -1.48 -7.93 4.74
N LYS A 8 -1.82 -6.88 4.00
CA LYS A 8 -2.67 -7.02 2.83
C LYS A 8 -1.95 -6.56 1.56
N THR A 9 -2.20 -7.25 0.45
CA THR A 9 -1.57 -6.91 -0.81
C THR A 9 -2.61 -6.57 -1.87
N SER A 10 -3.38 -5.52 -1.62
CA SER A 10 -4.41 -5.08 -2.55
C SER A 10 -5.33 -6.24 -2.92
N LYS A 11 -5.54 -7.15 -1.96
CA LYS A 11 -6.40 -8.30 -2.18
C LYS A 11 -7.84 -7.88 -2.41
N THR A 12 -8.19 -6.68 -1.92
CA THR A 12 -9.53 -6.16 -2.07
C THR A 12 -9.52 -4.81 -2.78
N TYR A 13 -8.42 -4.08 -2.64
CA TYR A 13 -8.29 -2.77 -3.28
C TYR A 13 -8.64 -2.85 -4.76
N SER A 14 -7.72 -3.38 -5.55
CA SER A 14 -7.92 -3.51 -6.99
C SER A 14 -8.10 -2.14 -7.63
N GLY A 15 -7.97 -2.10 -8.96
CA GLY A 15 -8.12 -0.84 -9.67
C GLY A 15 -6.90 0.05 -9.54
N LYS A 16 -6.97 1.24 -10.13
CA LYS A 16 -5.87 2.19 -10.07
C LYS A 16 -5.41 2.40 -8.63
N CYS A 17 -4.10 2.32 -8.40
CA CYS A 17 -3.53 2.50 -7.08
C CYS A 17 -3.10 3.96 -6.86
N ASP A 18 -3.31 4.46 -5.65
CA ASP A 18 -2.93 5.83 -5.32
C ASP A 18 -2.23 5.89 -3.97
N ASN A 19 -2.10 7.09 -3.43
CA ASN A 19 -1.45 7.29 -2.13
C ASN A 19 -2.47 7.27 -1.01
N LYS A 20 -3.20 8.37 -0.85
CA LYS A 20 -4.21 8.48 0.19
C LYS A 20 -5.34 7.49 -0.05
N LYS A 21 -5.68 7.27 -1.31
CA LYS A 21 -6.74 6.35 -1.67
C LYS A 21 -6.44 4.94 -1.16
N CYS A 22 -5.18 4.53 -1.30
CA CYS A 22 -4.76 3.21 -0.86
C CYS A 22 -4.96 3.05 0.65
N ASP A 23 -4.42 3.99 1.42
CA ASP A 23 -4.54 3.96 2.87
C ASP A 23 -6.00 3.88 3.29
N LYS A 24 -6.80 4.83 2.81
CA LYS A 24 -8.22 4.87 3.14
C LYS A 24 -8.92 3.60 2.68
N LYS A 25 -8.67 3.20 1.44
CA LYS A 25 -9.27 1.99 0.88
C LYS A 25 -8.88 0.76 1.69
N CYS A 26 -7.70 0.81 2.30
CA CYS A 26 -7.21 -0.30 3.10
C CYS A 26 -8.04 -0.46 4.37
N ILE A 27 -8.24 0.64 5.09
CA ILE A 27 -9.02 0.62 6.32
C ILE A 27 -10.51 0.57 6.02
N GLU A 28 -10.88 0.90 4.79
CA GLU A 28 -12.28 0.90 4.38
C GLU A 28 -12.72 -0.51 3.98
N TRP A 29 -11.87 -1.21 3.23
CA TRP A 29 -12.17 -2.56 2.78
C TRP A 29 -11.41 -3.59 3.61
N GLU A 30 -10.09 -3.41 3.70
CA GLU A 30 -9.24 -4.32 4.45
C GLU A 30 -9.24 -3.96 5.94
N LYS A 31 -9.95 -2.88 6.28
CA LYS A 31 -10.04 -2.43 7.67
C LYS A 31 -8.66 -2.47 8.32
N ALA A 32 -7.62 -2.18 7.55
CA ALA A 32 -6.26 -2.17 8.05
C ALA A 32 -5.97 -0.89 8.83
N GLN A 33 -4.69 -0.65 9.12
CA GLN A 33 -4.29 0.53 9.85
C GLN A 33 -3.52 1.50 8.95
N HIS A 34 -2.57 0.97 8.21
CA HIS A 34 -1.76 1.78 7.30
C HIS A 34 -1.76 1.20 5.89
N GLY A 35 -1.55 2.06 4.90
CA GLY A 35 -1.54 1.60 3.52
C GLY A 35 -0.34 2.12 2.75
N ALA A 36 -0.08 1.51 1.59
CA ALA A 36 1.05 1.91 0.77
C ALA A 36 0.83 1.53 -0.69
N CYS A 37 1.59 2.15 -1.59
CA CYS A 37 1.47 1.87 -3.01
C CYS A 37 2.85 1.68 -3.65
N HIS A 38 2.96 0.70 -4.53
CA HIS A 38 4.22 0.41 -5.21
C HIS A 38 3.98 -0.07 -6.63
N LYS A 39 4.61 0.58 -7.59
CA LYS A 39 4.47 0.21 -8.99
C LYS A 39 5.56 -0.76 -9.43
N ARG A 40 5.15 -1.85 -10.07
CA ARG A 40 6.10 -2.86 -10.53
C ARG A 40 5.49 -3.73 -11.63
N GLU A 41 6.28 -4.62 -12.19
CA GLU A 41 5.82 -5.51 -13.24
C GLU A 41 5.09 -4.72 -14.33
N ALA A 42 5.86 -4.17 -15.27
CA ALA A 42 5.29 -3.40 -16.37
C ALA A 42 4.57 -2.16 -15.84
N GLY A 43 3.32 -2.34 -15.43
CA GLY A 43 2.54 -1.22 -14.91
C GLY A 43 1.54 -1.66 -13.86
N LYS A 44 1.87 -2.71 -13.12
CA LYS A 44 0.99 -3.22 -12.08
C LYS A 44 1.39 -2.67 -10.71
N GLU A 45 0.53 -1.84 -10.14
CA GLU A 45 0.78 -1.24 -8.84
C GLU A 45 0.11 -2.05 -7.73
N SER A 46 0.89 -2.41 -6.72
CA SER A 46 0.37 -3.19 -5.59
C SER A 46 0.17 -2.31 -4.36
N CYS A 47 -0.81 -2.66 -3.55
CA CYS A 47 -1.11 -1.90 -2.34
C CYS A 47 -0.78 -2.71 -1.08
N PHE A 48 0.14 -2.22 -0.28
CA PHE A 48 0.55 -2.90 0.94
C PHE A 48 -0.08 -2.24 2.16
N CYS A 49 -0.74 -3.04 2.98
CA CYS A 49 -1.40 -2.54 4.18
C CYS A 49 -0.97 -3.34 5.41
N TYR A 50 -0.91 -2.66 6.55
CA TYR A 50 -0.50 -3.30 7.80
C TYR A 50 -1.48 -2.98 8.93
N PHE A 51 -1.89 -4.01 9.67
CA PHE A 51 -2.83 -3.83 10.77
C PHE A 51 -2.59 -4.87 11.86
N ASP A 52 -2.81 -4.48 13.11
CA ASP A 52 -2.62 -5.39 14.23
C ASP A 52 -3.76 -6.39 14.32
N CYS A 53 -3.40 -7.67 14.33
CA CYS A 53 -4.40 -8.74 14.41
C CYS A 53 -4.31 -9.48 15.74
N SER A 54 -5.43 -10.04 16.17
CA SER A 54 -5.48 -10.76 17.45
C SER A 54 -4.83 -9.96 18.56
N LYS A 55 -5.03 -8.65 18.54
CA LYS A 55 -4.46 -7.77 19.54
C LYS A 55 -2.94 -7.88 19.56
N SER A 56 -2.32 -7.68 18.41
CA SER A 56 -0.87 -7.76 18.30
C SER A 56 -0.19 -6.68 19.15
N PRO A 57 1.06 -6.93 19.55
CA PRO A 57 1.84 -6.00 20.37
C PRO A 57 2.24 -4.75 19.59
N PRO A 58 2.74 -3.73 20.31
CA PRO A 58 3.17 -2.47 19.72
C PRO A 58 4.43 -2.62 18.88
N GLY A 59 4.28 -3.16 17.67
CA GLY A 59 5.41 -3.36 16.79
C GLY A 59 5.35 -4.67 16.05
N ALA A 60 6.49 -5.36 15.97
CA ALA A 60 6.57 -6.64 15.28
C ALA A 60 6.27 -6.48 13.79
N THR A 61 6.19 -7.60 13.08
CA THR A 61 5.92 -7.59 11.65
C THR A 61 4.88 -8.63 11.28
N PRO A 62 4.06 -8.31 10.26
CA PRO A 62 3.00 -9.21 9.79
C PRO A 62 3.57 -10.44 9.07
N ALA A 63 2.79 -11.52 9.05
CA ALA A 63 3.21 -12.75 8.39
C ALA A 63 4.45 -13.33 9.06
N PRO A 64 4.70 -14.63 8.84
CA PRO A 64 5.85 -15.33 9.41
C PRO A 64 7.17 -14.87 8.79
N PRO A 65 8.28 -15.27 9.43
CA PRO A 65 9.62 -14.91 8.96
C PRO A 65 9.99 -15.62 7.66
N GLY A 66 10.69 -14.91 6.77
CA GLY A 66 11.09 -15.48 5.51
C GLY A 66 11.27 -14.43 4.43
N ALA A 67 10.69 -13.26 4.64
CA ALA A 67 10.79 -12.17 3.68
C ALA A 67 11.12 -10.85 4.37
N ALA A 68 12.24 -10.24 3.96
CA ALA A 68 12.67 -8.98 4.55
C ALA A 68 12.59 -7.85 3.52
N PRO A 69 11.36 -7.40 3.23
CA PRO A 69 11.12 -6.32 2.27
C PRO A 69 11.60 -4.97 2.78
N PRO A 70 11.66 -3.97 1.87
CA PRO A 70 12.10 -2.62 2.21
C PRO A 70 11.09 -1.89 3.10
N PRO A 71 11.51 -0.75 3.67
CA PRO A 71 10.66 0.06 4.54
C PRO A 71 9.54 0.75 3.78
N ALA A 72 8.40 0.09 3.70
CA ALA A 72 7.23 0.64 2.99
C ALA A 72 7.62 1.08 1.59
N ALA A 73 6.70 1.78 0.93
CA ALA A 73 6.93 2.27 -0.42
C ALA A 73 6.97 3.80 -0.47
N GLY A 74 7.29 4.40 0.67
CA GLY A 74 7.36 5.85 0.75
C GLY A 74 5.99 6.49 0.71
N GLY A 75 5.90 7.65 0.06
CA GLY A 75 4.62 8.34 -0.04
C GLY A 75 4.40 8.95 -1.41
N SER A 76 3.28 8.60 -2.03
CA SER A 76 2.95 9.10 -3.36
C SER A 76 4.11 8.89 -4.33
N PRO A 77 4.38 7.61 -4.65
CA PRO A 77 5.46 7.25 -5.58
C PRO A 77 5.16 7.65 -7.01
N SER A 78 3.89 7.95 -7.29
CA SER A 78 3.48 8.35 -8.63
C SER A 78 1.98 8.64 -8.66
N PRO A 79 1.55 9.39 -9.70
CA PRO A 79 0.14 9.75 -9.88
C PRO A 79 -0.72 8.56 -10.26
N PRO A 80 -2.05 8.74 -10.20
CA PRO A 80 -3.01 7.69 -10.54
C PRO A 80 -3.02 7.37 -12.03
N ALA A 81 -3.93 6.50 -12.44
CA ALA A 81 -4.05 6.12 -13.84
C ALA A 81 -2.79 5.41 -14.33
N ASP A 82 -2.78 4.09 -14.21
CA ASP A 82 -1.63 3.30 -14.64
C ASP A 82 -2.05 1.88 -15.01
N GLY A 83 -2.83 1.25 -14.14
CA GLY A 83 -3.30 -0.10 -14.37
C GLY A 83 -4.05 -0.68 -13.20
N GLY A 84 -4.04 -2.00 -13.08
CA GLY A 84 -4.74 -2.65 -11.99
C GLY A 84 -3.96 -3.83 -11.42
N SER A 85 -4.60 -4.57 -10.54
CA SER A 85 -3.97 -5.73 -9.91
C SER A 85 -4.95 -6.50 -9.03
N PRO A 86 -5.89 -7.21 -9.69
CA PRO A 86 -6.91 -7.99 -8.98
C PRO A 86 -6.33 -9.21 -8.28
N PRO A 87 -7.13 -9.84 -7.41
CA PRO A 87 -6.71 -11.03 -6.66
C PRO A 87 -6.55 -12.26 -7.56
N PRO A 88 -5.94 -13.32 -7.02
CA PRO A 88 -5.71 -14.57 -7.74
C PRO A 88 -7.01 -15.33 -8.00
N PRO A 89 -6.94 -16.34 -8.88
CA PRO A 89 -8.10 -17.17 -9.22
C PRO A 89 -8.54 -18.07 -8.06
N ALA A 90 -9.47 -18.97 -8.35
CA ALA A 90 -9.97 -19.89 -7.33
C ALA A 90 -9.10 -21.14 -7.24
N ASP A 91 -8.76 -21.70 -8.39
CA ASP A 91 -7.94 -22.90 -8.44
C ASP A 91 -6.55 -22.63 -7.84
N GLY A 92 -6.19 -23.42 -6.84
CA GLY A 92 -4.89 -23.26 -6.20
C GLY A 92 -3.96 -24.42 -6.47
N GLY A 93 -4.14 -25.51 -5.73
CA GLY A 93 -3.29 -26.68 -5.91
C GLY A 93 -4.10 -27.96 -6.04
N SER A 94 -3.47 -29.08 -5.72
CA SER A 94 -4.13 -30.38 -5.81
C SER A 94 -3.24 -31.48 -5.24
N PRO A 95 -3.33 -31.70 -3.92
CA PRO A 95 -4.23 -30.93 -3.05
C PRO A 95 -3.78 -29.48 -2.89
N PRO A 96 -4.69 -28.62 -2.45
CA PRO A 96 -4.41 -27.19 -2.23
C PRO A 96 -3.48 -26.96 -1.05
N VAL A 97 -2.20 -26.73 -1.35
CA VAL A 97 -1.21 -26.49 -0.31
C VAL A 97 -0.63 -25.09 -0.42
N ASP A 98 -0.53 -24.59 -1.65
CA ASP A 98 0.00 -23.25 -1.88
C ASP A 98 -1.07 -22.19 -1.67
N GLY A 99 -2.15 -22.30 -2.43
CA GLY A 99 -3.23 -21.33 -2.31
C GLY A 99 -3.14 -20.22 -3.33
N GLY A 100 -3.33 -18.98 -2.88
CA GLY A 100 -3.27 -17.84 -3.79
C GLY A 100 -1.96 -17.10 -3.67
N SER A 101 -2.00 -15.93 -3.02
CA SER A 101 -0.80 -15.11 -2.85
C SER A 101 -0.26 -14.65 -4.20
N PRO A 102 0.56 -13.59 -4.18
CA PRO A 102 1.16 -13.02 -5.39
C PRO A 102 2.22 -13.94 -6.00
N PRO A 103 2.65 -13.62 -7.22
CA PRO A 103 2.15 -12.46 -7.96
C PRO A 103 0.70 -12.64 -8.41
N PRO A 104 0.08 -11.54 -8.86
CA PRO A 104 -1.31 -11.55 -9.33
C PRO A 104 -1.47 -12.30 -10.64
N PRO A 105 -2.73 -12.58 -11.02
CA PRO A 105 -3.05 -13.30 -12.26
C PRO A 105 -2.76 -12.46 -13.49
N SER A 106 -2.39 -11.20 -13.29
CA SER A 106 -2.09 -10.30 -14.40
C SER A 106 -3.36 -9.83 -15.08
N THR A 107 -4.03 -8.86 -14.45
CA THR A 107 -5.27 -8.32 -15.00
C THR A 107 -6.19 -9.43 -15.50
N HIS A 108 -7.20 -9.06 -16.28
CA HIS A 108 -8.14 -10.04 -16.83
C HIS A 108 -9.02 -9.40 -17.90
N ALA A 1 -7.54 -14.76 22.53
CA ALA A 1 -6.41 -14.02 23.09
C ALA A 1 -5.16 -14.20 22.23
N GLY A 2 -5.33 -14.15 20.92
CA GLY A 2 -4.21 -14.31 20.01
C GLY A 2 -3.26 -13.13 20.06
N SER A 3 -2.37 -13.05 19.07
CA SER A 3 -1.41 -11.97 19.00
C SER A 3 -0.53 -12.10 17.76
N LYS A 4 -0.84 -11.30 16.73
CA LYS A 4 -0.09 -11.33 15.49
C LYS A 4 -0.39 -10.09 14.65
N LEU A 5 0.06 -10.10 13.40
CA LEU A 5 -0.16 -8.98 12.50
C LEU A 5 -0.67 -9.46 11.14
N CYS A 6 -1.49 -8.63 10.50
CA CYS A 6 -2.06 -8.97 9.21
C CYS A 6 -1.66 -7.95 8.15
N GLU A 7 -1.41 -8.43 6.93
CA GLU A 7 -1.01 -7.55 5.84
C GLU A 7 -1.85 -7.83 4.59
N LYS A 8 -2.26 -6.76 3.91
CA LYS A 8 -3.07 -6.89 2.70
C LYS A 8 -2.28 -6.43 1.47
N THR A 9 -2.33 -7.23 0.42
CA THR A 9 -1.62 -6.91 -0.82
C THR A 9 -2.60 -6.52 -1.92
N SER A 10 -3.34 -5.45 -1.71
CA SER A 10 -4.32 -4.98 -2.69
C SER A 10 -5.27 -6.11 -3.08
N LYS A 11 -5.69 -6.90 -2.09
CA LYS A 11 -6.60 -8.01 -2.33
C LYS A 11 -7.95 -7.49 -2.80
N THR A 12 -8.28 -6.26 -2.43
CA THR A 12 -9.55 -5.66 -2.82
C THR A 12 -9.35 -4.26 -3.40
N TYR A 13 -8.09 -3.86 -3.51
CA TYR A 13 -7.75 -2.55 -4.04
C TYR A 13 -7.56 -2.61 -5.55
N SER A 14 -7.78 -3.78 -6.13
CA SER A 14 -7.63 -3.98 -7.56
C SER A 14 -8.26 -2.83 -8.34
N GLY A 15 -7.41 -1.97 -8.90
CA GLY A 15 -7.91 -0.83 -9.66
C GLY A 15 -7.24 0.47 -9.26
N LYS A 16 -6.75 1.20 -10.25
CA LYS A 16 -6.09 2.48 -10.00
C LYS A 16 -5.11 2.36 -8.84
N CYS A 17 -4.68 3.49 -8.31
CA CYS A 17 -3.74 3.52 -7.19
C CYS A 17 -3.48 4.95 -6.74
N ASP A 18 -3.29 5.12 -5.42
CA ASP A 18 -3.03 6.44 -4.85
C ASP A 18 -2.46 6.32 -3.45
N ASN A 19 -2.40 7.44 -2.74
CA ASN A 19 -1.87 7.47 -1.38
C ASN A 19 -3.00 7.31 -0.36
N LYS A 20 -3.82 8.34 -0.23
CA LYS A 20 -4.93 8.32 0.71
C LYS A 20 -5.96 7.26 0.32
N LYS A 21 -6.12 7.07 -0.99
CA LYS A 21 -7.07 6.08 -1.50
C LYS A 21 -6.65 4.67 -1.10
N CYS A 22 -5.37 4.38 -1.22
CA CYS A 22 -4.85 3.07 -0.86
C CYS A 22 -5.02 2.79 0.62
N ASP A 23 -4.70 3.78 1.45
CA ASP A 23 -4.83 3.65 2.90
C ASP A 23 -6.30 3.59 3.31
N LYS A 24 -7.07 4.57 2.86
CA LYS A 24 -8.49 4.63 3.19
C LYS A 24 -9.20 3.35 2.77
N LYS A 25 -8.97 2.93 1.52
CA LYS A 25 -9.59 1.72 1.00
C LYS A 25 -9.15 0.50 1.80
N CYS A 26 -8.02 0.62 2.49
CA CYS A 26 -7.50 -0.48 3.31
C CYS A 26 -8.20 -0.54 4.66
N ILE A 27 -8.32 0.60 5.31
CA ILE A 27 -8.98 0.68 6.60
C ILE A 27 -10.49 0.67 6.45
N GLU A 28 -10.97 0.94 5.24
CA GLU A 28 -12.39 0.97 4.97
C GLU A 28 -12.92 -0.44 4.69
N TRP A 29 -12.16 -1.20 3.91
CA TRP A 29 -12.54 -2.57 3.56
C TRP A 29 -11.74 -3.57 4.36
N GLU A 30 -10.41 -3.43 4.33
CA GLU A 30 -9.52 -4.34 5.07
C GLU A 30 -9.36 -3.89 6.51
N LYS A 31 -9.99 -2.77 6.85
CA LYS A 31 -9.92 -2.23 8.21
C LYS A 31 -8.49 -2.29 8.74
N ALA A 32 -7.52 -2.05 7.86
CA ALA A 32 -6.12 -2.07 8.23
C ALA A 32 -5.74 -0.83 9.02
N GLN A 33 -4.43 -0.63 9.22
CA GLN A 33 -3.94 0.54 9.96
C GLN A 33 -3.21 1.49 9.03
N HIS A 34 -2.36 0.95 8.17
CA HIS A 34 -1.60 1.77 7.22
C HIS A 34 -1.44 1.05 5.88
N GLY A 35 -1.48 1.81 4.80
CA GLY A 35 -1.34 1.23 3.48
C GLY A 35 -0.48 2.09 2.56
N ALA A 36 0.09 1.44 1.54
CA ALA A 36 0.95 2.14 0.59
C ALA A 36 0.85 1.53 -0.80
N CYS A 37 1.25 2.29 -1.81
CA CYS A 37 1.19 1.82 -3.19
C CYS A 37 2.59 1.84 -3.82
N HIS A 38 2.83 0.89 -4.73
CA HIS A 38 4.12 0.80 -5.40
C HIS A 38 3.96 0.21 -6.80
N LYS A 39 4.72 0.75 -7.75
CA LYS A 39 4.66 0.29 -9.13
C LYS A 39 5.76 -0.73 -9.41
N ARG A 40 5.38 -1.86 -10.01
CA ARG A 40 6.33 -2.92 -10.33
C ARG A 40 5.83 -3.77 -11.49
N GLU A 41 6.62 -4.77 -11.87
CA GLU A 41 6.25 -5.65 -12.96
C GLU A 41 6.14 -4.88 -14.28
N ALA A 42 5.56 -5.52 -15.29
CA ALA A 42 5.40 -4.90 -16.59
C ALA A 42 4.85 -3.48 -16.47
N GLY A 43 3.98 -3.29 -15.48
CA GLY A 43 3.40 -1.97 -15.26
C GLY A 43 2.19 -2.02 -14.35
N LYS A 44 2.24 -2.89 -13.35
CA LYS A 44 1.15 -3.03 -12.40
C LYS A 44 1.55 -2.52 -11.03
N GLU A 45 0.68 -1.70 -10.43
CA GLU A 45 0.94 -1.14 -9.11
C GLU A 45 0.25 -1.95 -8.03
N SER A 46 1.02 -2.34 -7.01
CA SER A 46 0.48 -3.13 -5.90
C SER A 46 0.38 -2.28 -4.64
N CYS A 47 -0.58 -2.61 -3.79
CA CYS A 47 -0.80 -1.89 -2.54
C CYS A 47 -0.58 -2.81 -1.34
N PHE A 48 0.25 -2.38 -0.41
CA PHE A 48 0.54 -3.16 0.79
C PHE A 48 0.13 -2.40 2.04
N CYS A 49 -0.63 -3.06 2.91
CA CYS A 49 -1.09 -2.45 4.15
C CYS A 49 -0.75 -3.33 5.35
N TYR A 50 -0.50 -2.69 6.49
CA TYR A 50 -0.16 -3.43 7.71
C TYR A 50 -1.13 -3.07 8.83
N PHE A 51 -1.58 -4.09 9.56
CA PHE A 51 -2.50 -3.88 10.67
C PHE A 51 -2.30 -4.93 11.75
N ASP A 52 -2.52 -4.54 13.01
CA ASP A 52 -2.36 -5.45 14.13
C ASP A 52 -3.52 -6.43 14.21
N CYS A 53 -3.20 -7.71 14.29
CA CYS A 53 -4.23 -8.76 14.37
C CYS A 53 -4.20 -9.44 15.73
N SER A 54 -5.36 -9.95 16.15
CA SER A 54 -5.47 -10.63 17.44
C SER A 54 -4.81 -9.81 18.54
N LYS A 55 -4.88 -8.48 18.41
CA LYS A 55 -4.29 -7.59 19.40
C LYS A 55 -2.77 -7.76 19.45
N SER A 56 -2.06 -7.03 18.59
CA SER A 56 -0.61 -7.11 18.54
C SER A 56 0.02 -5.96 19.32
N PRO A 57 1.27 -6.17 19.76
CA PRO A 57 2.01 -5.15 20.52
C PRO A 57 2.39 -3.95 19.67
N PRO A 58 2.84 -2.87 20.34
CA PRO A 58 3.26 -1.64 19.66
C PRO A 58 4.55 -1.81 18.87
N GLY A 59 4.44 -2.45 17.70
CA GLY A 59 5.60 -2.67 16.87
C GLY A 59 5.83 -4.13 16.57
N ALA A 60 5.77 -4.50 15.30
CA ALA A 60 5.98 -5.89 14.88
C ALA A 60 5.89 -6.03 13.38
N THR A 61 6.04 -7.27 12.90
CA THR A 61 5.96 -7.53 11.46
C THR A 61 4.82 -8.49 11.14
N PRO A 62 4.38 -8.47 9.87
CA PRO A 62 3.29 -9.34 9.40
C PRO A 62 3.69 -10.80 9.35
N ALA A 63 2.73 -11.66 9.01
CA ALA A 63 2.99 -13.09 8.91
C ALA A 63 2.84 -13.58 7.48
N PRO A 64 3.82 -13.24 6.63
CA PRO A 64 3.82 -13.63 5.21
C PRO A 64 4.06 -15.12 5.04
N PRO A 65 3.83 -15.62 3.81
CA PRO A 65 4.01 -17.03 3.48
C PRO A 65 5.48 -17.45 3.47
N GLY A 66 6.36 -16.45 3.40
CA GLY A 66 7.79 -16.73 3.38
C GLY A 66 8.59 -15.61 2.73
N ALA A 67 7.92 -14.80 1.93
CA ALA A 67 8.57 -13.69 1.25
C ALA A 67 7.72 -12.43 1.30
N ALA A 68 8.27 -11.38 1.90
CA ALA A 68 7.55 -10.11 2.03
C ALA A 68 8.43 -9.05 2.69
N PRO A 69 9.42 -8.53 1.93
CA PRO A 69 10.34 -7.51 2.41
C PRO A 69 9.65 -6.16 2.62
N PRO A 70 10.35 -5.24 3.30
CA PRO A 70 9.83 -3.90 3.58
C PRO A 70 9.74 -3.04 2.32
N PRO A 71 9.04 -1.90 2.42
CA PRO A 71 8.86 -0.97 1.31
C PRO A 71 10.16 -0.26 0.93
N ALA A 72 10.85 0.27 1.95
CA ALA A 72 12.11 0.97 1.72
C ALA A 72 11.89 2.23 0.89
N ALA A 73 10.97 3.08 1.33
CA ALA A 73 10.67 4.32 0.63
C ALA A 73 10.25 5.42 1.60
N GLY A 74 9.07 5.24 2.20
CA GLY A 74 8.58 6.23 3.14
C GLY A 74 7.09 6.51 2.96
N GLY A 75 6.63 7.60 3.56
CA GLY A 75 5.22 7.95 3.45
C GLY A 75 4.88 8.55 2.09
N SER A 76 3.63 8.35 1.66
CA SER A 76 3.19 8.87 0.38
C SER A 76 4.14 8.43 -0.74
N PRO A 77 4.12 7.13 -1.06
CA PRO A 77 4.97 6.56 -2.11
C PRO A 77 4.55 7.01 -3.51
N SER A 78 5.09 8.14 -3.95
CA SER A 78 4.77 8.68 -5.27
C SER A 78 5.53 9.96 -5.54
N PRO A 79 5.64 10.34 -6.83
CA PRO A 79 6.36 11.55 -7.24
C PRO A 79 5.61 12.82 -6.83
N PRO A 80 6.31 13.96 -6.95
CA PRO A 80 5.73 15.27 -6.60
C PRO A 80 4.65 15.71 -7.57
N ALA A 81 3.44 15.18 -7.39
CA ALA A 81 2.33 15.53 -8.26
C ALA A 81 1.04 14.84 -7.79
N ASP A 82 -0.02 15.00 -8.57
CA ASP A 82 -1.30 14.40 -8.24
C ASP A 82 -1.69 13.33 -9.26
N GLY A 83 -0.71 12.54 -9.67
CA GLY A 83 -0.95 11.48 -10.64
C GLY A 83 -0.39 11.82 -12.02
N GLY A 84 0.37 10.89 -12.58
CA GLY A 84 0.97 11.11 -13.88
C GLY A 84 2.36 10.52 -13.99
N SER A 85 2.45 9.32 -14.54
CA SER A 85 3.74 8.64 -14.69
C SER A 85 3.57 7.33 -15.44
N PRO A 86 3.33 7.42 -16.76
CA PRO A 86 3.15 6.25 -17.62
C PRO A 86 4.43 5.48 -17.83
N PRO A 87 4.32 4.25 -18.38
CA PRO A 87 5.47 3.40 -18.64
C PRO A 87 6.36 3.92 -19.76
N PRO A 88 7.56 3.34 -19.90
CA PRO A 88 8.52 3.75 -20.93
C PRO A 88 8.06 3.35 -22.33
N PRO A 89 8.74 3.90 -23.35
CA PRO A 89 8.43 3.62 -24.76
C PRO A 89 8.78 2.20 -25.16
N ALA A 90 8.33 1.79 -26.34
CA ALA A 90 8.59 0.44 -26.84
C ALA A 90 9.86 0.42 -27.70
N ASP A 91 10.34 -0.78 -27.99
CA ASP A 91 11.55 -0.93 -28.80
C ASP A 91 11.72 -2.39 -29.25
N GLY A 92 12.80 -2.66 -29.96
CA GLY A 92 13.06 -4.01 -30.42
C GLY A 92 14.15 -4.71 -29.63
N GLY A 93 14.76 -5.74 -30.23
CA GLY A 93 15.81 -6.46 -29.56
C GLY A 93 16.46 -7.49 -30.46
N SER A 94 17.73 -7.26 -30.80
CA SER A 94 18.46 -8.17 -31.67
C SER A 94 19.94 -7.78 -31.73
N PRO A 95 20.73 -8.29 -30.77
CA PRO A 95 20.22 -9.18 -29.71
C PRO A 95 19.32 -8.44 -28.72
N PRO A 96 18.52 -9.20 -27.97
CA PRO A 96 17.60 -8.64 -26.97
C PRO A 96 18.34 -8.06 -25.77
N VAL A 97 18.61 -6.75 -25.82
CA VAL A 97 19.31 -6.07 -24.74
C VAL A 97 19.31 -4.56 -24.95
N ASP A 98 18.99 -3.82 -23.89
CA ASP A 98 18.96 -2.37 -23.96
C ASP A 98 18.70 -1.77 -22.58
N GLY A 99 17.63 -2.21 -21.94
CA GLY A 99 17.29 -1.71 -20.62
C GLY A 99 16.50 -0.41 -20.69
N GLY A 100 15.70 -0.27 -21.74
CA GLY A 100 14.90 0.94 -21.90
C GLY A 100 15.64 2.04 -22.63
N SER A 101 16.69 2.57 -22.01
CA SER A 101 17.48 3.64 -22.61
C SER A 101 16.63 4.89 -22.82
N PRO A 102 17.31 6.03 -22.98
CA PRO A 102 16.64 7.33 -23.18
C PRO A 102 15.97 7.41 -24.55
N PRO A 103 15.14 8.46 -24.73
CA PRO A 103 14.89 9.45 -23.69
C PRO A 103 14.07 8.89 -22.52
N PRO A 104 14.02 9.65 -21.42
CA PRO A 104 13.27 9.24 -20.23
C PRO A 104 11.76 9.26 -20.45
N PRO A 105 11.02 8.67 -19.50
CA PRO A 105 9.56 8.60 -19.56
C PRO A 105 8.91 9.96 -19.36
N SER A 106 7.58 9.97 -19.27
CA SER A 106 6.83 11.21 -19.07
C SER A 106 7.23 12.26 -20.11
N THR A 107 6.58 12.21 -21.27
CA THR A 107 6.87 13.14 -22.35
C THR A 107 5.95 14.37 -22.28
N HIS A 108 4.65 14.12 -22.42
CA HIS A 108 3.67 15.20 -22.37
C HIS A 108 3.92 16.22 -23.49
N ALA A 1 -5.93 -18.05 13.83
CA ALA A 1 -5.60 -16.69 14.24
C ALA A 1 -4.69 -16.70 15.46
N GLY A 2 -3.89 -15.64 15.60
CA GLY A 2 -2.99 -15.54 16.73
C GLY A 2 -2.47 -14.14 16.94
N SER A 3 -2.19 -13.79 18.20
CA SER A 3 -1.70 -12.47 18.53
C SER A 3 -0.48 -12.10 17.67
N LYS A 4 -0.70 -11.21 16.72
CA LYS A 4 0.37 -10.77 15.82
C LYS A 4 -0.13 -9.69 14.86
N LEU A 5 0.72 -9.33 13.90
CA LEU A 5 0.36 -8.32 12.92
C LEU A 5 0.06 -8.94 11.56
N CYS A 6 -0.99 -8.45 10.91
CA CYS A 6 -1.37 -8.96 9.60
C CYS A 6 -1.34 -7.86 8.55
N GLU A 7 -0.82 -8.19 7.37
CA GLU A 7 -0.73 -7.22 6.28
C GLU A 7 -1.36 -7.77 5.01
N LYS A 8 -2.08 -6.92 4.30
CA LYS A 8 -2.74 -7.32 3.05
C LYS A 8 -2.02 -6.73 1.84
N THR A 9 -1.92 -7.52 0.78
CA THR A 9 -1.26 -7.07 -0.44
C THR A 9 -2.28 -6.66 -1.50
N SER A 10 -3.09 -5.67 -1.18
CA SER A 10 -4.11 -5.18 -2.09
C SER A 10 -4.95 -6.33 -2.64
N LYS A 11 -5.63 -7.04 -1.75
CA LYS A 11 -6.47 -8.16 -2.14
C LYS A 11 -7.92 -7.73 -2.30
N THR A 12 -8.12 -6.47 -2.70
CA THR A 12 -9.45 -5.94 -2.89
C THR A 12 -9.41 -4.61 -3.63
N TYR A 13 -8.38 -3.81 -3.36
CA TYR A 13 -8.22 -2.51 -4.00
C TYR A 13 -8.37 -2.63 -5.51
N SER A 14 -7.93 -3.77 -6.06
CA SER A 14 -8.02 -4.00 -7.50
C SER A 14 -7.07 -3.06 -8.25
N GLY A 15 -7.29 -2.95 -9.56
CA GLY A 15 -6.45 -2.09 -10.38
C GLY A 15 -6.38 -0.68 -9.84
N LYS A 16 -5.59 0.16 -10.50
CA LYS A 16 -5.43 1.55 -10.09
C LYS A 16 -4.73 1.64 -8.73
N CYS A 17 -4.34 2.85 -8.35
CA CYS A 17 -3.66 3.08 -7.08
C CYS A 17 -3.41 4.56 -6.86
N ASP A 18 -3.22 4.94 -5.60
CA ASP A 18 -2.96 6.33 -5.25
C ASP A 18 -2.35 6.43 -3.85
N ASN A 19 -2.35 7.64 -3.31
CA ASN A 19 -1.79 7.88 -1.98
C ASN A 19 -2.86 7.76 -0.91
N LYS A 20 -3.72 8.77 -0.82
CA LYS A 20 -4.79 8.78 0.17
C LYS A 20 -5.82 7.68 -0.14
N LYS A 21 -6.09 7.47 -1.42
CA LYS A 21 -7.04 6.45 -1.84
C LYS A 21 -6.60 5.06 -1.38
N CYS A 22 -5.29 4.83 -1.40
CA CYS A 22 -4.73 3.55 -0.99
C CYS A 22 -4.95 3.32 0.50
N ASP A 23 -4.44 4.24 1.31
CA ASP A 23 -4.57 4.14 2.76
C ASP A 23 -6.04 4.07 3.17
N LYS A 24 -6.86 4.94 2.57
CA LYS A 24 -8.28 4.98 2.86
C LYS A 24 -8.96 3.67 2.45
N LYS A 25 -8.72 3.24 1.22
CA LYS A 25 -9.30 2.01 0.71
C LYS A 25 -8.86 0.82 1.54
N CYS A 26 -7.75 0.96 2.25
CA CYS A 26 -7.22 -0.11 3.09
C CYS A 26 -8.06 -0.26 4.36
N ILE A 27 -8.23 0.84 5.08
CA ILE A 27 -9.01 0.84 6.31
C ILE A 27 -10.51 0.81 6.01
N GLU A 28 -10.86 1.13 4.78
CA GLU A 28 -12.27 1.13 4.36
C GLU A 28 -12.73 -0.27 4.00
N TRP A 29 -11.91 -0.99 3.26
CA TRP A 29 -12.23 -2.35 2.84
C TRP A 29 -11.46 -3.37 3.67
N GLU A 30 -10.15 -3.20 3.74
CA GLU A 30 -9.30 -4.11 4.51
C GLU A 30 -9.30 -3.75 5.99
N LYS A 31 -9.97 -2.65 6.32
CA LYS A 31 -10.05 -2.19 7.71
C LYS A 31 -8.68 -2.26 8.37
N ALA A 32 -7.63 -1.99 7.60
CA ALA A 32 -6.28 -2.02 8.13
C ALA A 32 -5.96 -0.75 8.90
N GLN A 33 -4.69 -0.57 9.24
CA GLN A 33 -4.26 0.61 9.99
C GLN A 33 -3.48 1.56 9.09
N HIS A 34 -2.54 1.01 8.32
CA HIS A 34 -1.72 1.82 7.42
C HIS A 34 -1.58 1.13 6.06
N GLY A 35 -1.70 1.91 5.00
CA GLY A 35 -1.58 1.36 3.65
C GLY A 35 -0.64 2.16 2.78
N ALA A 36 0.08 1.47 1.89
CA ALA A 36 1.02 2.12 1.00
C ALA A 36 0.87 1.61 -0.43
N CYS A 37 1.38 2.37 -1.38
CA CYS A 37 1.30 2.00 -2.79
C CYS A 37 2.70 1.88 -3.40
N HIS A 38 2.83 0.99 -4.39
CA HIS A 38 4.11 0.79 -5.06
C HIS A 38 3.90 0.32 -6.50
N LYS A 39 4.90 0.54 -7.34
CA LYS A 39 4.84 0.14 -8.74
C LYS A 39 5.50 -1.21 -8.96
N ARG A 40 4.78 -2.14 -9.56
CA ARG A 40 5.31 -3.47 -9.83
C ARG A 40 4.81 -3.99 -11.17
N GLU A 41 5.31 -5.14 -11.59
CA GLU A 41 4.92 -5.75 -12.86
C GLU A 41 5.13 -4.76 -14.00
N ALA A 42 4.67 -5.16 -15.19
CA ALA A 42 4.80 -4.31 -16.38
C ALA A 42 4.27 -2.91 -16.10
N GLY A 43 3.18 -2.83 -15.33
CA GLY A 43 2.58 -1.55 -15.02
C GLY A 43 1.44 -1.66 -14.03
N LYS A 44 1.58 -2.59 -13.08
CA LYS A 44 0.55 -2.81 -12.07
C LYS A 44 1.03 -2.32 -10.70
N GLU A 45 0.28 -1.40 -10.11
CA GLU A 45 0.63 -0.85 -8.81
C GLU A 45 0.03 -1.70 -7.68
N SER A 46 0.88 -2.10 -6.73
CA SER A 46 0.44 -2.91 -5.62
C SER A 46 0.37 -2.09 -4.34
N CYS A 47 -0.72 -2.26 -3.60
CA CYS A 47 -0.92 -1.54 -2.34
C CYS A 47 -0.86 -2.49 -1.15
N PHE A 48 0.13 -2.28 -0.29
CA PHE A 48 0.30 -3.12 0.90
C PHE A 48 -0.07 -2.34 2.17
N CYS A 49 -0.87 -2.97 3.02
CA CYS A 49 -1.30 -2.34 4.27
C CYS A 49 -0.99 -3.25 5.46
N TYR A 50 -0.70 -2.64 6.61
CA TYR A 50 -0.39 -3.39 7.82
C TYR A 50 -1.39 -3.06 8.93
N PHE A 51 -1.87 -4.10 9.61
CA PHE A 51 -2.82 -3.93 10.70
C PHE A 51 -2.65 -5.02 11.75
N ASP A 52 -2.77 -4.63 13.01
CA ASP A 52 -2.63 -5.58 14.12
C ASP A 52 -3.83 -6.52 14.18
N CYS A 53 -3.55 -7.82 14.13
CA CYS A 53 -4.60 -8.83 14.18
C CYS A 53 -4.50 -9.64 15.47
N SER A 54 -5.66 -10.13 15.94
CA SER A 54 -5.71 -10.94 17.16
C SER A 54 -5.35 -10.08 18.37
N LYS A 55 -4.06 -9.79 18.52
CA LYS A 55 -3.59 -8.99 19.65
C LYS A 55 -2.38 -8.15 19.23
N SER A 56 -1.47 -8.75 18.47
CA SER A 56 -0.28 -8.06 18.02
C SER A 56 0.57 -7.60 19.20
N PRO A 57 1.32 -8.54 19.79
CA PRO A 57 2.19 -8.25 20.94
C PRO A 57 3.39 -7.39 20.56
N PRO A 58 4.11 -6.90 21.59
CA PRO A 58 5.29 -6.06 21.39
C PRO A 58 6.46 -6.83 20.77
N GLY A 59 6.40 -7.08 19.47
CA GLY A 59 7.45 -7.81 18.80
C GLY A 59 6.97 -8.51 17.55
N ALA A 60 7.80 -9.40 17.00
CA ALA A 60 7.45 -10.14 15.80
C ALA A 60 7.28 -9.20 14.60
N THR A 61 6.81 -9.75 13.49
CA THR A 61 6.61 -8.96 12.28
C THR A 61 5.23 -9.22 11.68
N PRO A 62 4.76 -8.29 10.84
CA PRO A 62 3.46 -8.41 10.18
C PRO A 62 3.44 -9.49 9.12
N ALA A 63 3.00 -10.68 9.52
CA ALA A 63 2.93 -11.82 8.60
C ALA A 63 2.42 -13.08 9.32
N PRO A 64 1.94 -14.04 8.53
CA PRO A 64 1.42 -15.30 9.07
C PRO A 64 2.52 -16.19 9.64
N PRO A 65 2.11 -17.22 10.39
CA PRO A 65 3.06 -18.17 11.01
C PRO A 65 3.76 -19.05 9.97
N GLY A 66 4.73 -18.48 9.28
CA GLY A 66 5.46 -19.22 8.27
C GLY A 66 6.74 -18.54 7.86
N ALA A 67 7.26 -17.69 8.75
CA ALA A 67 8.51 -16.97 8.47
C ALA A 67 8.46 -16.29 7.10
N ALA A 68 7.93 -15.07 7.07
CA ALA A 68 7.82 -14.32 5.83
C ALA A 68 7.50 -12.86 6.10
N PRO A 69 8.51 -12.10 6.56
CA PRO A 69 8.37 -10.68 6.87
C PRO A 69 8.18 -9.83 5.61
N PRO A 70 7.77 -8.57 5.81
CA PRO A 70 7.54 -7.63 4.70
C PRO A 70 8.84 -7.21 4.03
N PRO A 71 8.72 -6.58 2.85
CA PRO A 71 9.88 -6.12 2.08
C PRO A 71 10.58 -4.94 2.74
N ALA A 72 9.80 -3.97 3.21
CA ALA A 72 10.34 -2.79 3.87
C ALA A 72 9.22 -1.87 4.35
N ALA A 73 8.14 -1.81 3.59
CA ALA A 73 7.00 -0.97 3.93
C ALA A 73 7.38 0.51 3.89
N GLY A 74 6.38 1.37 3.70
CA GLY A 74 6.64 2.80 3.66
C GLY A 74 5.40 3.59 3.26
N GLY A 75 4.65 4.05 4.26
CA GLY A 75 3.45 4.81 4.00
C GLY A 75 3.73 6.08 3.21
N SER A 76 2.76 6.54 2.45
CA SER A 76 2.91 7.76 1.65
C SER A 76 4.17 7.69 0.80
N PRO A 77 4.11 6.89 -0.27
CA PRO A 77 5.25 6.71 -1.19
C PRO A 77 5.51 7.97 -2.02
N SER A 78 6.38 8.84 -1.51
CA SER A 78 6.72 10.08 -2.19
C SER A 78 5.49 10.97 -2.34
N PRO A 79 5.72 12.27 -2.59
CA PRO A 79 4.65 13.25 -2.76
C PRO A 79 3.88 13.05 -4.06
N PRO A 80 2.74 13.73 -4.19
CA PRO A 80 1.89 13.65 -5.38
C PRO A 80 2.53 14.31 -6.59
N ALA A 81 3.24 13.51 -7.39
CA ALA A 81 3.90 14.03 -8.59
C ALA A 81 3.91 12.98 -9.69
N ASP A 82 2.74 12.44 -10.01
CA ASP A 82 2.62 11.42 -11.05
C ASP A 82 1.35 11.64 -11.87
N GLY A 83 1.40 11.27 -13.15
CA GLY A 83 0.25 11.43 -14.02
C GLY A 83 0.63 11.85 -15.42
N GLY A 84 0.02 11.21 -16.41
CA GLY A 84 0.32 11.52 -17.80
C GLY A 84 0.10 10.35 -18.72
N SER A 85 0.98 9.36 -18.64
CA SER A 85 0.87 8.16 -19.48
C SER A 85 0.94 8.54 -20.96
N PRO A 86 2.14 8.92 -21.41
CA PRO A 86 2.37 9.31 -22.80
C PRO A 86 2.28 8.13 -23.77
N PRO A 87 2.22 8.42 -25.08
CA PRO A 87 2.12 7.40 -26.12
C PRO A 87 3.41 6.59 -26.25
N PRO A 88 3.33 5.48 -27.00
CA PRO A 88 4.48 4.60 -27.22
C PRO A 88 5.54 5.24 -28.13
N PRO A 89 6.73 4.63 -28.19
CA PRO A 89 7.83 5.12 -29.01
C PRO A 89 7.57 4.96 -30.50
N ALA A 90 7.12 3.77 -30.89
CA ALA A 90 6.82 3.49 -32.28
C ALA A 90 6.27 2.08 -32.45
N ASP A 91 6.09 1.66 -33.71
CA ASP A 91 5.57 0.33 -34.00
C ASP A 91 6.59 -0.75 -33.67
N GLY A 92 6.10 -1.97 -33.45
CA GLY A 92 6.99 -3.07 -33.12
C GLY A 92 6.46 -4.40 -33.61
N GLY A 93 7.25 -5.45 -33.44
CA GLY A 93 6.84 -6.78 -33.87
C GLY A 93 7.51 -7.21 -35.16
N SER A 94 7.58 -8.51 -35.38
CA SER A 94 8.22 -9.05 -36.58
C SER A 94 9.69 -8.65 -36.65
N PRO A 95 10.55 -9.45 -36.01
CA PRO A 95 10.13 -10.65 -35.29
C PRO A 95 9.35 -10.32 -34.03
N PRO A 96 8.61 -11.32 -33.51
CA PRO A 96 7.81 -11.15 -32.28
C PRO A 96 8.68 -11.02 -31.04
N VAL A 97 9.17 -9.80 -30.79
CA VAL A 97 10.01 -9.54 -29.64
C VAL A 97 9.33 -8.59 -28.67
N ASP A 98 8.42 -7.76 -29.19
CA ASP A 98 7.68 -6.81 -28.36
C ASP A 98 6.61 -6.10 -29.19
N GLY A 99 5.56 -5.64 -28.52
CA GLY A 99 4.49 -4.94 -29.19
C GLY A 99 3.59 -4.18 -28.24
N GLY A 100 3.42 -2.89 -28.50
CA GLY A 100 2.58 -2.07 -27.65
C GLY A 100 3.38 -1.12 -26.77
N SER A 101 4.48 -1.63 -26.22
CA SER A 101 5.35 -0.82 -25.37
C SER A 101 4.57 -0.27 -24.18
N PRO A 102 4.16 -1.17 -23.26
CA PRO A 102 3.40 -0.80 -22.06
C PRO A 102 4.24 -0.03 -21.06
N PRO A 103 3.58 0.56 -20.06
CA PRO A 103 2.12 0.46 -19.91
C PRO A 103 1.37 1.24 -20.98
N PRO A 104 0.05 1.00 -21.08
CA PRO A 104 -0.80 1.68 -22.06
C PRO A 104 -1.00 3.15 -21.74
N PRO A 105 -1.54 3.90 -22.71
CA PRO A 105 -1.79 5.34 -22.56
C PRO A 105 -2.91 5.63 -21.56
N SER A 106 -3.10 6.90 -21.24
CA SER A 106 -4.14 7.31 -20.30
C SER A 106 -5.50 6.84 -20.76
N THR A 107 -5.79 7.03 -22.06
CA THR A 107 -7.07 6.63 -22.63
C THR A 107 -8.22 7.33 -21.92
N HIS A 108 -8.46 8.58 -22.30
CA HIS A 108 -9.55 9.36 -21.71
C HIS A 108 -9.45 9.36 -20.18
N ALA A 1 -1.81 -20.36 18.68
CA ALA A 1 -2.60 -19.14 18.79
C ALA A 1 -2.23 -18.14 17.71
N GLY A 2 -1.03 -17.57 17.82
CA GLY A 2 -0.58 -16.60 16.85
C GLY A 2 -0.42 -15.21 17.43
N SER A 3 -1.35 -14.32 17.11
CA SER A 3 -1.31 -12.95 17.61
C SER A 3 -0.07 -12.22 17.08
N LYS A 4 -0.30 -11.25 16.20
CA LYS A 4 0.77 -10.46 15.61
C LYS A 4 0.24 -9.46 14.59
N LEU A 5 1.13 -8.94 13.77
CA LEU A 5 0.75 -7.96 12.75
C LEU A 5 0.26 -8.66 11.48
N CYS A 6 -0.64 -8.01 10.75
CA CYS A 6 -1.17 -8.57 9.52
C CYS A 6 -0.88 -7.65 8.34
N GLU A 7 -0.39 -8.24 7.25
CA GLU A 7 -0.07 -7.47 6.05
C GLU A 7 -0.98 -7.86 4.89
N LYS A 8 -1.45 -6.87 4.15
CA LYS A 8 -2.34 -7.10 3.02
C LYS A 8 -1.74 -6.54 1.74
N THR A 9 -1.46 -7.41 0.78
CA THR A 9 -0.90 -7.00 -0.49
C THR A 9 -1.98 -6.69 -1.52
N SER A 10 -2.99 -5.93 -1.09
CA SER A 10 -4.10 -5.57 -1.97
C SER A 10 -4.82 -6.81 -2.48
N LYS A 11 -6.02 -7.05 -1.96
CA LYS A 11 -6.82 -8.20 -2.36
C LYS A 11 -8.24 -7.79 -2.70
N THR A 12 -8.39 -6.59 -3.26
CA THR A 12 -9.70 -6.07 -3.62
C THR A 12 -9.61 -4.64 -4.12
N TYR A 13 -8.57 -3.93 -3.69
CA TYR A 13 -8.36 -2.55 -4.10
C TYR A 13 -8.59 -2.38 -5.59
N SER A 14 -7.61 -2.79 -6.38
CA SER A 14 -7.71 -2.68 -7.84
C SER A 14 -8.10 -1.26 -8.25
N GLY A 15 -8.43 -1.10 -9.53
CA GLY A 15 -8.83 0.21 -10.02
C GLY A 15 -7.79 1.27 -9.74
N LYS A 16 -6.93 1.53 -10.73
CA LYS A 16 -5.88 2.54 -10.58
C LYS A 16 -5.20 2.42 -9.23
N CYS A 17 -4.47 3.46 -8.85
CA CYS A 17 -3.77 3.48 -7.57
C CYS A 17 -3.48 4.91 -7.12
N ASP A 18 -3.29 5.09 -5.82
CA ASP A 18 -3.00 6.41 -5.27
C ASP A 18 -2.43 6.29 -3.85
N ASN A 19 -2.38 7.42 -3.15
CA ASN A 19 -1.85 7.45 -1.79
C ASN A 19 -2.99 7.38 -0.77
N LYS A 20 -3.80 8.42 -0.73
CA LYS A 20 -4.93 8.47 0.21
C LYS A 20 -5.99 7.45 -0.17
N LYS A 21 -6.19 7.25 -1.47
CA LYS A 21 -7.17 6.29 -1.95
C LYS A 21 -6.84 4.89 -1.48
N CYS A 22 -5.57 4.52 -1.54
CA CYS A 22 -5.12 3.21 -1.10
C CYS A 22 -5.23 3.06 0.41
N ASP A 23 -4.57 3.96 1.13
CA ASP A 23 -4.60 3.93 2.59
C ASP A 23 -6.03 3.92 3.10
N LYS A 24 -6.86 4.79 2.55
CA LYS A 24 -8.26 4.89 2.96
C LYS A 24 -9.01 3.61 2.61
N LYS A 25 -8.85 3.14 1.37
CA LYS A 25 -9.52 1.93 0.92
C LYS A 25 -9.09 0.73 1.76
N CYS A 26 -7.92 0.84 2.39
CA CYS A 26 -7.40 -0.24 3.22
C CYS A 26 -8.17 -0.34 4.53
N ILE A 27 -8.30 0.79 5.22
CA ILE A 27 -9.01 0.83 6.48
C ILE A 27 -10.52 0.83 6.27
N GLU A 28 -10.94 1.14 5.04
CA GLU A 28 -12.36 1.17 4.70
C GLU A 28 -12.87 -0.24 4.38
N TRP A 29 -12.09 -0.99 3.61
CA TRP A 29 -12.46 -2.35 3.24
C TRP A 29 -11.67 -3.37 4.04
N GLU A 30 -10.35 -3.21 4.08
CA GLU A 30 -9.49 -4.12 4.81
C GLU A 30 -9.42 -3.74 6.29
N LYS A 31 -10.08 -2.63 6.64
CA LYS A 31 -10.10 -2.15 8.01
C LYS A 31 -8.70 -2.20 8.64
N ALA A 32 -7.69 -1.96 7.81
CA ALA A 32 -6.31 -1.98 8.28
C ALA A 32 -5.97 -0.69 9.02
N GLN A 33 -4.69 -0.50 9.31
CA GLN A 33 -4.23 0.69 10.02
C GLN A 33 -3.49 1.64 9.09
N HIS A 34 -2.56 1.09 8.31
CA HIS A 34 -1.79 1.89 7.37
C HIS A 34 -1.64 1.17 6.03
N GLY A 35 -1.73 1.92 4.94
CA GLY A 35 -1.61 1.34 3.61
C GLY A 35 -0.83 2.22 2.66
N ALA A 36 -0.15 1.59 1.71
CA ALA A 36 0.63 2.32 0.73
C ALA A 36 0.59 1.65 -0.64
N CYS A 37 0.94 2.40 -1.68
CA CYS A 37 0.94 1.87 -3.04
C CYS A 37 2.33 1.96 -3.66
N HIS A 38 2.64 1.00 -4.53
CA HIS A 38 3.94 0.96 -5.19
C HIS A 38 3.83 0.29 -6.56
N LYS A 39 4.71 0.68 -7.47
CA LYS A 39 4.72 0.12 -8.82
C LYS A 39 5.60 -1.12 -8.88
N ARG A 40 5.02 -2.24 -9.33
CA ARG A 40 5.74 -3.50 -9.43
C ARG A 40 5.34 -4.25 -10.71
N GLU A 41 6.00 -5.37 -10.95
CA GLU A 41 5.71 -6.18 -12.13
C GLU A 41 5.88 -5.37 -13.41
N ALA A 42 5.45 -5.94 -14.53
CA ALA A 42 5.54 -5.26 -15.81
C ALA A 42 4.96 -3.85 -15.74
N GLY A 43 3.93 -3.68 -14.92
CA GLY A 43 3.31 -2.38 -14.78
C GLY A 43 2.08 -2.43 -13.89
N LYS A 44 2.11 -3.29 -12.88
CA LYS A 44 0.99 -3.42 -11.96
C LYS A 44 1.35 -2.84 -10.58
N GLU A 45 0.50 -1.95 -10.09
CA GLU A 45 0.72 -1.32 -8.79
C GLU A 45 0.08 -2.13 -7.68
N SER A 46 0.87 -2.45 -6.65
CA SER A 46 0.37 -3.23 -5.52
C SER A 46 0.21 -2.35 -4.29
N CYS A 47 -0.78 -2.69 -3.46
CA CYS A 47 -1.04 -1.93 -2.24
C CYS A 47 -0.74 -2.78 -1.01
N PHE A 48 0.22 -2.33 -0.20
CA PHE A 48 0.60 -3.04 1.01
C PHE A 48 0.15 -2.29 2.25
N CYS A 49 -0.65 -2.95 3.09
CA CYS A 49 -1.16 -2.35 4.31
C CYS A 49 -0.83 -3.22 5.52
N TYR A 50 -0.63 -2.57 6.66
CA TYR A 50 -0.31 -3.28 7.90
C TYR A 50 -1.32 -2.96 8.99
N PHE A 51 -1.78 -3.99 9.69
CA PHE A 51 -2.75 -3.83 10.76
C PHE A 51 -2.59 -4.90 11.83
N ASP A 52 -2.69 -4.50 13.09
CA ASP A 52 -2.55 -5.43 14.20
C ASP A 52 -3.73 -6.41 14.25
N CYS A 53 -3.42 -7.70 14.12
CA CYS A 53 -4.45 -8.74 14.15
C CYS A 53 -4.23 -9.69 15.33
N SER A 54 -5.32 -10.25 15.83
CA SER A 54 -5.25 -11.18 16.96
C SER A 54 -4.45 -10.58 18.11
N LYS A 55 -4.89 -9.42 18.58
CA LYS A 55 -4.22 -8.74 19.69
C LYS A 55 -2.94 -8.06 19.20
N SER A 56 -2.05 -8.84 18.60
CA SER A 56 -0.78 -8.32 18.10
C SER A 56 0.07 -7.77 19.23
N PRO A 57 0.73 -8.68 19.96
CA PRO A 57 1.60 -8.31 21.10
C PRO A 57 2.87 -7.60 20.64
N PRO A 58 3.59 -7.01 21.61
CA PRO A 58 4.84 -6.29 21.33
C PRO A 58 5.97 -7.23 20.92
N GLY A 59 6.50 -7.01 19.72
CA GLY A 59 7.58 -7.84 19.22
C GLY A 59 7.18 -8.65 18.00
N ALA A 60 8.10 -9.46 17.50
CA ALA A 60 7.84 -10.29 16.33
C ALA A 60 7.59 -9.42 15.10
N THR A 61 7.14 -10.05 14.02
CA THR A 61 6.87 -9.35 12.77
C THR A 61 5.73 -10.02 12.01
N PRO A 62 5.11 -9.27 11.09
CA PRO A 62 4.01 -9.76 10.26
C PRO A 62 4.47 -10.80 9.24
N ALA A 63 3.57 -11.16 8.33
CA ALA A 63 3.89 -12.14 7.29
C ALA A 63 3.90 -11.48 5.91
N PRO A 64 4.94 -10.68 5.64
CA PRO A 64 5.08 -9.99 4.35
C PRO A 64 5.40 -10.95 3.20
N PRO A 65 5.30 -10.44 1.97
CA PRO A 65 5.57 -11.24 0.77
C PRO A 65 7.06 -11.57 0.61
N GLY A 66 7.89 -10.81 1.31
CA GLY A 66 9.33 -11.04 1.23
C GLY A 66 10.12 -9.75 1.16
N ALA A 67 9.55 -8.74 0.53
CA ALA A 67 10.21 -7.44 0.39
C ALA A 67 9.22 -6.38 -0.08
N ALA A 68 8.80 -5.52 0.84
CA ALA A 68 7.86 -4.45 0.52
C ALA A 68 7.87 -3.38 1.60
N PRO A 69 8.93 -2.55 1.61
CA PRO A 69 9.08 -1.46 2.59
C PRO A 69 8.09 -0.33 2.35
N PRO A 70 7.98 0.57 3.33
CA PRO A 70 7.07 1.72 3.25
C PRO A 70 7.52 2.75 2.22
N PRO A 71 6.64 3.70 1.90
CA PRO A 71 6.92 4.76 0.92
C PRO A 71 7.95 5.75 1.44
N ALA A 72 9.22 5.38 1.39
CA ALA A 72 10.30 6.24 1.85
C ALA A 72 10.26 6.42 3.36
N ALA A 73 9.35 7.26 3.84
CA ALA A 73 9.21 7.51 5.26
C ALA A 73 7.93 8.29 5.56
N GLY A 74 6.92 7.60 6.07
CA GLY A 74 5.66 8.26 6.39
C GLY A 74 4.54 7.79 5.50
N GLY A 75 4.31 8.52 4.40
CA GLY A 75 3.24 8.17 3.48
C GLY A 75 2.99 9.26 2.45
N SER A 76 2.40 8.87 1.32
CA SER A 76 2.11 9.82 0.25
C SER A 76 3.32 10.69 -0.04
N PRO A 77 4.37 10.09 -0.60
CA PRO A 77 5.61 10.80 -0.94
C PRO A 77 5.43 11.75 -2.12
N SER A 78 4.33 11.56 -2.85
CA SER A 78 4.03 12.41 -4.00
C SER A 78 2.71 12.01 -4.64
N PRO A 79 2.13 12.93 -5.43
CA PRO A 79 0.86 12.70 -6.12
C PRO A 79 0.99 11.67 -7.25
N PRO A 80 -0.17 11.21 -7.75
CA PRO A 80 -0.21 10.22 -8.84
C PRO A 80 0.26 10.80 -10.17
N ALA A 81 1.57 10.73 -10.40
CA ALA A 81 2.15 11.24 -11.64
C ALA A 81 3.60 10.80 -11.79
N ASP A 82 3.83 9.49 -11.66
CA ASP A 82 5.18 8.94 -11.79
C ASP A 82 5.74 9.18 -13.19
N GLY A 83 4.99 8.74 -14.20
CA GLY A 83 5.43 8.92 -15.57
C GLY A 83 4.93 7.82 -16.49
N GLY A 84 5.29 7.90 -17.76
CA GLY A 84 4.85 6.90 -18.72
C GLY A 84 5.89 6.66 -19.81
N SER A 85 5.92 5.44 -20.33
CA SER A 85 6.87 5.08 -21.37
C SER A 85 8.30 5.41 -20.95
N PRO A 86 8.83 4.61 -20.01
CA PRO A 86 10.18 4.81 -19.49
C PRO A 86 11.25 4.44 -20.53
N PRO A 87 12.51 4.82 -20.24
CA PRO A 87 13.64 4.54 -21.14
C PRO A 87 13.98 3.06 -21.19
N PRO A 88 14.83 2.69 -22.17
CA PRO A 88 15.27 1.29 -22.35
C PRO A 88 16.19 0.83 -21.23
N PRO A 89 16.43 -0.49 -21.17
CA PRO A 89 17.30 -1.10 -20.16
C PRO A 89 18.77 -0.74 -20.36
N ALA A 90 19.46 -0.42 -19.27
CA ALA A 90 20.86 -0.06 -19.34
C ALA A 90 21.59 -0.46 -18.06
N ASP A 91 22.35 -1.55 -18.12
CA ASP A 91 23.10 -2.02 -16.97
C ASP A 91 24.19 -1.03 -16.57
N GLY A 92 24.57 -1.08 -15.29
CA GLY A 92 25.59 -0.17 -14.80
C GLY A 92 26.97 -0.47 -15.38
N GLY A 93 27.30 0.22 -16.47
CA GLY A 93 28.59 0.01 -17.11
C GLY A 93 29.65 0.98 -16.63
N SER A 94 30.80 0.98 -17.28
CA SER A 94 31.89 1.87 -16.91
C SER A 94 33.00 1.84 -17.97
N PRO A 95 32.84 2.70 -18.99
CA PRO A 95 31.70 3.61 -19.10
C PRO A 95 30.40 2.87 -19.41
N PRO A 96 29.27 3.54 -19.16
CA PRO A 96 27.94 2.97 -19.40
C PRO A 96 27.64 2.80 -20.88
N VAL A 97 26.61 2.03 -21.20
CA VAL A 97 26.20 1.80 -22.57
C VAL A 97 24.83 2.40 -22.86
N ASP A 98 24.61 3.61 -22.36
CA ASP A 98 23.35 4.30 -22.57
C ASP A 98 23.06 4.47 -24.06
N GLY A 99 21.79 4.35 -24.43
CA GLY A 99 21.41 4.50 -25.82
C GLY A 99 20.98 3.19 -26.45
N GLY A 100 20.03 3.26 -27.38
CA GLY A 100 19.55 2.05 -28.04
C GLY A 100 19.13 0.98 -27.06
N SER A 101 19.91 -0.10 -26.99
CA SER A 101 19.59 -1.21 -26.09
C SER A 101 18.18 -1.72 -26.32
N PRO A 102 17.96 -2.37 -27.47
CA PRO A 102 16.65 -2.92 -27.84
C PRO A 102 16.27 -4.12 -26.98
N PRO A 103 15.00 -4.53 -27.08
CA PRO A 103 14.03 -3.89 -27.96
C PRO A 103 13.63 -2.51 -27.47
N PRO A 104 12.94 -1.74 -28.35
CA PRO A 104 12.49 -0.38 -28.02
C PRO A 104 11.38 -0.38 -26.99
N PRO A 105 11.08 0.82 -26.45
CA PRO A 105 10.03 1.00 -25.44
C PRO A 105 8.64 0.79 -26.02
N SER A 106 7.64 0.76 -25.13
CA SER A 106 6.26 0.57 -25.56
C SER A 106 6.09 -0.76 -26.29
N THR A 107 6.88 -1.75 -25.89
CA THR A 107 6.82 -3.07 -26.52
C THR A 107 5.43 -3.66 -26.40
N HIS A 108 5.04 -4.45 -27.41
CA HIS A 108 3.73 -5.08 -27.42
C HIS A 108 3.85 -6.59 -27.60
N ALA A 1 -0.99 -19.29 20.29
CA ALA A 1 -1.42 -18.45 19.18
C ALA A 1 -2.40 -17.38 19.64
N GLY A 2 -1.93 -16.14 19.71
CA GLY A 2 -2.78 -15.05 20.15
C GLY A 2 -2.06 -13.71 20.15
N SER A 3 -1.31 -13.45 19.09
CA SER A 3 -0.56 -12.20 18.97
C SER A 3 0.25 -12.17 17.67
N LYS A 4 -0.17 -11.30 16.75
CA LYS A 4 0.52 -11.17 15.47
C LYS A 4 0.01 -9.95 14.71
N LEU A 5 0.35 -9.87 13.42
CA LEU A 5 -0.06 -8.75 12.58
C LEU A 5 -0.61 -9.26 11.25
N CYS A 6 -1.53 -8.48 10.66
CA CYS A 6 -2.12 -8.85 9.39
C CYS A 6 -1.85 -7.78 8.33
N GLU A 7 -1.31 -8.22 7.19
CA GLU A 7 -1.00 -7.30 6.10
C GLU A 7 -1.77 -7.66 4.84
N LYS A 8 -2.29 -6.65 4.15
CA LYS A 8 -3.05 -6.87 2.93
C LYS A 8 -2.25 -6.43 1.71
N THR A 9 -2.41 -7.15 0.61
CA THR A 9 -1.70 -6.83 -0.63
C THR A 9 -2.68 -6.54 -1.77
N SER A 10 -3.49 -5.51 -1.59
CA SER A 10 -4.48 -5.12 -2.60
C SER A 10 -5.32 -6.33 -3.02
N LYS A 11 -5.75 -7.11 -2.03
CA LYS A 11 -6.55 -8.30 -2.31
C LYS A 11 -7.80 -7.94 -3.12
N THR A 12 -8.27 -6.71 -2.94
CA THR A 12 -9.45 -6.24 -3.66
C THR A 12 -9.54 -4.72 -3.63
N TYR A 13 -8.56 -4.06 -4.22
CA TYR A 13 -8.53 -2.60 -4.27
C TYR A 13 -9.05 -2.07 -5.60
N SER A 14 -8.34 -2.40 -6.68
CA SER A 14 -8.73 -1.96 -8.01
C SER A 14 -8.76 -0.45 -8.10
N GLY A 15 -8.87 0.07 -9.31
CA GLY A 15 -8.92 1.52 -9.51
C GLY A 15 -7.53 2.12 -9.56
N LYS A 16 -7.45 3.34 -10.08
CA LYS A 16 -6.17 4.04 -10.19
C LYS A 16 -5.44 4.05 -8.85
N CYS A 17 -4.42 3.20 -8.73
CA CYS A 17 -3.65 3.11 -7.50
C CYS A 17 -3.15 4.48 -7.07
N ASP A 18 -3.80 5.05 -6.06
CA ASP A 18 -3.43 6.36 -5.54
C ASP A 18 -2.76 6.24 -4.17
N ASN A 19 -2.58 7.37 -3.51
CA ASN A 19 -1.96 7.39 -2.18
C ASN A 19 -3.01 7.29 -1.08
N LYS A 20 -3.77 8.36 -0.89
CA LYS A 20 -4.81 8.38 0.13
C LYS A 20 -5.91 7.37 -0.18
N LYS A 21 -6.18 7.18 -1.46
CA LYS A 21 -7.21 6.24 -1.90
C LYS A 21 -6.87 4.83 -1.45
N CYS A 22 -5.60 4.46 -1.57
CA CYS A 22 -5.15 3.13 -1.18
C CYS A 22 -5.26 2.95 0.33
N ASP A 23 -4.61 3.84 1.08
CA ASP A 23 -4.63 3.78 2.54
C ASP A 23 -6.07 3.73 3.05
N LYS A 24 -6.92 4.57 2.49
CA LYS A 24 -8.32 4.63 2.89
C LYS A 24 -9.02 3.30 2.60
N LYS A 25 -8.81 2.79 1.40
CA LYS A 25 -9.43 1.53 0.98
C LYS A 25 -8.99 0.39 1.90
N CYS A 26 -7.78 0.50 2.45
CA CYS A 26 -7.25 -0.51 3.35
C CYS A 26 -8.06 -0.58 4.64
N ILE A 27 -8.24 0.58 5.28
CA ILE A 27 -9.00 0.65 6.52
C ILE A 27 -10.50 0.62 6.25
N GLU A 28 -10.87 0.90 5.01
CA GLU A 28 -12.28 0.92 4.63
C GLU A 28 -12.77 -0.48 4.27
N TRP A 29 -11.94 -1.22 3.54
CA TRP A 29 -12.27 -2.57 3.14
C TRP A 29 -11.54 -3.60 3.99
N GLU A 30 -10.23 -3.43 4.09
CA GLU A 30 -9.40 -4.35 4.88
C GLU A 30 -9.36 -3.92 6.34
N LYS A 31 -10.04 -2.82 6.66
CA LYS A 31 -10.07 -2.30 8.01
C LYS A 31 -8.69 -2.35 8.65
N ALA A 32 -7.66 -2.10 7.84
CA ALA A 32 -6.29 -2.11 8.33
C ALA A 32 -5.96 -0.82 9.06
N GLN A 33 -4.68 -0.61 9.33
CA GLN A 33 -4.22 0.59 10.03
C GLN A 33 -3.57 1.57 9.06
N HIS A 34 -2.67 1.05 8.22
CA HIS A 34 -1.97 1.88 7.25
C HIS A 34 -1.91 1.18 5.89
N GLY A 35 -1.75 1.97 4.83
CA GLY A 35 -1.68 1.41 3.50
C GLY A 35 -0.87 2.29 2.56
N ALA A 36 -0.28 1.65 1.54
CA ALA A 36 0.52 2.37 0.56
C ALA A 36 0.51 1.67 -0.79
N CYS A 37 0.90 2.38 -1.84
CA CYS A 37 0.93 1.83 -3.19
C CYS A 37 2.33 1.93 -3.78
N HIS A 38 2.68 0.95 -4.61
CA HIS A 38 3.99 0.93 -5.25
C HIS A 38 3.94 0.19 -6.58
N LYS A 39 4.72 0.65 -7.55
CA LYS A 39 4.76 0.03 -8.87
C LYS A 39 5.86 -1.04 -8.93
N ARG A 40 5.48 -2.22 -9.42
CA ARG A 40 6.43 -3.32 -9.53
C ARG A 40 6.04 -4.26 -10.67
N GLU A 41 6.86 -5.28 -10.91
CA GLU A 41 6.60 -6.25 -11.96
C GLU A 41 6.59 -5.58 -13.33
N ALA A 42 6.06 -6.27 -14.32
CA ALA A 42 5.99 -5.75 -15.68
C ALA A 42 5.50 -4.30 -15.68
N GLY A 43 4.57 -4.00 -14.79
CA GLY A 43 4.04 -2.65 -14.70
C GLY A 43 2.75 -2.58 -13.92
N LYS A 44 2.65 -3.39 -12.87
CA LYS A 44 1.46 -3.43 -12.04
C LYS A 44 1.75 -2.84 -10.66
N GLU A 45 0.86 -1.96 -10.19
CA GLU A 45 1.02 -1.34 -8.88
C GLU A 45 0.29 -2.13 -7.80
N SER A 46 1.01 -2.46 -6.74
CA SER A 46 0.45 -3.24 -5.64
C SER A 46 0.24 -2.35 -4.42
N CYS A 47 -0.79 -2.66 -3.63
CA CYS A 47 -1.10 -1.89 -2.43
C CYS A 47 -0.86 -2.74 -1.18
N PHE A 48 0.06 -2.29 -0.33
CA PHE A 48 0.37 -3.01 0.90
C PHE A 48 -0.15 -2.26 2.12
N CYS A 49 -0.86 -2.97 2.99
CA CYS A 49 -1.43 -2.36 4.18
C CYS A 49 -1.03 -3.15 5.42
N TYR A 50 -0.87 -2.45 6.54
CA TYR A 50 -0.48 -3.08 7.80
C TYR A 50 -1.60 -2.96 8.84
N PHE A 51 -1.86 -4.06 9.54
CA PHE A 51 -2.90 -4.08 10.57
C PHE A 51 -2.51 -5.00 11.71
N ASP A 52 -3.08 -4.75 12.89
CA ASP A 52 -2.80 -5.54 14.07
C ASP A 52 -3.80 -6.69 14.21
N CYS A 53 -3.29 -7.89 14.45
CA CYS A 53 -4.15 -9.06 14.59
C CYS A 53 -3.89 -9.75 15.94
N SER A 54 -4.94 -10.37 16.49
CA SER A 54 -4.83 -11.06 17.77
C SER A 54 -4.49 -10.08 18.89
N LYS A 55 -3.20 -9.75 18.99
CA LYS A 55 -2.73 -8.82 20.03
C LYS A 55 -1.70 -7.86 19.45
N SER A 56 -1.04 -8.27 18.37
CA SER A 56 -0.03 -7.45 17.73
C SER A 56 0.98 -6.95 18.76
N PRO A 57 1.91 -7.83 19.16
CA PRO A 57 2.95 -7.50 20.14
C PRO A 57 3.98 -6.52 19.59
N PRO A 58 4.85 -6.01 20.47
CA PRO A 58 5.90 -5.06 20.09
C PRO A 58 6.99 -5.72 19.26
N GLY A 59 6.73 -5.86 17.96
CA GLY A 59 7.71 -6.47 17.07
C GLY A 59 7.65 -5.91 15.67
N ALA A 60 7.42 -6.78 14.69
CA ALA A 60 7.33 -6.37 13.29
C ALA A 60 7.04 -7.55 12.38
N THR A 61 7.20 -7.34 11.08
CA THR A 61 6.95 -8.40 10.11
C THR A 61 5.46 -8.73 10.03
N PRO A 62 4.67 -7.77 9.54
CA PRO A 62 3.21 -7.94 9.40
C PRO A 62 2.85 -8.93 8.31
N ALA A 63 2.19 -10.02 8.69
CA ALA A 63 1.78 -11.04 7.74
C ALA A 63 1.02 -12.16 8.44
N PRO A 64 0.25 -12.93 7.64
CA PRO A 64 -0.54 -14.05 8.16
C PRO A 64 0.33 -15.22 8.61
N PRO A 65 -0.29 -16.18 9.32
CA PRO A 65 0.41 -17.36 9.83
C PRO A 65 0.82 -18.31 8.72
N GLY A 66 1.91 -17.97 8.02
CA GLY A 66 2.38 -18.81 6.93
C GLY A 66 2.80 -18.00 5.72
N ALA A 67 3.42 -16.85 5.96
CA ALA A 67 3.88 -16.00 4.88
C ALA A 67 5.07 -15.15 5.31
N ALA A 68 6.12 -15.16 4.50
CA ALA A 68 7.32 -14.39 4.80
C ALA A 68 7.88 -13.72 3.54
N PRO A 69 7.20 -12.65 3.09
CA PRO A 69 7.61 -11.90 1.89
C PRO A 69 8.90 -11.13 2.12
N PRO A 70 9.48 -10.62 1.02
CA PRO A 70 10.73 -9.85 1.06
C PRO A 70 10.54 -8.48 1.70
N PRO A 71 11.65 -7.81 2.02
CA PRO A 71 11.63 -6.49 2.64
C PRO A 71 11.14 -5.40 1.69
N ALA A 72 11.28 -4.14 2.09
CA ALA A 72 10.86 -3.03 1.27
C ALA A 72 9.35 -3.03 1.08
N ALA A 73 8.66 -2.07 1.70
CA ALA A 73 7.22 -1.97 1.59
C ALA A 73 6.71 -0.67 2.23
N GLY A 74 7.02 0.46 1.59
CA GLY A 74 6.59 1.74 2.10
C GLY A 74 6.12 2.68 1.00
N GLY A 75 5.07 3.43 1.28
CA GLY A 75 4.54 4.36 0.30
C GLY A 75 3.90 5.58 0.94
N SER A 76 3.01 6.24 0.19
CA SER A 76 2.34 7.42 0.69
C SER A 76 3.34 8.44 1.22
N PRO A 77 4.14 9.02 0.30
CA PRO A 77 5.16 10.02 0.65
C PRO A 77 4.54 11.34 1.10
N SER A 78 3.36 11.64 0.58
CA SER A 78 2.67 12.89 0.91
C SER A 78 1.34 12.99 0.18
N PRO A 79 0.35 12.20 0.63
CA PRO A 79 -0.98 12.18 0.03
C PRO A 79 -1.76 13.46 0.30
N PRO A 80 -2.88 13.64 -0.42
CA PRO A 80 -3.72 14.83 -0.28
C PRO A 80 -4.47 14.86 1.05
N ALA A 81 -5.36 15.83 1.21
CA ALA A 81 -6.13 15.98 2.44
C ALA A 81 -7.56 15.45 2.25
N ASP A 82 -8.41 15.71 3.24
CA ASP A 82 -9.79 15.27 3.19
C ASP A 82 -10.46 15.73 1.90
N GLY A 83 -10.60 14.81 0.95
CA GLY A 83 -11.23 15.13 -0.32
C GLY A 83 -10.46 16.18 -1.09
N GLY A 84 -9.59 15.74 -2.00
CA GLY A 84 -8.80 16.67 -2.79
C GLY A 84 -8.55 16.15 -4.19
N SER A 85 -7.66 16.84 -4.91
CA SER A 85 -7.33 16.45 -6.28
C SER A 85 -6.28 17.39 -6.87
N PRO A 86 -5.02 17.24 -6.40
CA PRO A 86 -3.90 18.07 -6.86
C PRO A 86 -3.51 17.75 -8.30
N PRO A 87 -2.67 18.61 -8.89
CA PRO A 87 -2.20 18.44 -10.27
C PRO A 87 -1.24 17.28 -10.42
N PRO A 88 -0.96 16.88 -11.67
CA PRO A 88 -0.05 15.77 -11.97
C PRO A 88 1.40 16.10 -11.64
N PRO A 89 2.26 15.07 -11.64
CA PRO A 89 3.68 15.23 -11.35
C PRO A 89 4.43 15.98 -12.45
N ALA A 90 4.21 15.56 -13.70
CA ALA A 90 4.85 16.19 -14.84
C ALA A 90 3.84 16.94 -15.70
N ASP A 91 2.61 16.44 -15.72
CA ASP A 91 1.55 17.07 -16.50
C ASP A 91 1.77 16.86 -18.00
N GLY A 92 2.80 17.51 -18.53
CA GLY A 92 3.11 17.38 -19.95
C GLY A 92 4.55 17.70 -20.26
N GLY A 93 5.46 17.26 -19.39
CA GLY A 93 6.87 17.52 -19.59
C GLY A 93 7.57 17.93 -18.31
N SER A 94 8.88 18.14 -18.41
CA SER A 94 9.68 18.53 -17.25
C SER A 94 9.44 17.58 -16.08
N PRO A 95 10.21 16.49 -16.04
CA PRO A 95 11.22 16.20 -17.05
C PRO A 95 10.61 15.84 -18.41
N PRO A 96 11.42 15.92 -19.47
CA PRO A 96 10.98 15.61 -20.84
C PRO A 96 10.72 14.12 -21.04
N VAL A 97 9.48 13.79 -21.40
CA VAL A 97 9.10 12.40 -21.62
C VAL A 97 9.18 11.59 -20.32
N ASP A 98 8.35 10.55 -20.24
CA ASP A 98 8.33 9.70 -19.05
C ASP A 98 8.14 10.53 -17.79
N GLY A 99 8.31 9.90 -16.64
CA GLY A 99 8.17 10.60 -15.38
C GLY A 99 6.73 10.97 -15.08
N GLY A 100 5.88 9.95 -14.87
CA GLY A 100 4.48 10.21 -14.58
C GLY A 100 3.80 9.00 -13.95
N SER A 101 3.89 7.85 -14.62
CA SER A 101 3.27 6.63 -14.13
C SER A 101 1.76 6.81 -13.98
N PRO A 102 1.07 6.94 -15.13
CA PRO A 102 -0.39 7.12 -15.15
C PRO A 102 -1.14 5.85 -14.73
N PRO A 103 -2.45 5.99 -14.50
CA PRO A 103 -3.14 7.28 -14.63
C PRO A 103 -2.75 8.26 -13.54
N PRO A 104 -3.14 9.54 -13.74
CA PRO A 104 -2.83 10.61 -12.77
C PRO A 104 -3.61 10.46 -11.47
N PRO A 105 -3.21 11.23 -10.46
CA PRO A 105 -3.87 11.20 -9.14
C PRO A 105 -5.26 11.79 -9.17
N SER A 106 -5.39 12.98 -9.78
CA SER A 106 -6.68 13.64 -9.88
C SER A 106 -7.31 13.41 -11.25
N THR A 107 -8.53 13.91 -11.41
CA THR A 107 -9.25 13.76 -12.68
C THR A 107 -8.43 14.30 -13.85
N HIS A 108 -8.52 13.62 -14.99
CA HIS A 108 -7.79 14.04 -16.18
C HIS A 108 -8.60 13.75 -17.44
N ALA A 1 -1.01 -16.84 23.28
CA ALA A 1 -2.39 -16.87 22.80
C ALA A 1 -2.72 -15.62 21.99
N GLY A 2 -2.76 -15.77 20.66
CA GLY A 2 -3.06 -14.64 19.80
C GLY A 2 -1.80 -13.90 19.36
N SER A 3 -1.85 -12.58 19.44
CA SER A 3 -0.72 -11.75 19.05
C SER A 3 -0.24 -12.11 17.65
N LYS A 4 -0.81 -11.45 16.64
CA LYS A 4 -0.43 -11.71 15.25
C LYS A 4 -0.61 -10.46 14.41
N LEU A 5 0.18 -10.34 13.35
CA LEU A 5 0.11 -9.19 12.45
C LEU A 5 -0.66 -9.55 11.17
N CYS A 6 -1.44 -8.60 10.68
CA CYS A 6 -2.22 -8.79 9.47
C CYS A 6 -1.84 -7.77 8.40
N GLU A 7 -1.52 -8.26 7.20
CA GLU A 7 -1.14 -7.38 6.10
C GLU A 7 -1.88 -7.77 4.82
N LYS A 8 -2.34 -6.77 4.08
CA LYS A 8 -3.06 -7.01 2.84
C LYS A 8 -2.16 -6.71 1.63
N THR A 9 -2.47 -7.34 0.51
CA THR A 9 -1.70 -7.15 -0.72
C THR A 9 -2.59 -6.63 -1.85
N SER A 10 -3.47 -5.68 -1.52
CA SER A 10 -4.37 -5.10 -2.51
C SER A 10 -5.20 -6.19 -3.19
N LYS A 11 -5.79 -7.07 -2.38
CA LYS A 11 -6.61 -8.15 -2.89
C LYS A 11 -8.07 -7.72 -2.99
N THR A 12 -8.30 -6.51 -3.48
CA THR A 12 -9.66 -5.98 -3.62
C THR A 12 -9.64 -4.55 -4.12
N TYR A 13 -8.58 -3.82 -3.78
CA TYR A 13 -8.43 -2.43 -4.19
C TYR A 13 -8.82 -2.26 -5.66
N SER A 14 -7.93 -2.69 -6.55
CA SER A 14 -8.17 -2.58 -7.98
C SER A 14 -8.58 -1.16 -8.36
N GLY A 15 -7.58 -0.33 -8.64
CA GLY A 15 -7.86 1.05 -9.02
C GLY A 15 -6.67 1.71 -9.70
N LYS A 16 -6.61 3.04 -9.64
CA LYS A 16 -5.53 3.78 -10.27
C LYS A 16 -4.32 3.87 -9.35
N CYS A 17 -4.42 3.19 -8.20
CA CYS A 17 -3.32 3.19 -7.23
C CYS A 17 -3.00 4.61 -6.77
N ASP A 18 -3.53 4.98 -5.61
CA ASP A 18 -3.29 6.31 -5.06
C ASP A 18 -2.78 6.22 -3.62
N ASN A 19 -2.68 7.35 -2.96
CA ASN A 19 -2.20 7.41 -1.58
C ASN A 19 -3.35 7.29 -0.59
N LYS A 20 -4.16 8.33 -0.52
CA LYS A 20 -5.32 8.35 0.38
C LYS A 20 -6.35 7.32 -0.04
N LYS A 21 -6.55 7.18 -1.35
CA LYS A 21 -7.51 6.23 -1.88
C LYS A 21 -7.17 4.80 -1.44
N CYS A 22 -5.88 4.47 -1.50
CA CYS A 22 -5.42 3.14 -1.11
C CYS A 22 -5.50 2.95 0.40
N ASP A 23 -4.84 3.84 1.14
CA ASP A 23 -4.84 3.78 2.59
C ASP A 23 -6.27 3.74 3.13
N LYS A 24 -7.13 4.57 2.58
CA LYS A 24 -8.52 4.63 3.00
C LYS A 24 -9.24 3.33 2.69
N LYS A 25 -9.07 2.84 1.47
CA LYS A 25 -9.70 1.59 1.05
C LYS A 25 -9.24 0.43 1.91
N CYS A 26 -8.05 0.56 2.49
CA CYS A 26 -7.49 -0.48 3.34
C CYS A 26 -8.26 -0.58 4.65
N ILE A 27 -8.40 0.55 5.33
CA ILE A 27 -9.12 0.59 6.61
C ILE A 27 -10.62 0.57 6.39
N GLU A 28 -11.05 0.88 5.16
CA GLU A 28 -12.47 0.90 4.82
C GLU A 28 -12.96 -0.51 4.48
N TRP A 29 -12.16 -1.24 3.71
CA TRP A 29 -12.53 -2.59 3.30
C TRP A 29 -11.74 -3.62 4.11
N GLU A 30 -10.43 -3.46 4.16
CA GLU A 30 -9.56 -4.37 4.88
C GLU A 30 -9.47 -3.98 6.36
N LYS A 31 -10.15 -2.89 6.71
CA LYS A 31 -10.15 -2.41 8.09
C LYS A 31 -8.75 -2.45 8.68
N ALA A 32 -7.75 -2.20 7.84
CA ALA A 32 -6.36 -2.21 8.29
C ALA A 32 -6.01 -0.92 9.03
N GLN A 33 -4.72 -0.71 9.26
CA GLN A 33 -4.25 0.49 9.95
C GLN A 33 -3.64 1.48 8.97
N HIS A 34 -2.77 0.99 8.10
CA HIS A 34 -2.11 1.84 7.12
C HIS A 34 -2.03 1.13 5.76
N GLY A 35 -1.83 1.91 4.71
CA GLY A 35 -1.73 1.34 3.38
C GLY A 35 -0.82 2.14 2.47
N ALA A 36 -0.11 1.44 1.59
CA ALA A 36 0.81 2.10 0.67
C ALA A 36 0.76 1.43 -0.71
N CYS A 37 1.18 2.18 -1.73
CA CYS A 37 1.18 1.67 -3.09
C CYS A 37 2.59 1.71 -3.69
N HIS A 38 2.86 0.78 -4.61
CA HIS A 38 4.17 0.72 -5.25
C HIS A 38 4.06 0.08 -6.64
N LYS A 39 4.85 0.57 -7.58
CA LYS A 39 4.85 0.06 -8.94
C LYS A 39 5.96 -0.97 -9.14
N ARG A 40 5.60 -2.12 -9.70
CA ARG A 40 6.57 -3.18 -9.95
C ARG A 40 6.10 -4.10 -11.07
N GLU A 41 6.91 -5.11 -11.38
CA GLU A 41 6.57 -6.06 -12.43
C GLU A 41 6.51 -5.37 -13.79
N ALA A 42 5.92 -6.05 -14.77
CA ALA A 42 5.80 -5.50 -16.11
C ALA A 42 5.30 -4.05 -16.07
N GLY A 43 4.43 -3.75 -15.11
CA GLY A 43 3.89 -2.41 -14.98
C GLY A 43 2.63 -2.37 -14.14
N LYS A 44 2.58 -3.20 -13.11
CA LYS A 44 1.42 -3.26 -12.23
C LYS A 44 1.76 -2.70 -10.85
N GLU A 45 0.87 -1.88 -10.30
CA GLU A 45 1.07 -1.29 -8.99
C GLU A 45 0.36 -2.10 -7.91
N SER A 46 1.10 -2.46 -6.86
CA SER A 46 0.53 -3.23 -5.77
C SER A 46 0.41 -2.38 -4.51
N CYS A 47 -0.71 -2.55 -3.79
CA CYS A 47 -0.95 -1.80 -2.57
C CYS A 47 -0.92 -2.71 -1.36
N PHE A 48 -0.01 -2.42 -0.42
CA PHE A 48 0.13 -3.22 0.78
C PHE A 48 -0.36 -2.45 2.01
N CYS A 49 -1.02 -3.15 2.93
CA CYS A 49 -1.53 -2.53 4.14
C CYS A 49 -1.05 -3.27 5.38
N TYR A 50 -0.86 -2.53 6.46
CA TYR A 50 -0.39 -3.11 7.71
C TYR A 50 -1.40 -2.87 8.84
N PHE A 51 -1.70 -3.94 9.58
CA PHE A 51 -2.65 -3.85 10.68
C PHE A 51 -2.34 -4.89 11.76
N ASP A 52 -2.46 -4.48 13.02
CA ASP A 52 -2.19 -5.37 14.14
C ASP A 52 -3.42 -6.23 14.46
N CYS A 53 -3.20 -7.55 14.54
CA CYS A 53 -4.29 -8.47 14.83
C CYS A 53 -4.10 -9.09 16.22
N SER A 54 -5.22 -9.38 16.88
CA SER A 54 -5.19 -9.97 18.22
C SER A 54 -4.43 -9.06 19.19
N LYS A 55 -3.10 -9.17 19.18
CA LYS A 55 -2.26 -8.37 20.06
C LYS A 55 -0.84 -8.28 19.50
N SER A 56 -0.73 -8.21 18.19
CA SER A 56 0.57 -8.12 17.53
C SER A 56 1.43 -7.04 18.18
N PRO A 57 2.76 -7.27 18.21
CA PRO A 57 3.72 -6.32 18.80
C PRO A 57 3.85 -5.05 17.97
N PRO A 58 4.54 -4.05 18.54
CA PRO A 58 4.77 -2.77 17.86
C PRO A 58 5.72 -2.90 16.68
N GLY A 59 6.31 -4.07 16.51
CA GLY A 59 7.23 -4.29 15.42
C GLY A 59 6.95 -5.60 14.68
N ALA A 60 8.02 -6.27 14.27
CA ALA A 60 7.89 -7.54 13.56
C ALA A 60 7.19 -7.35 12.22
N THR A 61 7.22 -8.38 11.38
CA THR A 61 6.60 -8.32 10.07
C THR A 61 5.34 -9.17 10.02
N PRO A 62 4.36 -8.75 9.21
CA PRO A 62 3.09 -9.46 9.05
C PRO A 62 3.26 -10.77 8.30
N ALA A 63 2.25 -11.63 8.39
CA ALA A 63 2.28 -12.92 7.71
C ALA A 63 3.42 -13.78 8.22
N PRO A 64 3.33 -15.09 7.99
CA PRO A 64 4.35 -16.05 8.42
C PRO A 64 5.65 -15.91 7.64
N PRO A 65 6.71 -16.56 8.14
CA PRO A 65 8.04 -16.52 7.50
C PRO A 65 8.07 -17.26 6.18
N GLY A 66 8.32 -16.54 5.10
CA GLY A 66 8.37 -17.14 3.78
C GLY A 66 8.35 -16.12 2.66
N ALA A 67 7.45 -15.16 2.77
CA ALA A 67 7.32 -14.11 1.76
C ALA A 67 6.44 -12.98 2.25
N ALA A 68 7.02 -12.06 3.01
CA ALA A 68 6.29 -10.92 3.54
C ALA A 68 7.23 -9.88 4.14
N PRO A 69 7.94 -9.14 3.28
CA PRO A 69 8.88 -8.11 3.71
C PRO A 69 8.18 -6.91 4.33
N PRO A 70 8.97 -6.03 4.98
CA PRO A 70 8.45 -4.82 5.63
C PRO A 70 7.97 -3.79 4.62
N PRO A 71 7.25 -2.77 5.11
CA PRO A 71 6.72 -1.70 4.27
C PRO A 71 7.82 -0.78 3.72
N ALA A 72 7.47 0.03 2.73
CA ALA A 72 8.43 0.94 2.12
C ALA A 72 7.77 2.28 1.79
N ALA A 73 8.34 3.36 2.33
CA ALA A 73 7.81 4.70 2.10
C ALA A 73 6.36 4.79 2.54
N GLY A 74 5.74 5.96 2.30
CA GLY A 74 4.36 6.16 2.69
C GLY A 74 3.94 7.61 2.57
N GLY A 75 2.64 7.86 2.73
CA GLY A 75 2.13 9.21 2.63
C GLY A 75 2.45 9.87 1.31
N SER A 76 1.83 9.38 0.24
CA SER A 76 2.07 9.92 -1.09
C SER A 76 3.56 10.07 -1.36
N PRO A 77 4.26 8.93 -1.48
CA PRO A 77 5.70 8.90 -1.75
C PRO A 77 6.04 9.38 -3.16
N SER A 78 5.04 9.38 -4.03
CA SER A 78 5.23 9.81 -5.41
C SER A 78 6.39 9.05 -6.05
N PRO A 79 6.18 7.76 -6.31
CA PRO A 79 7.21 6.90 -6.91
C PRO A 79 7.45 7.25 -8.38
N PRO A 80 8.53 6.69 -8.95
CA PRO A 80 8.89 6.92 -10.34
C PRO A 80 7.93 6.26 -11.32
N ALA A 81 8.24 6.35 -12.61
CA ALA A 81 7.39 5.76 -13.64
C ALA A 81 8.24 5.20 -14.78
N ASP A 82 8.22 3.88 -14.93
CA ASP A 82 8.99 3.22 -15.99
C ASP A 82 10.48 3.47 -15.82
N GLY A 83 11.28 2.76 -16.60
CA GLY A 83 12.73 2.91 -16.51
C GLY A 83 13.32 3.55 -17.75
N GLY A 84 14.61 3.85 -17.70
CA GLY A 84 15.27 4.46 -18.84
C GLY A 84 15.47 5.95 -18.66
N SER A 85 15.44 6.41 -17.42
CA SER A 85 15.61 7.82 -17.11
C SER A 85 15.63 8.06 -15.60
N PRO A 86 16.72 7.63 -14.95
CA PRO A 86 16.89 7.79 -13.50
C PRO A 86 17.09 9.23 -13.09
N PRO A 87 17.00 9.50 -11.78
CA PRO A 87 17.17 10.85 -11.23
C PRO A 87 18.61 11.33 -11.33
N PRO A 88 18.82 12.64 -11.08
CA PRO A 88 20.14 13.26 -11.14
C PRO A 88 21.03 12.81 -9.99
N PRO A 89 22.33 13.12 -10.10
CA PRO A 89 23.32 12.76 -9.07
C PRO A 89 23.13 13.54 -7.78
N ALA A 90 23.67 13.02 -6.68
CA ALA A 90 23.56 13.68 -5.39
C ALA A 90 24.55 14.83 -5.28
N ASP A 91 25.82 14.49 -5.09
CA ASP A 91 26.87 15.51 -4.97
C ASP A 91 28.25 14.85 -4.91
N GLY A 92 29.28 15.69 -4.83
CA GLY A 92 30.64 15.18 -4.77
C GLY A 92 31.68 16.27 -4.92
N GLY A 93 32.21 16.73 -3.80
CA GLY A 93 33.22 17.79 -3.84
C GLY A 93 34.28 17.62 -2.77
N SER A 94 34.20 18.45 -1.73
CA SER A 94 35.16 18.39 -0.64
C SER A 94 36.57 18.68 -1.13
N PRO A 95 36.93 19.97 -1.18
CA PRO A 95 36.02 21.06 -0.78
C PRO A 95 34.87 21.24 -1.76
N PRO A 96 33.81 21.93 -1.31
CA PRO A 96 32.62 22.19 -2.13
C PRO A 96 32.90 23.17 -3.26
N VAL A 97 33.01 22.65 -4.47
CA VAL A 97 33.27 23.49 -5.64
C VAL A 97 32.20 23.29 -6.70
N ASP A 98 31.29 24.25 -6.80
CA ASP A 98 30.21 24.18 -7.79
C ASP A 98 29.34 22.95 -7.56
N GLY A 99 28.38 22.73 -8.46
CA GLY A 99 27.50 21.59 -8.33
C GLY A 99 27.32 20.86 -9.64
N GLY A 100 26.42 19.88 -9.65
CA GLY A 100 26.17 19.10 -10.86
C GLY A 100 27.44 18.52 -11.44
N SER A 101 27.93 19.13 -12.51
CA SER A 101 29.15 18.65 -13.17
C SER A 101 28.95 17.24 -13.73
N PRO A 102 29.81 16.86 -14.68
CA PRO A 102 29.76 15.53 -15.30
C PRO A 102 30.17 14.41 -14.34
N PRO A 103 29.92 13.16 -14.75
CA PRO A 103 29.30 12.86 -16.05
C PRO A 103 27.83 13.27 -16.09
N PRO A 104 27.25 13.27 -17.30
CA PRO A 104 25.84 13.63 -17.50
C PRO A 104 24.88 12.60 -16.93
N PRO A 105 23.59 12.96 -16.85
CA PRO A 105 22.55 12.07 -16.33
C PRO A 105 22.26 10.91 -17.26
N SER A 106 21.25 10.12 -16.92
CA SER A 106 20.86 8.97 -17.73
C SER A 106 21.92 7.88 -17.65
N THR A 107 23.03 8.08 -18.35
CA THR A 107 24.12 7.12 -18.36
C THR A 107 24.78 7.02 -17.00
N HIS A 108 25.69 6.06 -16.85
CA HIS A 108 26.39 5.85 -15.59
C HIS A 108 27.90 6.02 -15.77
N ALA A 1 -3.51 -18.71 23.08
CA ALA A 1 -3.15 -17.30 23.05
C ALA A 1 -2.41 -16.94 21.77
N GLY A 2 -2.90 -15.92 21.08
CA GLY A 2 -2.28 -15.50 19.84
C GLY A 2 -2.09 -14.00 19.77
N SER A 3 -1.15 -13.56 18.92
CA SER A 3 -0.88 -12.13 18.76
C SER A 3 0.19 -11.91 17.69
N LYS A 4 -0.14 -11.07 16.71
CA LYS A 4 0.78 -10.76 15.62
C LYS A 4 0.15 -9.76 14.64
N LEU A 5 0.98 -9.18 13.79
CA LEU A 5 0.52 -8.21 12.81
C LEU A 5 0.11 -8.90 11.51
N CYS A 6 -0.81 -8.27 10.78
CA CYS A 6 -1.29 -8.83 9.52
C CYS A 6 -0.98 -7.89 8.36
N GLU A 7 -0.35 -8.42 7.32
CA GLU A 7 0.00 -7.63 6.15
C GLU A 7 -0.79 -8.08 4.93
N LYS A 8 -1.28 -7.11 4.16
CA LYS A 8 -2.06 -7.42 2.96
C LYS A 8 -1.38 -6.86 1.73
N THR A 9 -1.67 -7.45 0.56
CA THR A 9 -1.09 -7.01 -0.70
C THR A 9 -2.15 -6.48 -1.64
N SER A 10 -3.18 -5.85 -1.08
CA SER A 10 -4.27 -5.30 -1.88
C SER A 10 -5.00 -6.40 -2.64
N LYS A 11 -6.32 -6.24 -2.79
CA LYS A 11 -7.13 -7.23 -3.49
C LYS A 11 -8.38 -6.58 -4.07
N THR A 12 -8.97 -5.67 -3.31
CA THR A 12 -10.18 -4.98 -3.76
C THR A 12 -9.85 -3.58 -4.28
N TYR A 13 -8.59 -3.18 -4.13
CA TYR A 13 -8.15 -1.86 -4.58
C TYR A 13 -7.83 -1.88 -6.07
N SER A 14 -8.05 -3.04 -6.70
CA SER A 14 -7.79 -3.19 -8.12
C SER A 14 -8.30 -1.98 -8.91
N GLY A 15 -7.40 -1.30 -9.61
CA GLY A 15 -7.78 -0.14 -10.39
C GLY A 15 -6.88 1.05 -10.13
N LYS A 16 -7.49 2.22 -9.96
CA LYS A 16 -6.74 3.44 -9.70
C LYS A 16 -5.92 3.32 -8.42
N CYS A 17 -4.67 3.77 -8.48
CA CYS A 17 -3.79 3.71 -7.32
C CYS A 17 -3.37 5.11 -6.89
N ASP A 18 -3.60 5.43 -5.61
CA ASP A 18 -3.25 6.74 -5.07
C ASP A 18 -2.70 6.60 -3.65
N ASN A 19 -2.43 7.74 -3.02
CA ASN A 19 -1.90 7.75 -1.66
C ASN A 19 -3.02 7.55 -0.64
N LYS A 20 -3.79 8.59 -0.39
CA LYS A 20 -4.89 8.53 0.56
C LYS A 20 -5.93 7.50 0.11
N LYS A 21 -6.12 7.39 -1.19
CA LYS A 21 -7.09 6.44 -1.74
C LYS A 21 -6.72 5.01 -1.36
N CYS A 22 -5.44 4.69 -1.42
CA CYS A 22 -4.95 3.36 -1.09
C CYS A 22 -5.12 3.09 0.41
N ASP A 23 -4.48 3.91 1.23
CA ASP A 23 -4.56 3.77 2.67
C ASP A 23 -6.00 3.73 3.14
N LYS A 24 -6.84 4.55 2.52
CA LYS A 24 -8.26 4.61 2.87
C LYS A 24 -8.96 3.30 2.53
N LYS A 25 -8.74 2.81 1.32
CA LYS A 25 -9.36 1.57 0.88
C LYS A 25 -8.92 0.40 1.76
N CYS A 26 -7.76 0.55 2.39
CA CYS A 26 -7.23 -0.49 3.27
C CYS A 26 -8.07 -0.61 4.54
N ILE A 27 -8.26 0.51 5.22
CA ILE A 27 -9.04 0.53 6.46
C ILE A 27 -10.53 0.52 6.16
N GLU A 28 -10.88 0.84 4.90
CA GLU A 28 -12.27 0.87 4.50
C GLU A 28 -12.76 -0.53 4.11
N TRP A 29 -11.93 -1.24 3.35
CA TRP A 29 -12.28 -2.59 2.92
C TRP A 29 -11.53 -3.64 3.73
N GLU A 30 -10.20 -3.47 3.83
CA GLU A 30 -9.38 -4.40 4.58
C GLU A 30 -9.36 -4.04 6.07
N LYS A 31 -10.06 -2.96 6.41
CA LYS A 31 -10.12 -2.50 7.79
C LYS A 31 -8.74 -2.55 8.45
N ALA A 32 -7.71 -2.29 7.66
CA ALA A 32 -6.34 -2.30 8.16
C ALA A 32 -6.02 -1.01 8.93
N GLN A 33 -4.75 -0.80 9.21
CA GLN A 33 -4.32 0.39 9.94
C GLN A 33 -3.59 1.36 9.01
N HIS A 34 -2.66 0.83 8.23
CA HIS A 34 -1.88 1.66 7.30
C HIS A 34 -1.75 0.96 5.95
N GLY A 35 -1.60 1.76 4.90
CA GLY A 35 -1.47 1.21 3.56
C GLY A 35 -0.65 2.10 2.64
N ALA A 36 0.00 1.50 1.65
CA ALA A 36 0.81 2.25 0.70
C ALA A 36 0.64 1.71 -0.71
N CYS A 37 1.04 2.50 -1.69
CA CYS A 37 0.93 2.11 -3.09
C CYS A 37 2.30 2.07 -3.76
N HIS A 38 2.50 1.08 -4.63
CA HIS A 38 3.77 0.92 -5.33
C HIS A 38 3.54 0.39 -6.74
N LYS A 39 4.51 0.63 -7.62
CA LYS A 39 4.42 0.18 -9.00
C LYS A 39 5.55 -0.78 -9.34
N ARG A 40 5.20 -1.97 -9.83
CA ARG A 40 6.20 -2.97 -10.19
C ARG A 40 5.53 -4.24 -10.71
N GLU A 41 6.34 -5.21 -11.13
CA GLU A 41 5.82 -6.47 -11.65
C GLU A 41 4.91 -6.23 -12.84
N ALA A 42 5.45 -6.42 -14.04
CA ALA A 42 4.69 -6.23 -15.26
C ALA A 42 3.99 -4.86 -15.27
N GLY A 43 4.57 -3.92 -14.56
CA GLY A 43 4.00 -2.58 -14.50
C GLY A 43 2.65 -2.56 -13.83
N LYS A 44 2.51 -3.34 -12.76
CA LYS A 44 1.24 -3.41 -12.02
C LYS A 44 1.37 -2.73 -10.66
N GLU A 45 0.38 -1.93 -10.31
CA GLU A 45 0.38 -1.22 -9.04
C GLU A 45 -0.09 -2.14 -7.91
N SER A 46 0.70 -2.23 -6.86
CA SER A 46 0.37 -3.07 -5.71
C SER A 46 0.29 -2.25 -4.43
N CYS A 47 -0.77 -2.46 -3.66
CA CYS A 47 -0.96 -1.74 -2.41
C CYS A 47 -0.81 -2.67 -1.22
N PHE A 48 0.13 -2.35 -0.34
CA PHE A 48 0.38 -3.16 0.85
C PHE A 48 -0.11 -2.45 2.11
N CYS A 49 -0.83 -3.18 2.95
CA CYS A 49 -1.35 -2.61 4.19
C CYS A 49 -0.94 -3.47 5.39
N TYR A 50 -1.00 -2.87 6.58
CA TYR A 50 -0.64 -3.57 7.80
C TYR A 50 -1.55 -3.17 8.95
N PHE A 51 -1.99 -4.16 9.73
CA PHE A 51 -2.87 -3.90 10.87
C PHE A 51 -2.61 -4.91 11.99
N ASP A 52 -2.94 -4.51 13.21
CA ASP A 52 -2.75 -5.38 14.36
C ASP A 52 -3.71 -6.57 14.32
N CYS A 53 -3.16 -7.76 14.50
CA CYS A 53 -3.96 -8.99 14.47
C CYS A 53 -3.84 -9.74 15.79
N SER A 54 -4.89 -10.48 16.15
CA SER A 54 -4.90 -11.25 17.39
C SER A 54 -4.37 -10.41 18.55
N LYS A 55 -4.67 -9.12 18.53
CA LYS A 55 -4.22 -8.21 19.58
C LYS A 55 -2.71 -8.15 19.65
N SER A 56 -2.08 -7.90 18.50
CA SER A 56 -0.62 -7.82 18.42
C SER A 56 -0.08 -6.88 19.49
N PRO A 57 1.23 -7.02 19.79
CA PRO A 57 1.91 -6.20 20.79
C PRO A 57 2.07 -4.75 20.34
N PRO A 58 2.50 -3.88 21.26
CA PRO A 58 2.70 -2.46 20.98
C PRO A 58 3.89 -2.22 20.06
N GLY A 59 4.64 -3.28 19.77
CA GLY A 59 5.80 -3.17 18.91
C GLY A 59 5.46 -3.42 17.45
N ALA A 60 5.89 -4.57 16.94
CA ALA A 60 5.63 -4.92 15.55
C ALA A 60 6.21 -6.29 15.22
N THR A 61 5.35 -7.19 14.74
CA THR A 61 5.77 -8.54 14.39
C THR A 61 4.76 -9.21 13.48
N PRO A 62 4.70 -8.76 12.22
CA PRO A 62 3.78 -9.31 11.21
C PRO A 62 4.15 -10.72 10.79
N ALA A 63 3.46 -11.25 9.79
CA ALA A 63 3.72 -12.59 9.28
C ALA A 63 4.27 -12.54 7.87
N PRO A 64 5.54 -12.15 7.74
CA PRO A 64 6.22 -12.06 6.43
C PRO A 64 6.48 -13.43 5.83
N PRO A 65 6.86 -13.45 4.53
CA PRO A 65 7.14 -14.68 3.80
C PRO A 65 8.43 -15.35 4.29
N GLY A 66 9.45 -14.55 4.53
CA GLY A 66 10.72 -15.08 5.00
C GLY A 66 11.43 -14.14 5.96
N ALA A 67 10.65 -13.36 6.70
CA ALA A 67 11.22 -12.42 7.66
C ALA A 67 12.15 -11.43 6.98
N ALA A 68 11.68 -10.83 5.90
CA ALA A 68 12.47 -9.86 5.16
C ALA A 68 11.62 -9.08 4.16
N PRO A 69 10.80 -8.15 4.68
CA PRO A 69 9.91 -7.33 3.86
C PRO A 69 10.68 -6.32 3.01
N PRO A 70 9.97 -5.70 2.04
CA PRO A 70 10.57 -4.71 1.15
C PRO A 70 10.91 -3.41 1.87
N PRO A 71 11.69 -2.55 1.20
CA PRO A 71 12.10 -1.26 1.76
C PRO A 71 10.94 -0.27 1.87
N ALA A 72 11.03 0.64 2.83
CA ALA A 72 9.99 1.64 3.04
C ALA A 72 10.47 2.76 3.95
N ALA A 73 10.27 4.00 3.51
CA ALA A 73 10.69 5.16 4.28
C ALA A 73 9.90 6.41 3.88
N GLY A 74 8.87 6.72 4.67
CA GLY A 74 8.05 7.89 4.37
C GLY A 74 6.72 7.52 3.75
N GLY A 75 6.08 8.49 3.12
CA GLY A 75 4.79 8.25 2.50
C GLY A 75 4.61 9.02 1.21
N SER A 76 3.41 8.95 0.64
CA SER A 76 3.11 9.66 -0.60
C SER A 76 4.21 9.41 -1.64
N PRO A 77 4.29 8.16 -2.12
CA PRO A 77 5.29 7.76 -3.12
C PRO A 77 5.02 8.37 -4.49
N SER A 78 6.00 9.08 -5.03
CA SER A 78 5.87 9.71 -6.32
C SER A 78 7.17 9.62 -7.12
N PRO A 79 7.49 8.41 -7.58
CA PRO A 79 8.71 8.16 -8.36
C PRO A 79 8.65 8.78 -9.75
N PRO A 80 9.80 8.82 -10.43
CA PRO A 80 9.90 9.39 -11.78
C PRO A 80 9.21 8.53 -12.83
N ALA A 81 9.36 8.90 -14.09
CA ALA A 81 8.75 8.15 -15.18
C ALA A 81 9.45 8.43 -16.51
N ASP A 82 10.74 8.77 -16.43
CA ASP A 82 11.52 9.07 -17.62
C ASP A 82 13.02 8.96 -17.33
N GLY A 83 13.48 9.75 -16.37
CA GLY A 83 14.89 9.72 -16.00
C GLY A 83 15.69 10.79 -16.74
N GLY A 84 16.98 10.53 -16.93
CA GLY A 84 17.83 11.47 -17.62
C GLY A 84 19.02 10.80 -18.28
N SER A 85 18.85 9.55 -18.68
CA SER A 85 19.92 8.80 -19.33
C SER A 85 19.44 7.41 -19.74
N PRO A 86 18.61 7.36 -20.79
CA PRO A 86 18.06 6.10 -21.31
C PRO A 86 19.12 5.24 -21.97
N PRO A 87 18.77 3.97 -22.25
CA PRO A 87 19.68 3.02 -22.88
C PRO A 87 19.95 3.37 -24.35
N PRO A 88 20.96 2.71 -24.94
CA PRO A 88 21.33 2.92 -26.35
C PRO A 88 20.29 2.39 -27.32
N PRO A 89 20.42 2.77 -28.59
CA PRO A 89 19.49 2.34 -29.65
C PRO A 89 19.63 0.86 -29.97
N ALA A 90 20.81 0.31 -29.71
CA ALA A 90 21.07 -1.10 -29.98
C ALA A 90 20.82 -1.44 -31.44
N ASP A 91 21.00 -0.46 -32.31
CA ASP A 91 20.80 -0.65 -33.75
C ASP A 91 22.12 -0.68 -34.49
N GLY A 92 22.13 -1.28 -35.67
CA GLY A 92 23.34 -1.37 -36.47
C GLY A 92 23.89 -2.77 -36.53
N GLY A 93 23.04 -3.76 -36.28
CA GLY A 93 23.46 -5.14 -36.32
C GLY A 93 22.87 -5.90 -37.48
N SER A 94 23.30 -5.56 -38.69
CA SER A 94 22.80 -6.21 -39.90
C SER A 94 23.50 -5.66 -41.14
N PRO A 95 24.65 -6.25 -41.47
CA PRO A 95 25.23 -7.36 -40.71
C PRO A 95 25.75 -6.92 -39.35
N PRO A 96 25.93 -7.89 -38.43
CA PRO A 96 26.43 -7.62 -37.08
C PRO A 96 27.88 -7.19 -37.07
N VAL A 97 28.11 -5.87 -37.02
CA VAL A 97 29.46 -5.33 -37.00
C VAL A 97 29.71 -4.52 -35.74
N ASP A 98 30.98 -4.31 -35.41
CA ASP A 98 31.35 -3.54 -34.22
C ASP A 98 31.01 -2.07 -34.41
N GLY A 99 30.42 -1.46 -33.38
CA GLY A 99 30.05 -0.07 -33.44
C GLY A 99 28.70 0.21 -32.81
N GLY A 100 28.58 1.36 -32.14
CA GLY A 100 27.33 1.71 -31.50
C GLY A 100 26.48 2.63 -32.34
N SER A 101 27.14 3.46 -33.15
CA SER A 101 26.44 4.39 -34.02
C SER A 101 25.63 5.41 -33.20
N PRO A 102 25.29 6.54 -33.83
CA PRO A 102 24.51 7.60 -33.17
C PRO A 102 23.07 7.18 -32.90
N PRO A 103 22.37 8.00 -32.10
CA PRO A 103 22.93 9.21 -31.51
C PRO A 103 23.97 8.91 -30.44
N PRO A 104 24.73 9.94 -30.03
CA PRO A 104 25.77 9.81 -29.01
C PRO A 104 25.20 9.55 -27.62
N PRO A 105 26.08 9.17 -26.69
CA PRO A 105 25.68 8.88 -25.30
C PRO A 105 25.27 10.14 -24.54
N SER A 106 24.22 10.02 -23.74
CA SER A 106 23.72 11.14 -22.96
C SER A 106 23.26 12.28 -23.87
N THR A 107 22.01 12.20 -24.31
CA THR A 107 21.45 13.22 -25.20
C THR A 107 19.99 13.49 -24.86
N HIS A 108 19.50 14.67 -25.23
CA HIS A 108 18.12 15.04 -24.98
C HIS A 108 17.17 14.31 -25.91
N ALA A 1 -5.89 -16.79 22.64
CA ALA A 1 -4.86 -17.64 22.03
C ALA A 1 -4.41 -17.07 20.70
N GLY A 2 -3.75 -15.91 20.75
CA GLY A 2 -3.27 -15.28 19.53
C GLY A 2 -2.74 -13.88 19.78
N SER A 3 -1.79 -13.45 18.96
CA SER A 3 -1.20 -12.13 19.09
C SER A 3 -0.12 -11.91 18.04
N LYS A 4 -0.41 -11.04 17.07
CA LYS A 4 0.54 -10.73 16.01
C LYS A 4 0.01 -9.62 15.11
N LEU A 5 0.65 -9.43 13.96
CA LEU A 5 0.25 -8.40 13.02
C LEU A 5 -0.14 -9.01 11.67
N CYS A 6 -1.04 -8.35 10.95
CA CYS A 6 -1.49 -8.83 9.65
C CYS A 6 -1.20 -7.80 8.57
N GLU A 7 -0.85 -8.28 7.38
CA GLU A 7 -0.54 -7.41 6.26
C GLU A 7 -1.15 -7.95 4.97
N LYS A 8 -1.73 -7.05 4.17
CA LYS A 8 -2.35 -7.43 2.91
C LYS A 8 -1.63 -6.78 1.72
N THR A 9 -1.71 -7.40 0.57
CA THR A 9 -1.08 -6.88 -0.64
C THR A 9 -2.11 -6.63 -1.74
N SER A 10 -3.05 -5.74 -1.46
CA SER A 10 -4.10 -5.40 -2.42
C SER A 10 -4.88 -6.65 -2.82
N LYS A 11 -5.49 -7.29 -1.84
CA LYS A 11 -6.27 -8.50 -2.08
C LYS A 11 -7.72 -8.14 -2.42
N THR A 12 -8.00 -6.85 -2.55
CA THR A 12 -9.34 -6.38 -2.87
C THR A 12 -9.36 -4.86 -3.05
N TYR A 13 -8.25 -4.32 -3.55
CA TYR A 13 -8.14 -2.89 -3.79
C TYR A 13 -8.70 -2.50 -5.15
N SER A 14 -7.98 -2.88 -6.20
CA SER A 14 -8.40 -2.58 -7.56
C SER A 14 -8.48 -1.07 -7.78
N GLY A 15 -8.54 -0.67 -9.05
CA GLY A 15 -8.61 0.74 -9.37
C GLY A 15 -7.26 1.42 -9.39
N LYS A 16 -7.20 2.62 -9.95
CA LYS A 16 -5.95 3.37 -10.03
C LYS A 16 -5.32 3.52 -8.65
N CYS A 17 -4.06 3.10 -8.54
CA CYS A 17 -3.34 3.19 -7.28
C CYS A 17 -3.06 4.64 -6.90
N ASP A 18 -2.81 4.89 -5.63
CA ASP A 18 -2.53 6.24 -5.14
C ASP A 18 -1.98 6.20 -3.71
N ASN A 19 -1.89 7.38 -3.09
CA ASN A 19 -1.39 7.47 -1.73
C ASN A 19 -2.53 7.36 -0.71
N LYS A 20 -3.37 8.39 -0.65
CA LYS A 20 -4.50 8.40 0.26
C LYS A 20 -5.55 7.35 -0.14
N LYS A 21 -5.67 7.13 -1.44
CA LYS A 21 -6.63 6.15 -1.94
C LYS A 21 -6.30 4.75 -1.44
N CYS A 22 -5.02 4.41 -1.46
CA CYS A 22 -4.58 3.09 -1.00
C CYS A 22 -4.91 2.89 0.48
N ASP A 23 -4.47 3.83 1.31
CA ASP A 23 -4.73 3.75 2.74
C ASP A 23 -6.22 3.66 3.03
N LYS A 24 -6.98 4.63 2.53
CA LYS A 24 -8.42 4.65 2.72
C LYS A 24 -9.07 3.37 2.21
N LYS A 25 -8.72 2.99 0.99
CA LYS A 25 -9.26 1.78 0.38
C LYS A 25 -8.86 0.54 1.18
N CYS A 26 -7.78 0.66 1.95
CA CYS A 26 -7.29 -0.44 2.77
C CYS A 26 -8.10 -0.57 4.05
N ILE A 27 -8.37 0.56 4.68
CA ILE A 27 -9.14 0.57 5.92
C ILE A 27 -10.65 0.47 5.64
N GLU A 28 -11.03 0.78 4.40
CA GLU A 28 -12.43 0.72 4.01
C GLU A 28 -12.80 -0.68 3.54
N TRP A 29 -11.87 -1.34 2.86
CA TRP A 29 -12.11 -2.68 2.35
C TRP A 29 -11.40 -3.71 3.22
N GLU A 30 -10.14 -3.47 3.53
CA GLU A 30 -9.36 -4.39 4.35
C GLU A 30 -9.40 -3.96 5.82
N LYS A 31 -10.05 -2.84 6.08
CA LYS A 31 -10.17 -2.32 7.44
C LYS A 31 -8.84 -2.40 8.17
N ALA A 32 -7.76 -2.14 7.44
CA ALA A 32 -6.42 -2.19 8.02
C ALA A 32 -6.13 -0.92 8.84
N GLN A 33 -4.87 -0.73 9.18
CA GLN A 33 -4.46 0.44 9.96
C GLN A 33 -3.67 1.42 9.10
N HIS A 34 -2.86 0.88 8.20
CA HIS A 34 -2.04 1.70 7.31
C HIS A 34 -1.97 1.10 5.91
N GLY A 35 -1.77 1.95 4.91
CA GLY A 35 -1.69 1.49 3.55
C GLY A 35 -0.49 2.05 2.81
N ALA A 36 -0.19 1.48 1.65
CA ALA A 36 0.95 1.92 0.85
C ALA A 36 0.76 1.55 -0.62
N CYS A 37 1.47 2.24 -1.50
CA CYS A 37 1.38 1.99 -2.93
C CYS A 37 2.78 1.80 -3.53
N HIS A 38 2.89 0.82 -4.43
CA HIS A 38 4.17 0.54 -5.08
C HIS A 38 3.96 0.11 -6.53
N LYS A 39 4.95 0.36 -7.37
CA LYS A 39 4.88 0.01 -8.78
C LYS A 39 5.57 -1.32 -9.04
N ARG A 40 4.88 -2.21 -9.75
CA ARG A 40 5.44 -3.52 -10.07
C ARG A 40 5.51 -3.74 -11.58
N GLU A 41 6.24 -4.75 -12.01
CA GLU A 41 6.37 -5.06 -13.42
C GLU A 41 5.02 -5.04 -14.12
N ALA A 42 5.04 -4.98 -15.45
CA ALA A 42 3.82 -4.96 -16.24
C ALA A 42 2.94 -3.77 -15.86
N GLY A 43 3.56 -2.76 -15.26
CA GLY A 43 2.83 -1.57 -14.86
C GLY A 43 1.71 -1.89 -13.89
N LYS A 44 1.95 -2.83 -12.99
CA LYS A 44 0.95 -3.23 -12.00
C LYS A 44 1.29 -2.66 -10.63
N GLU A 45 0.46 -1.74 -10.15
CA GLU A 45 0.67 -1.12 -8.85
C GLU A 45 0.08 -1.98 -7.73
N SER A 46 0.89 -2.27 -6.73
CA SER A 46 0.45 -3.09 -5.60
C SER A 46 0.23 -2.22 -4.36
N CYS A 47 -0.74 -2.63 -3.53
CA CYS A 47 -1.06 -1.90 -2.32
C CYS A 47 -0.71 -2.72 -1.08
N PHE A 48 0.15 -2.18 -0.23
CA PHE A 48 0.58 -2.85 0.98
C PHE A 48 -0.03 -2.19 2.21
N CYS A 49 -0.77 -2.97 3.00
CA CYS A 49 -1.40 -2.46 4.21
C CYS A 49 -1.05 -3.32 5.41
N TYR A 50 -0.99 -2.69 6.59
CA TYR A 50 -0.66 -3.38 7.82
C TYR A 50 -1.64 -3.03 8.93
N PHE A 51 -2.07 -4.05 9.68
CA PHE A 51 -3.01 -3.85 10.77
C PHE A 51 -2.78 -4.87 11.88
N ASP A 52 -3.08 -4.47 13.12
CA ASP A 52 -2.90 -5.35 14.27
C ASP A 52 -3.88 -6.52 14.22
N CYS A 53 -3.39 -7.71 14.55
CA CYS A 53 -4.22 -8.90 14.54
C CYS A 53 -4.16 -9.62 15.89
N SER A 54 -5.27 -10.24 16.27
CA SER A 54 -5.34 -10.96 17.54
C SER A 54 -5.17 -10.00 18.71
N LYS A 55 -3.93 -9.64 19.00
CA LYS A 55 -3.64 -8.73 20.10
C LYS A 55 -2.55 -7.73 19.70
N SER A 56 -1.66 -8.15 18.83
CA SER A 56 -0.57 -7.29 18.37
C SER A 56 0.17 -6.67 19.55
N PRO A 57 1.05 -7.46 20.17
CA PRO A 57 1.85 -7.00 21.32
C PRO A 57 2.89 -5.97 20.93
N PRO A 58 3.51 -5.35 21.94
CA PRO A 58 4.54 -4.32 21.74
C PRO A 58 5.83 -4.90 21.16
N GLY A 59 5.81 -5.18 19.86
CA GLY A 59 6.99 -5.73 19.21
C GLY A 59 6.64 -6.53 17.97
N ALA A 60 7.49 -7.50 17.63
CA ALA A 60 7.27 -8.33 16.45
C ALA A 60 7.01 -7.49 15.22
N THR A 61 6.57 -8.14 14.14
CA THR A 61 6.29 -7.45 12.89
C THR A 61 5.27 -8.21 12.06
N PRO A 62 4.63 -7.50 11.11
CA PRO A 62 3.62 -8.10 10.23
C PRO A 62 4.23 -9.08 9.23
N ALA A 63 3.53 -10.18 8.98
CA ALA A 63 4.00 -11.19 8.05
C ALA A 63 5.29 -11.83 8.53
N PRO A 64 5.60 -13.03 8.00
CA PRO A 64 6.80 -13.77 8.37
C PRO A 64 8.08 -13.10 7.86
N PRO A 65 9.23 -13.57 8.36
CA PRO A 65 10.53 -13.03 7.96
C PRO A 65 10.90 -13.39 6.53
N GLY A 66 11.64 -12.49 5.87
CA GLY A 66 12.04 -12.73 4.50
C GLY A 66 11.71 -11.57 3.59
N ALA A 67 11.89 -10.35 4.08
CA ALA A 67 11.60 -9.16 3.30
C ALA A 67 12.08 -7.90 4.03
N ALA A 68 13.03 -7.20 3.42
CA ALA A 68 13.57 -5.98 4.00
C ALA A 68 13.20 -4.76 3.16
N PRO A 69 11.94 -4.34 3.25
CA PRO A 69 11.43 -3.19 2.50
C PRO A 69 12.00 -1.87 3.02
N PRO A 70 11.80 -0.79 2.25
CA PRO A 70 12.28 0.55 2.61
C PRO A 70 11.53 1.13 3.79
N PRO A 71 12.07 2.23 4.35
CA PRO A 71 11.45 2.90 5.50
C PRO A 71 10.15 3.61 5.13
N ALA A 72 10.05 4.04 3.88
CA ALA A 72 8.86 4.72 3.39
C ALA A 72 8.95 4.99 1.89
N ALA A 73 7.80 4.96 1.21
CA ALA A 73 7.76 5.20 -0.23
C ALA A 73 7.29 6.62 -0.52
N GLY A 74 6.14 6.98 0.04
CA GLY A 74 5.59 8.31 -0.18
C GLY A 74 4.91 8.87 1.05
N GLY A 75 3.87 9.67 0.85
CA GLY A 75 3.15 10.26 1.95
C GLY A 75 2.22 9.27 2.63
N SER A 76 1.20 8.82 1.92
CA SER A 76 0.23 7.87 2.46
C SER A 76 -0.23 8.31 3.84
N PRO A 77 -0.99 9.42 3.88
CA PRO A 77 -1.52 9.96 5.14
C PRO A 77 -2.61 9.08 5.74
N SER A 78 -2.84 9.24 7.03
CA SER A 78 -3.86 8.44 7.74
C SER A 78 -4.85 9.35 8.45
N PRO A 79 -5.68 10.06 7.66
CA PRO A 79 -6.69 10.98 8.20
C PRO A 79 -7.82 10.24 8.90
N PRO A 80 -8.65 10.99 9.63
CA PRO A 80 -9.79 10.43 10.35
C PRO A 80 -10.91 9.95 9.43
N ALA A 81 -10.78 8.71 8.95
CA ALA A 81 -11.76 8.13 8.05
C ALA A 81 -12.44 6.93 8.68
N ASP A 82 -13.52 6.47 8.06
CA ASP A 82 -14.26 5.31 8.56
C ASP A 82 -14.85 5.60 9.94
N GLY A 83 -15.61 4.65 10.47
CA GLY A 83 -16.22 4.82 11.78
C GLY A 83 -16.69 3.51 12.38
N GLY A 84 -18.01 3.29 12.37
CA GLY A 84 -18.56 2.07 12.91
C GLY A 84 -18.96 1.08 11.85
N SER A 85 -18.08 0.11 11.58
CA SER A 85 -18.33 -0.89 10.56
C SER A 85 -17.43 -2.12 10.76
N PRO A 86 -17.67 -2.85 11.86
CA PRO A 86 -16.90 -4.05 12.19
C PRO A 86 -17.17 -5.20 11.23
N PRO A 87 -16.32 -6.24 11.30
CA PRO A 87 -16.45 -7.43 10.44
C PRO A 87 -17.68 -8.27 10.79
N PRO A 88 -18.01 -9.22 9.91
CA PRO A 88 -19.15 -10.10 10.10
C PRO A 88 -18.93 -11.10 11.23
N PRO A 89 -20.01 -11.78 11.65
CA PRO A 89 -19.96 -12.77 12.73
C PRO A 89 -19.20 -14.03 12.31
N ALA A 90 -17.89 -14.04 12.56
CA ALA A 90 -17.06 -15.19 12.23
C ALA A 90 -16.03 -15.45 13.30
N ASP A 91 -15.33 -14.39 13.72
CA ASP A 91 -14.30 -14.51 14.76
C ASP A 91 -14.92 -14.96 16.08
N GLY A 92 -14.08 -15.03 17.11
CA GLY A 92 -14.56 -15.44 18.42
C GLY A 92 -15.16 -14.29 19.21
N GLY A 93 -16.08 -14.61 20.12
CA GLY A 93 -16.72 -13.59 20.92
C GLY A 93 -16.18 -13.54 22.34
N SER A 94 -16.92 -14.15 23.26
CA SER A 94 -16.51 -14.18 24.67
C SER A 94 -16.22 -12.76 25.17
N PRO A 95 -17.26 -12.07 25.63
CA PRO A 95 -18.63 -12.63 25.67
C PRO A 95 -19.22 -12.78 24.28
N PRO A 96 -20.28 -13.61 24.18
CA PRO A 96 -20.97 -13.85 22.91
C PRO A 96 -21.75 -12.65 22.42
N VAL A 97 -21.20 -11.97 21.41
CA VAL A 97 -21.85 -10.79 20.85
C VAL A 97 -22.67 -11.14 19.61
N ASP A 98 -23.86 -10.56 19.52
CA ASP A 98 -24.75 -10.82 18.39
C ASP A 98 -25.85 -9.76 18.30
N GLY A 99 -26.58 -9.78 17.20
CA GLY A 99 -27.66 -8.82 17.01
C GLY A 99 -28.00 -8.61 15.56
N GLY A 100 -29.05 -7.82 15.30
CA GLY A 100 -29.46 -7.56 13.94
C GLY A 100 -29.23 -6.12 13.54
N SER A 101 -30.30 -5.34 13.45
CA SER A 101 -30.21 -3.94 13.06
C SER A 101 -29.55 -3.79 11.71
N PRO A 102 -30.26 -4.22 10.65
CA PRO A 102 -29.76 -4.15 9.27
C PRO A 102 -29.67 -2.71 8.76
N PRO A 103 -29.02 -2.53 7.61
CA PRO A 103 -28.40 -3.64 6.88
C PRO A 103 -27.18 -4.21 7.60
N PRO A 104 -26.71 -5.38 7.13
CA PRO A 104 -25.55 -6.05 7.72
C PRO A 104 -24.25 -5.30 7.44
N PRO A 105 -23.18 -5.69 8.16
CA PRO A 105 -21.86 -5.08 8.01
C PRO A 105 -21.21 -5.40 6.66
N SER A 106 -20.13 -4.70 6.36
CA SER A 106 -19.42 -4.90 5.10
C SER A 106 -18.98 -6.37 4.96
N THR A 107 -18.95 -6.85 3.72
CA THR A 107 -18.56 -8.22 3.44
C THR A 107 -17.88 -8.34 2.08
N HIS A 108 -18.61 -8.01 1.03
CA HIS A 108 -18.07 -8.07 -0.33
C HIS A 108 -17.65 -6.69 -0.82
N ALA A 1 -2.13 -19.00 20.71
CA ALA A 1 -2.58 -18.80 19.34
C ALA A 1 -3.27 -17.44 19.18
N GLY A 2 -2.58 -16.51 18.51
CA GLY A 2 -3.13 -15.19 18.30
C GLY A 2 -2.11 -14.09 18.51
N SER A 3 -2.59 -12.86 18.64
CA SER A 3 -1.71 -11.71 18.85
C SER A 3 -0.61 -11.68 17.78
N LYS A 4 -0.90 -11.04 16.66
CA LYS A 4 0.07 -10.93 15.57
C LYS A 4 -0.30 -9.80 14.63
N LEU A 5 0.54 -9.56 13.62
CA LEU A 5 0.30 -8.51 12.65
C LEU A 5 -0.11 -9.08 11.30
N CYS A 6 -1.10 -8.47 10.67
CA CYS A 6 -1.58 -8.92 9.37
C CYS A 6 -1.41 -7.83 8.32
N GLU A 7 -0.94 -8.22 7.14
CA GLU A 7 -0.73 -7.28 6.05
C GLU A 7 -1.52 -7.70 4.81
N LYS A 8 -2.11 -6.73 4.13
CA LYS A 8 -2.88 -6.99 2.92
C LYS A 8 -2.09 -6.62 1.67
N THR A 9 -2.35 -7.34 0.58
CA THR A 9 -1.67 -7.08 -0.68
C THR A 9 -2.66 -6.72 -1.78
N SER A 10 -3.38 -5.63 -1.60
CA SER A 10 -4.37 -5.18 -2.58
C SER A 10 -5.50 -6.19 -2.69
N LYS A 11 -5.69 -6.99 -1.65
CA LYS A 11 -6.74 -7.99 -1.63
C LYS A 11 -8.09 -7.38 -2.04
N THR A 12 -8.23 -6.08 -1.81
CA THR A 12 -9.47 -5.38 -2.15
C THR A 12 -9.19 -4.26 -3.15
N TYR A 13 -8.02 -3.65 -3.05
CA TYR A 13 -7.64 -2.55 -3.93
C TYR A 13 -7.92 -2.93 -5.39
N SER A 14 -7.25 -3.98 -5.87
CA SER A 14 -7.42 -4.43 -7.24
C SER A 14 -6.80 -3.42 -8.22
N GLY A 15 -7.51 -2.32 -8.45
CA GLY A 15 -7.03 -1.30 -9.36
C GLY A 15 -6.74 0.01 -8.67
N LYS A 16 -6.55 1.07 -9.45
CA LYS A 16 -6.27 2.39 -8.90
C LYS A 16 -4.94 2.40 -8.16
N CYS A 17 -4.53 3.58 -7.72
CA CYS A 17 -3.27 3.72 -6.98
C CYS A 17 -3.09 5.15 -6.50
N ASP A 18 -2.73 5.30 -5.22
CA ASP A 18 -2.52 6.60 -4.63
C ASP A 18 -1.98 6.48 -3.21
N ASN A 19 -2.01 7.58 -2.46
CA ASN A 19 -1.51 7.59 -1.09
C ASN A 19 -2.65 7.35 -0.10
N LYS A 20 -3.56 8.32 -0.01
CA LYS A 20 -4.70 8.22 0.90
C LYS A 20 -5.67 7.13 0.43
N LYS A 21 -5.79 6.98 -0.89
CA LYS A 21 -6.68 5.99 -1.46
C LYS A 21 -6.26 4.57 -1.06
N CYS A 22 -4.95 4.32 -1.12
CA CYS A 22 -4.41 3.01 -0.76
C CYS A 22 -4.73 2.68 0.69
N ASP A 23 -4.50 3.63 1.58
CA ASP A 23 -4.75 3.44 3.00
C ASP A 23 -6.25 3.35 3.27
N LYS A 24 -6.99 4.36 2.83
CA LYS A 24 -8.43 4.40 3.02
C LYS A 24 -9.09 3.12 2.50
N LYS A 25 -8.75 2.74 1.28
CA LYS A 25 -9.29 1.54 0.67
C LYS A 25 -8.92 0.31 1.48
N CYS A 26 -7.86 0.41 2.27
CA CYS A 26 -7.40 -0.70 3.09
C CYS A 26 -8.16 -0.74 4.42
N ILE A 27 -8.34 0.42 5.02
CA ILE A 27 -9.04 0.53 6.29
C ILE A 27 -10.55 0.45 6.09
N GLU A 28 -10.99 0.68 4.85
CA GLU A 28 -12.41 0.64 4.53
C GLU A 28 -12.86 -0.79 4.24
N TRP A 29 -12.04 -1.53 3.51
CA TRP A 29 -12.35 -2.91 3.16
C TRP A 29 -11.54 -3.88 4.01
N GLU A 30 -10.23 -3.68 4.05
CA GLU A 30 -9.34 -4.54 4.83
C GLU A 30 -9.26 -4.06 6.28
N LYS A 31 -9.96 -2.97 6.58
CA LYS A 31 -9.97 -2.40 7.93
C LYS A 31 -8.55 -2.38 8.50
N ALA A 32 -7.57 -2.11 7.65
CA ALA A 32 -6.18 -2.05 8.08
C ALA A 32 -5.89 -0.74 8.81
N GLN A 33 -4.61 -0.44 8.99
CA GLN A 33 -4.20 0.78 9.66
C GLN A 33 -3.36 1.66 8.75
N HIS A 34 -2.38 1.05 8.09
CA HIS A 34 -1.50 1.79 7.19
C HIS A 34 -1.43 1.09 5.83
N GLY A 35 -1.40 1.88 4.76
CA GLY A 35 -1.33 1.32 3.42
C GLY A 35 -0.46 2.15 2.49
N ALA A 36 0.15 1.49 1.51
CA ALA A 36 1.01 2.17 0.55
C ALA A 36 0.84 1.59 -0.84
N CYS A 37 1.29 2.34 -1.85
CA CYS A 37 1.19 1.89 -3.23
C CYS A 37 2.57 1.85 -3.89
N HIS A 38 2.74 0.93 -4.84
CA HIS A 38 4.01 0.80 -5.54
C HIS A 38 3.80 0.19 -6.93
N LYS A 39 4.55 0.68 -7.90
CA LYS A 39 4.44 0.19 -9.27
C LYS A 39 5.45 -0.93 -9.52
N ARG A 40 4.96 -2.04 -10.09
CA ARG A 40 5.82 -3.18 -10.38
C ARG A 40 5.21 -4.05 -11.47
N GLU A 41 5.95 -5.05 -11.90
CA GLU A 41 5.49 -5.97 -12.94
C GLU A 41 4.92 -5.19 -14.14
N ALA A 42 5.80 -4.83 -15.06
CA ALA A 42 5.40 -4.09 -16.25
C ALA A 42 4.80 -2.74 -15.88
N GLY A 43 3.51 -2.73 -15.56
CA GLY A 43 2.84 -1.50 -15.18
C GLY A 43 1.68 -1.73 -14.23
N LYS A 44 1.85 -2.70 -13.33
CA LYS A 44 0.81 -3.03 -12.37
C LYS A 44 1.17 -2.51 -10.98
N GLU A 45 0.37 -1.59 -10.46
CA GLU A 45 0.62 -1.02 -9.14
C GLU A 45 -0.04 -1.85 -8.05
N SER A 46 0.74 -2.23 -7.05
CA SER A 46 0.23 -3.04 -5.95
C SER A 46 0.11 -2.21 -4.67
N CYS A 47 -0.89 -2.53 -3.86
CA CYS A 47 -1.12 -1.81 -2.61
C CYS A 47 -0.87 -2.73 -1.42
N PHE A 48 0.09 -2.35 -0.58
CA PHE A 48 0.43 -3.13 0.60
C PHE A 48 0.10 -2.36 1.88
N CYS A 49 -0.71 -2.97 2.74
CA CYS A 49 -1.11 -2.33 3.99
C CYS A 49 -0.84 -3.26 5.17
N TYR A 50 -0.52 -2.67 6.32
CA TYR A 50 -0.23 -3.44 7.52
C TYR A 50 -1.17 -3.04 8.66
N PHE A 51 -1.67 -4.03 9.38
CA PHE A 51 -2.57 -3.79 10.50
C PHE A 51 -2.43 -4.87 11.56
N ASP A 52 -2.61 -4.48 12.82
CA ASP A 52 -2.51 -5.42 13.93
C ASP A 52 -3.75 -6.29 14.03
N CYS A 53 -3.56 -7.60 13.97
CA CYS A 53 -4.67 -8.54 14.05
C CYS A 53 -4.59 -9.37 15.33
N SER A 54 -5.75 -9.81 15.82
CA SER A 54 -5.81 -10.60 17.03
C SER A 54 -5.10 -9.90 18.19
N LYS A 55 -5.15 -8.57 18.16
CA LYS A 55 -4.50 -7.78 19.20
C LYS A 55 -2.98 -7.93 19.15
N SER A 56 -2.33 -7.08 18.36
CA SER A 56 -0.88 -7.14 18.22
C SER A 56 -0.24 -5.91 18.87
N PRO A 57 1.07 -6.02 19.16
CA PRO A 57 1.84 -4.94 19.78
C PRO A 57 2.04 -3.75 18.84
N PRO A 58 2.55 -2.65 19.38
CA PRO A 58 2.81 -1.43 18.61
C PRO A 58 3.97 -1.59 17.62
N GLY A 59 4.65 -2.73 17.72
CA GLY A 59 5.77 -2.99 16.83
C GLY A 59 5.34 -3.63 15.53
N ALA A 60 5.75 -3.03 14.41
CA ALA A 60 5.41 -3.55 13.10
C ALA A 60 6.02 -4.93 12.87
N THR A 61 5.19 -5.87 12.41
CA THR A 61 5.66 -7.23 12.15
C THR A 61 4.63 -8.02 11.37
N PRO A 62 4.41 -7.63 10.10
CA PRO A 62 3.45 -8.29 9.22
C PRO A 62 3.90 -9.68 8.81
N ALA A 63 3.30 -10.71 9.43
CA ALA A 63 3.64 -12.09 9.12
C ALA A 63 5.15 -12.28 9.06
N PRO A 64 5.80 -12.28 10.23
CA PRO A 64 7.25 -12.45 10.34
C PRO A 64 7.70 -13.87 10.00
N PRO A 65 8.98 -14.01 9.66
CA PRO A 65 9.55 -15.31 9.31
C PRO A 65 9.66 -16.25 10.50
N GLY A 66 9.82 -15.68 11.68
CA GLY A 66 9.91 -16.48 12.89
C GLY A 66 10.67 -15.77 14.00
N ALA A 67 11.44 -14.75 13.63
CA ALA A 67 12.22 -13.99 14.60
C ALA A 67 11.43 -12.79 15.11
N ALA A 68 10.40 -12.39 14.35
CA ALA A 68 9.57 -11.26 14.72
C ALA A 68 10.42 -10.07 15.16
N PRO A 69 11.25 -9.57 14.23
CA PRO A 69 12.13 -8.42 14.50
C PRO A 69 11.35 -7.12 14.68
N PRO A 70 12.04 -6.07 15.15
CA PRO A 70 11.44 -4.76 15.38
C PRO A 70 11.10 -4.05 14.07
N PRO A 71 10.31 -2.97 14.17
CA PRO A 71 9.89 -2.19 13.00
C PRO A 71 11.05 -1.41 12.37
N ALA A 72 10.73 -0.53 11.44
CA ALA A 72 11.74 0.28 10.77
C ALA A 72 11.19 1.65 10.40
N ALA A 73 10.38 1.70 9.35
CA ALA A 73 9.78 2.95 8.89
C ALA A 73 8.46 2.70 8.18
N GLY A 74 7.93 3.74 7.54
CA GLY A 74 6.68 3.62 6.82
C GLY A 74 6.46 4.74 5.83
N GLY A 75 5.22 4.90 5.38
CA GLY A 75 4.91 5.94 4.42
C GLY A 75 3.42 6.23 4.35
N SER A 76 3.00 6.93 3.30
CA SER A 76 1.60 7.28 3.12
C SER A 76 1.12 8.19 4.25
N PRO A 77 1.59 9.45 4.23
CA PRO A 77 1.22 10.44 5.25
C PRO A 77 -0.24 10.87 5.12
N SER A 78 -1.03 10.55 6.15
CA SER A 78 -2.44 10.91 6.16
C SER A 78 -3.09 10.54 7.50
N PRO A 79 -4.24 11.16 7.79
CA PRO A 79 -4.98 10.92 9.03
C PRO A 79 -5.60 9.52 9.07
N PRO A 80 -6.07 9.12 10.27
CA PRO A 80 -6.70 7.82 10.46
C PRO A 80 -8.06 7.71 9.78
N ALA A 81 -8.65 6.52 9.82
CA ALA A 81 -9.95 6.29 9.21
C ALA A 81 -11.06 6.30 10.26
N ASP A 82 -12.30 6.15 9.79
CA ASP A 82 -13.45 6.14 10.69
C ASP A 82 -13.85 4.71 11.04
N GLY A 83 -13.54 3.78 10.14
CA GLY A 83 -13.88 2.38 10.36
C GLY A 83 -15.29 2.07 9.95
N GLY A 84 -15.46 1.55 8.74
CA GLY A 84 -16.78 1.22 8.24
C GLY A 84 -16.75 0.08 7.23
N SER A 85 -17.89 -0.54 7.01
CA SER A 85 -18.00 -1.65 6.06
C SER A 85 -16.97 -2.73 6.39
N PRO A 86 -17.20 -3.45 7.51
CA PRO A 86 -16.31 -4.52 7.95
C PRO A 86 -16.37 -5.74 7.05
N PRO A 87 -15.42 -6.67 7.23
CA PRO A 87 -15.34 -7.90 6.43
C PRO A 87 -16.48 -8.86 6.75
N PRO A 88 -16.63 -9.89 5.91
CA PRO A 88 -17.68 -10.91 6.08
C PRO A 88 -17.41 -11.81 7.29
N PRO A 89 -18.43 -12.59 7.67
CA PRO A 89 -18.33 -13.52 8.81
C PRO A 89 -17.41 -14.69 8.52
N ALA A 90 -16.17 -14.60 9.01
CA ALA A 90 -15.19 -15.66 8.81
C ALA A 90 -14.01 -15.51 9.76
N ASP A 91 -13.21 -16.56 9.87
CA ASP A 91 -12.04 -16.54 10.75
C ASP A 91 -10.80 -16.11 9.98
N GLY A 92 -10.42 -16.89 8.98
CA GLY A 92 -9.24 -16.57 8.18
C GLY A 92 -7.95 -16.98 8.86
N GLY A 93 -7.19 -17.85 8.22
CA GLY A 93 -5.93 -18.31 8.78
C GLY A 93 -5.75 -19.81 8.65
N SER A 94 -4.50 -20.24 8.46
CA SER A 94 -4.21 -21.65 8.32
C SER A 94 -5.01 -22.27 7.18
N PRO A 95 -4.47 -22.19 5.95
CA PRO A 95 -3.18 -21.54 5.71
C PRO A 95 -3.24 -20.03 5.89
N PRO A 96 -2.06 -19.40 6.05
CA PRO A 96 -1.96 -17.95 6.25
C PRO A 96 -2.31 -17.17 4.98
N VAL A 97 -2.22 -15.85 5.06
CA VAL A 97 -2.52 -14.99 3.92
C VAL A 97 -4.00 -15.09 3.53
N ASP A 98 -4.52 -14.02 2.95
CA ASP A 98 -5.92 -13.99 2.54
C ASP A 98 -6.86 -14.22 3.73
N GLY A 99 -8.15 -14.18 3.47
CA GLY A 99 -9.12 -14.41 4.53
C GLY A 99 -10.38 -13.57 4.34
N GLY A 100 -11.25 -14.02 3.46
CA GLY A 100 -12.49 -13.30 3.20
C GLY A 100 -13.48 -14.11 2.37
N SER A 101 -13.26 -14.15 1.07
CA SER A 101 -14.14 -14.89 0.17
C SER A 101 -15.55 -14.30 0.19
N PRO A 102 -16.33 -14.60 -0.86
CA PRO A 102 -17.71 -14.13 -0.99
C PRO A 102 -18.65 -14.78 0.03
N PRO A 103 -19.86 -14.23 0.14
CA PRO A 103 -20.29 -13.08 -0.65
C PRO A 103 -19.57 -11.79 -0.25
N PRO A 104 -19.70 -10.75 -1.07
CA PRO A 104 -19.07 -9.45 -0.81
C PRO A 104 -19.71 -8.72 0.37
N PRO A 105 -19.03 -7.65 0.83
CA PRO A 105 -19.52 -6.85 1.96
C PRO A 105 -20.76 -6.04 1.61
N SER A 106 -21.16 -5.15 2.52
CA SER A 106 -22.33 -4.31 2.30
C SER A 106 -22.10 -3.33 1.16
N THR A 107 -22.51 -3.73 -0.04
CA THR A 107 -22.35 -2.89 -1.22
C THR A 107 -23.70 -2.44 -1.77
N HIS A 108 -23.80 -1.17 -2.11
CA HIS A 108 -25.04 -0.62 -2.65
C HIS A 108 -26.20 -0.84 -1.68
N ALA A 1 -5.91 -16.32 21.32
CA ALA A 1 -5.21 -15.11 21.69
C ALA A 1 -3.79 -15.10 21.13
N GLY A 2 -3.67 -15.37 19.83
CA GLY A 2 -2.36 -15.39 19.20
C GLY A 2 -1.97 -14.04 18.61
N SER A 3 -1.51 -13.14 19.47
CA SER A 3 -1.11 -11.82 19.04
C SER A 3 -0.15 -11.90 17.85
N LYS A 4 -0.51 -11.24 16.76
CA LYS A 4 0.32 -11.23 15.55
C LYS A 4 -0.07 -10.09 14.63
N LEU A 5 0.77 -9.82 13.64
CA LEU A 5 0.50 -8.75 12.68
C LEU A 5 0.11 -9.32 11.32
N CYS A 6 -0.84 -8.65 10.66
CA CYS A 6 -1.32 -9.10 9.36
C CYS A 6 -1.11 -8.00 8.31
N GLU A 7 -0.80 -8.41 7.09
CA GLU A 7 -0.60 -7.46 6.00
C GLU A 7 -1.33 -7.90 4.73
N LYS A 8 -1.95 -6.95 4.06
CA LYS A 8 -2.70 -7.23 2.83
C LYS A 8 -1.94 -6.73 1.61
N THR A 9 -2.17 -7.38 0.47
CA THR A 9 -1.51 -6.99 -0.78
C THR A 9 -2.53 -6.63 -1.85
N SER A 10 -3.33 -5.60 -1.57
CA SER A 10 -4.35 -5.15 -2.51
C SER A 10 -5.28 -6.31 -2.90
N LYS A 11 -5.87 -6.95 -1.90
CA LYS A 11 -6.77 -8.07 -2.13
C LYS A 11 -8.07 -7.59 -2.77
N THR A 12 -8.37 -6.31 -2.61
CA THR A 12 -9.59 -5.72 -3.18
C THR A 12 -9.44 -4.21 -3.34
N TYR A 13 -8.47 -3.81 -4.16
CA TYR A 13 -8.23 -2.39 -4.41
C TYR A 13 -8.39 -2.06 -5.89
N SER A 14 -8.80 -3.05 -6.67
CA SER A 14 -8.98 -2.87 -8.10
C SER A 14 -9.60 -1.52 -8.41
N GLY A 15 -8.79 -0.62 -8.96
CA GLY A 15 -9.28 0.71 -9.29
C GLY A 15 -8.20 1.77 -9.13
N LYS A 16 -7.52 2.10 -10.22
CA LYS A 16 -6.47 3.10 -10.20
C LYS A 16 -5.55 2.89 -8.99
N CYS A 17 -4.73 3.90 -8.69
CA CYS A 17 -3.80 3.83 -7.57
C CYS A 17 -3.51 5.22 -7.03
N ASP A 18 -3.23 5.30 -5.73
CA ASP A 18 -2.91 6.58 -5.09
C ASP A 18 -2.39 6.36 -3.68
N ASN A 19 -2.29 7.43 -2.91
CA ASN A 19 -1.81 7.36 -1.54
C ASN A 19 -2.96 7.23 -0.56
N LYS A 20 -3.77 8.29 -0.45
CA LYS A 20 -4.91 8.30 0.45
C LYS A 20 -5.98 7.32 -0.01
N LYS A 21 -6.15 7.21 -1.32
CA LYS A 21 -7.14 6.31 -1.89
C LYS A 21 -6.83 4.85 -1.51
N CYS A 22 -5.55 4.53 -1.42
CA CYS A 22 -5.13 3.19 -1.06
C CYS A 22 -5.23 2.97 0.45
N ASP A 23 -4.55 3.81 1.21
CA ASP A 23 -4.56 3.72 2.67
C ASP A 23 -5.99 3.71 3.19
N LYS A 24 -6.84 4.55 2.61
CA LYS A 24 -8.23 4.64 3.02
C LYS A 24 -8.97 3.34 2.72
N LYS A 25 -8.83 2.84 1.51
CA LYS A 25 -9.48 1.59 1.10
C LYS A 25 -9.01 0.43 1.97
N CYS A 26 -7.81 0.54 2.52
CA CYS A 26 -7.25 -0.50 3.37
C CYS A 26 -8.02 -0.58 4.69
N ILE A 27 -8.17 0.56 5.36
CA ILE A 27 -8.88 0.61 6.63
C ILE A 27 -10.40 0.61 6.41
N GLU A 28 -10.81 0.94 5.20
CA GLU A 28 -12.22 0.99 4.86
C GLU A 28 -12.74 -0.40 4.48
N TRP A 29 -11.97 -1.11 3.67
CA TRP A 29 -12.35 -2.45 3.24
C TRP A 29 -11.58 -3.52 4.02
N GLU A 30 -10.25 -3.37 4.05
CA GLU A 30 -9.40 -4.32 4.77
C GLU A 30 -9.31 -3.97 6.25
N LYS A 31 -9.97 -2.88 6.63
CA LYS A 31 -9.96 -2.43 8.02
C LYS A 31 -8.56 -2.49 8.60
N ALA A 32 -7.57 -2.23 7.76
CA ALA A 32 -6.17 -2.25 8.19
C ALA A 32 -5.81 -0.98 8.95
N GLN A 33 -4.52 -0.78 9.18
CA GLN A 33 -4.04 0.41 9.89
C GLN A 33 -3.35 1.38 8.94
N HIS A 34 -2.45 0.84 8.13
CA HIS A 34 -1.72 1.67 7.17
C HIS A 34 -1.56 0.95 5.83
N GLY A 35 -1.46 1.71 4.74
CA GLY A 35 -1.32 1.12 3.43
C GLY A 35 -0.57 2.03 2.48
N ALA A 36 -0.02 1.44 1.42
CA ALA A 36 0.72 2.21 0.42
C ALA A 36 0.67 1.53 -0.95
N CYS A 37 0.89 2.31 -2.00
CA CYS A 37 0.85 1.79 -3.35
C CYS A 37 2.19 2.02 -4.06
N HIS A 38 2.64 1.03 -4.82
CA HIS A 38 3.89 1.13 -5.55
C HIS A 38 3.82 0.39 -6.88
N LYS A 39 4.55 0.88 -7.87
CA LYS A 39 4.57 0.25 -9.18
C LYS A 39 5.71 -0.75 -9.30
N ARG A 40 5.38 -1.95 -9.77
CA ARG A 40 6.38 -3.00 -9.93
C ARG A 40 5.85 -4.12 -10.83
N GLU A 41 6.66 -5.17 -10.99
CA GLU A 41 6.28 -6.30 -11.84
C GLU A 41 5.76 -5.82 -13.18
N ALA A 42 6.67 -5.67 -14.14
CA ALA A 42 6.31 -5.21 -15.48
C ALA A 42 5.76 -3.79 -15.45
N GLY A 43 4.52 -3.65 -15.02
CA GLY A 43 3.90 -2.33 -14.96
C GLY A 43 2.61 -2.34 -14.16
N LYS A 44 2.55 -3.18 -13.14
CA LYS A 44 1.37 -3.29 -12.29
C LYS A 44 1.65 -2.72 -10.90
N GLU A 45 0.75 -1.86 -10.43
CA GLU A 45 0.89 -1.25 -9.11
C GLU A 45 0.17 -2.07 -8.05
N SER A 46 0.89 -2.41 -6.98
CA SER A 46 0.33 -3.20 -5.90
C SER A 46 0.23 -2.37 -4.61
N CYS A 47 -0.77 -2.68 -3.79
CA CYS A 47 -0.98 -1.97 -2.54
C CYS A 47 -0.69 -2.86 -1.35
N PHE A 48 0.18 -2.40 -0.45
CA PHE A 48 0.54 -3.17 0.74
C PHE A 48 0.08 -2.45 2.00
N CYS A 49 -0.67 -3.17 2.83
CA CYS A 49 -1.19 -2.60 4.07
C CYS A 49 -0.82 -3.49 5.26
N TYR A 50 -0.77 -2.90 6.45
CA TYR A 50 -0.44 -3.64 7.66
C TYR A 50 -1.31 -3.19 8.83
N PHE A 51 -1.78 -4.15 9.61
CA PHE A 51 -2.63 -3.87 10.76
C PHE A 51 -2.42 -4.90 11.86
N ASP A 52 -2.71 -4.51 13.10
CA ASP A 52 -2.56 -5.41 14.25
C ASP A 52 -3.58 -6.53 14.19
N CYS A 53 -3.11 -7.76 14.36
CA CYS A 53 -3.99 -8.93 14.33
C CYS A 53 -4.05 -9.60 15.70
N SER A 54 -5.18 -10.23 15.99
CA SER A 54 -5.36 -10.90 17.27
C SER A 54 -5.38 -9.89 18.43
N LYS A 55 -4.20 -9.44 18.82
CA LYS A 55 -4.08 -8.48 19.90
C LYS A 55 -2.72 -7.79 19.88
N SER A 56 -2.12 -7.73 18.69
CA SER A 56 -0.81 -7.10 18.52
C SER A 56 -0.90 -5.60 18.78
N PRO A 57 0.18 -5.04 19.36
CA PRO A 57 0.25 -3.60 19.67
C PRO A 57 0.35 -2.74 18.42
N PRO A 58 0.19 -1.42 18.60
CA PRO A 58 0.26 -0.46 17.49
C PRO A 58 1.67 -0.32 16.93
N GLY A 59 1.89 -0.87 15.74
CA GLY A 59 3.20 -0.79 15.11
C GLY A 59 3.74 -2.15 14.73
N ALA A 60 4.90 -2.50 15.27
CA ALA A 60 5.53 -3.78 14.98
C ALA A 60 5.61 -4.02 13.48
N THR A 61 5.94 -5.25 13.10
CA THR A 61 6.05 -5.62 11.69
C THR A 61 5.15 -6.79 11.35
N PRO A 62 4.68 -6.83 10.09
CA PRO A 62 3.80 -7.90 9.61
C PRO A 62 4.51 -9.24 9.49
N ALA A 63 3.79 -10.32 9.80
CA ALA A 63 4.37 -11.65 9.72
C ALA A 63 5.52 -11.82 10.71
N PRO A 64 5.86 -13.08 11.02
CA PRO A 64 6.94 -13.40 11.95
C PRO A 64 8.31 -13.08 11.37
N PRO A 65 9.34 -13.09 12.23
CA PRO A 65 10.72 -12.81 11.83
C PRO A 65 11.30 -13.92 10.95
N GLY A 66 11.81 -13.54 9.78
CA GLY A 66 12.39 -14.51 8.87
C GLY A 66 12.77 -13.90 7.54
N ALA A 67 11.88 -13.08 6.99
CA ALA A 67 12.12 -12.43 5.71
C ALA A 67 11.16 -11.26 5.49
N ALA A 68 11.11 -10.35 6.45
CA ALA A 68 10.23 -9.19 6.36
C ALA A 68 10.99 -7.91 6.65
N PRO A 69 11.82 -7.48 5.68
CA PRO A 69 12.62 -6.26 5.81
C PRO A 69 11.76 -5.00 5.77
N PRO A 70 12.37 -3.85 6.13
CA PRO A 70 11.68 -2.56 6.14
C PRO A 70 11.36 -2.07 4.73
N PRO A 71 10.51 -1.03 4.66
CA PRO A 71 10.11 -0.44 3.38
C PRO A 71 11.24 0.32 2.70
N ALA A 72 10.99 0.81 1.49
CA ALA A 72 11.99 1.55 0.74
C ALA A 72 11.76 3.05 0.86
N ALA A 73 12.67 3.83 0.26
CA ALA A 73 12.56 5.28 0.30
C ALA A 73 11.32 5.76 -0.42
N GLY A 74 10.85 6.94 -0.06
CA GLY A 74 9.65 7.50 -0.68
C GLY A 74 8.39 7.15 0.07
N GLY A 75 7.48 8.12 0.18
CA GLY A 75 6.23 7.89 0.89
C GLY A 75 5.12 8.79 0.40
N SER A 76 3.88 8.36 0.62
CA SER A 76 2.72 9.13 0.20
C SER A 76 2.74 9.37 -1.31
N PRO A 77 2.54 8.30 -2.08
CA PRO A 77 2.54 8.36 -3.54
C PRO A 77 1.33 9.09 -4.10
N SER A 78 1.40 10.42 -4.15
CA SER A 78 0.31 11.23 -4.64
C SER A 78 0.72 12.70 -4.74
N PRO A 79 1.56 13.00 -5.74
CA PRO A 79 2.05 14.37 -5.98
C PRO A 79 0.95 15.31 -6.48
N PRO A 80 1.24 16.61 -6.47
CA PRO A 80 0.29 17.63 -6.93
C PRO A 80 0.06 17.59 -8.43
N ALA A 81 -0.76 16.64 -8.88
CA ALA A 81 -1.06 16.50 -10.29
C ALA A 81 0.21 16.28 -11.10
N ASP A 82 1.20 15.66 -10.47
CA ASP A 82 2.47 15.39 -11.15
C ASP A 82 3.12 16.68 -11.62
N GLY A 83 2.93 17.76 -10.86
CA GLY A 83 3.50 19.04 -11.21
C GLY A 83 3.81 19.90 -10.00
N GLY A 84 2.98 20.91 -9.78
CA GLY A 84 3.18 21.80 -8.64
C GLY A 84 1.87 22.23 -8.01
N SER A 85 1.98 22.97 -6.90
CA SER A 85 0.79 23.45 -6.20
C SER A 85 1.18 24.42 -5.09
N PRO A 86 1.62 25.63 -5.48
CA PRO A 86 2.03 26.67 -4.55
C PRO A 86 0.85 27.25 -3.76
N PRO A 87 1.15 28.02 -2.72
CA PRO A 87 0.13 28.64 -1.86
C PRO A 87 -0.62 29.76 -2.58
N PRO A 88 -1.73 30.21 -1.99
CA PRO A 88 -2.56 31.28 -2.56
C PRO A 88 -1.86 32.64 -2.51
N PRO A 89 -2.43 33.62 -3.23
CA PRO A 89 -1.87 34.98 -3.30
C PRO A 89 -2.04 35.72 -1.97
N ALA A 90 -3.06 35.34 -1.21
CA ALA A 90 -3.32 35.98 0.08
C ALA A 90 -4.26 35.13 0.93
N ASP A 91 -5.55 35.15 0.58
CA ASP A 91 -6.55 34.38 1.31
C ASP A 91 -7.80 34.18 0.46
N GLY A 92 -8.69 33.31 0.92
CA GLY A 92 -9.92 33.04 0.19
C GLY A 92 -10.99 34.08 0.45
N GLY A 93 -10.87 34.80 1.57
CA GLY A 93 -11.84 35.82 1.92
C GLY A 93 -12.29 35.72 3.37
N SER A 94 -13.30 36.50 3.71
CA SER A 94 -13.83 36.51 5.07
C SER A 94 -15.01 37.47 5.20
N PRO A 95 -16.22 36.96 4.89
CA PRO A 95 -16.41 35.57 4.47
C PRO A 95 -15.84 35.30 3.08
N PRO A 96 -15.63 34.02 2.76
CA PRO A 96 -15.09 33.61 1.47
C PRO A 96 -16.08 33.82 0.33
N VAL A 97 -16.03 35.00 -0.27
CA VAL A 97 -16.93 35.34 -1.37
C VAL A 97 -16.36 34.87 -2.70
N ASP A 98 -17.25 34.47 -3.61
CA ASP A 98 -16.84 34.00 -4.92
C ASP A 98 -15.95 32.76 -4.80
N GLY A 99 -15.52 32.23 -5.95
CA GLY A 99 -14.67 31.06 -5.94
C GLY A 99 -13.22 31.39 -5.59
N GLY A 100 -12.31 30.99 -6.46
CA GLY A 100 -10.90 31.26 -6.22
C GLY A 100 -10.34 32.34 -7.14
N SER A 101 -10.99 32.54 -8.28
CA SER A 101 -10.56 33.54 -9.24
C SER A 101 -9.17 33.21 -9.78
N PRO A 102 -8.83 33.80 -10.93
CA PRO A 102 -7.52 33.58 -11.57
C PRO A 102 -6.39 34.23 -10.79
N PRO A 103 -5.15 33.88 -11.18
CA PRO A 103 -4.89 32.95 -12.28
C PRO A 103 -5.27 31.52 -11.93
N PRO A 104 -5.31 30.65 -12.94
CA PRO A 104 -5.67 29.24 -12.77
C PRO A 104 -4.60 28.46 -12.01
N PRO A 105 -4.94 27.23 -11.58
CA PRO A 105 -4.03 26.37 -10.85
C PRO A 105 -2.89 25.84 -11.72
N SER A 106 -2.11 24.92 -11.17
CA SER A 106 -0.99 24.34 -11.90
C SER A 106 -1.42 23.09 -12.67
N THR A 107 -2.45 22.42 -12.16
CA THR A 107 -2.96 21.21 -12.79
C THR A 107 -3.41 21.49 -14.22
N HIS A 108 -4.13 22.59 -14.40
CA HIS A 108 -4.63 22.98 -15.72
C HIS A 108 -5.39 21.83 -16.36
N ALA A 1 0.05 -17.74 21.43
CA ALA A 1 -0.90 -17.20 20.47
C ALA A 1 -1.70 -16.04 21.08
N GLY A 2 -2.49 -15.37 20.24
CA GLY A 2 -3.28 -14.25 20.72
C GLY A 2 -2.53 -12.95 20.67
N SER A 3 -1.62 -12.82 19.70
CA SER A 3 -0.82 -11.61 19.56
C SER A 3 0.09 -11.70 18.34
N LYS A 4 -0.30 -11.03 17.26
CA LYS A 4 0.49 -11.04 16.03
C LYS A 4 0.10 -9.86 15.14
N LEU A 5 0.58 -9.89 13.90
CA LEU A 5 0.29 -8.83 12.94
C LEU A 5 -0.07 -9.42 11.57
N CYS A 6 -1.02 -8.77 10.89
CA CYS A 6 -1.44 -9.24 9.58
C CYS A 6 -1.23 -8.14 8.53
N GLU A 7 -0.98 -8.56 7.29
CA GLU A 7 -0.75 -7.62 6.20
C GLU A 7 -1.46 -8.09 4.93
N LYS A 8 -2.06 -7.15 4.21
CA LYS A 8 -2.77 -7.47 2.98
C LYS A 8 -1.96 -7.02 1.76
N THR A 9 -2.21 -7.65 0.62
CA THR A 9 -1.52 -7.31 -0.61
C THR A 9 -2.49 -6.84 -1.68
N SER A 10 -3.37 -5.91 -1.31
CA SER A 10 -4.36 -5.37 -2.25
C SER A 10 -5.06 -6.51 -2.99
N LYS A 11 -6.12 -7.02 -2.39
CA LYS A 11 -6.90 -8.10 -3.00
C LYS A 11 -8.32 -7.65 -3.29
N THR A 12 -8.56 -6.35 -3.21
CA THR A 12 -9.87 -5.80 -3.48
C THR A 12 -9.80 -4.30 -3.78
N TYR A 13 -8.63 -3.86 -4.23
CA TYR A 13 -8.42 -2.45 -4.56
C TYR A 13 -8.55 -2.22 -6.06
N SER A 14 -7.52 -2.62 -6.81
CA SER A 14 -7.52 -2.45 -8.25
C SER A 14 -7.77 -1.00 -8.63
N GLY A 15 -7.86 -0.73 -9.94
CA GLY A 15 -8.10 0.61 -10.40
C GLY A 15 -6.91 1.54 -10.18
N LYS A 16 -7.05 2.79 -10.58
CA LYS A 16 -5.98 3.77 -10.43
C LYS A 16 -5.47 3.78 -8.99
N CYS A 17 -4.18 3.52 -8.83
CA CYS A 17 -3.55 3.51 -7.50
C CYS A 17 -3.27 4.93 -7.03
N ASP A 18 -3.18 5.10 -5.71
CA ASP A 18 -2.91 6.40 -5.13
C ASP A 18 -2.37 6.26 -3.72
N ASN A 19 -2.30 7.37 -2.98
CA ASN A 19 -1.79 7.37 -1.62
C ASN A 19 -2.93 7.22 -0.62
N LYS A 20 -3.77 8.25 -0.54
CA LYS A 20 -4.90 8.24 0.39
C LYS A 20 -5.95 7.21 -0.04
N LYS A 21 -6.16 7.10 -1.36
CA LYS A 21 -7.12 6.15 -1.90
C LYS A 21 -6.75 4.73 -1.52
N CYS A 22 -5.45 4.47 -1.38
CA CYS A 22 -4.97 3.14 -1.02
C CYS A 22 -5.12 2.90 0.48
N ASP A 23 -4.45 3.74 1.27
CA ASP A 23 -4.50 3.62 2.72
C ASP A 23 -5.95 3.61 3.22
N LYS A 24 -6.79 4.41 2.57
CA LYS A 24 -8.20 4.49 2.95
C LYS A 24 -8.91 3.17 2.69
N LYS A 25 -8.73 2.62 1.49
CA LYS A 25 -9.34 1.35 1.11
C LYS A 25 -8.89 0.24 2.04
N CYS A 26 -7.69 0.38 2.60
CA CYS A 26 -7.14 -0.61 3.52
C CYS A 26 -7.97 -0.70 4.79
N ILE A 27 -8.16 0.44 5.44
CA ILE A 27 -8.93 0.50 6.68
C ILE A 27 -10.43 0.50 6.39
N GLU A 28 -10.79 0.79 5.14
CA GLU A 28 -12.19 0.81 4.74
C GLU A 28 -12.68 -0.58 4.38
N TRP A 29 -11.86 -1.32 3.64
CA TRP A 29 -12.21 -2.68 3.23
C TRP A 29 -11.47 -3.71 4.06
N GLU A 30 -10.14 -3.55 4.14
CA GLU A 30 -9.31 -4.48 4.90
C GLU A 30 -9.27 -4.08 6.38
N LYS A 31 -9.95 -2.98 6.70
CA LYS A 31 -10.00 -2.50 8.08
C LYS A 31 -8.61 -2.54 8.72
N ALA A 32 -7.58 -2.30 7.90
CA ALA A 32 -6.21 -2.31 8.39
C ALA A 32 -5.88 -1.02 9.13
N GLN A 33 -4.59 -0.79 9.37
CA GLN A 33 -4.15 0.41 10.08
C GLN A 33 -3.47 1.38 9.11
N HIS A 34 -2.56 0.86 8.30
CA HIS A 34 -1.84 1.70 7.34
C HIS A 34 -1.54 0.90 6.06
N GLY A 35 -1.39 1.63 4.96
CA GLY A 35 -1.10 0.98 3.68
C GLY A 35 -0.24 1.83 2.78
N ALA A 36 0.22 1.25 1.68
CA ALA A 36 1.05 1.96 0.73
C ALA A 36 0.83 1.46 -0.69
N CYS A 37 1.29 2.23 -1.67
CA CYS A 37 1.14 1.86 -3.07
C CYS A 37 2.49 1.77 -3.76
N HIS A 38 2.63 0.79 -4.66
CA HIS A 38 3.88 0.60 -5.38
C HIS A 38 3.61 0.18 -6.83
N LYS A 39 4.59 0.39 -7.70
CA LYS A 39 4.47 0.03 -9.10
C LYS A 39 5.64 -0.82 -9.56
N ARG A 40 5.34 -1.92 -10.24
CA ARG A 40 6.39 -2.82 -10.73
C ARG A 40 5.79 -3.86 -11.69
N GLU A 41 6.56 -4.90 -11.95
CA GLU A 41 6.12 -5.97 -12.85
C GLU A 41 5.38 -5.39 -14.05
N ALA A 42 6.12 -5.04 -15.09
CA ALA A 42 5.55 -4.48 -16.31
C ALA A 42 5.00 -3.08 -16.05
N GLY A 43 3.88 -3.01 -15.33
CA GLY A 43 3.27 -1.73 -15.04
C GLY A 43 2.03 -1.87 -14.16
N LYS A 44 2.08 -2.79 -13.20
CA LYS A 44 0.96 -3.01 -12.30
C LYS A 44 1.22 -2.37 -10.94
N GLU A 45 0.16 -1.83 -10.34
CA GLU A 45 0.27 -1.18 -9.04
C GLU A 45 -0.15 -2.14 -7.92
N SER A 46 0.72 -2.30 -6.93
CA SER A 46 0.44 -3.19 -5.81
C SER A 46 0.34 -2.40 -4.51
N CYS A 47 -0.75 -2.59 -3.78
CA CYS A 47 -0.96 -1.91 -2.52
C CYS A 47 -0.90 -2.88 -1.34
N PHE A 48 -0.08 -2.55 -0.35
CA PHE A 48 0.09 -3.40 0.82
C PHE A 48 -0.36 -2.66 2.09
N CYS A 49 -1.05 -3.38 2.97
CA CYS A 49 -1.52 -2.80 4.22
C CYS A 49 -1.07 -3.63 5.41
N TYR A 50 -0.99 -2.98 6.57
CA TYR A 50 -0.58 -3.66 7.81
C TYR A 50 -1.43 -3.23 8.98
N PHE A 51 -1.84 -4.20 9.79
CA PHE A 51 -2.67 -3.94 10.96
C PHE A 51 -2.39 -4.95 12.06
N ASP A 52 -2.66 -4.55 13.31
CA ASP A 52 -2.45 -5.42 14.45
C ASP A 52 -3.44 -6.59 14.44
N CYS A 53 -2.92 -7.80 14.62
CA CYS A 53 -3.76 -9.00 14.63
C CYS A 53 -3.77 -9.64 16.01
N SER A 54 -4.85 -10.33 16.33
CA SER A 54 -4.99 -11.00 17.62
C SER A 54 -4.59 -10.07 18.76
N LYS A 55 -5.01 -8.80 18.66
CA LYS A 55 -4.70 -7.82 19.68
C LYS A 55 -3.20 -7.51 19.71
N SER A 56 -2.76 -6.63 18.82
CA SER A 56 -1.35 -6.27 18.74
C SER A 56 -1.17 -4.75 18.84
N PRO A 57 0.01 -4.32 19.28
CA PRO A 57 0.33 -2.90 19.44
C PRO A 57 0.47 -2.19 18.09
N PRO A 58 0.47 -0.85 18.13
CA PRO A 58 0.59 -0.03 16.92
C PRO A 58 1.99 -0.10 16.31
N GLY A 59 2.26 -1.19 15.61
CA GLY A 59 3.56 -1.37 14.98
C GLY A 59 3.86 -2.82 14.66
N ALA A 60 5.02 -3.29 15.11
CA ALA A 60 5.42 -4.66 14.87
C ALA A 60 5.46 -4.99 13.38
N THR A 61 5.77 -6.23 13.05
CA THR A 61 5.83 -6.66 11.65
C THR A 61 4.85 -7.80 11.39
N PRO A 62 4.50 -7.99 10.10
CA PRO A 62 3.57 -9.04 9.69
C PRO A 62 4.17 -10.44 9.83
N ALA A 63 3.39 -11.36 10.37
CA ALA A 63 3.84 -12.74 10.56
C ALA A 63 5.02 -12.80 11.52
N PRO A 64 5.26 -13.99 12.08
CA PRO A 64 6.36 -14.21 13.03
C PRO A 64 7.72 -14.14 12.36
N PRO A 65 8.79 -14.07 13.18
CA PRO A 65 10.16 -13.99 12.68
C PRO A 65 10.62 -15.30 12.03
N GLY A 66 10.88 -15.25 10.73
CA GLY A 66 11.33 -16.43 10.02
C GLY A 66 12.83 -16.44 9.78
N ALA A 67 13.30 -15.50 8.96
CA ALA A 67 14.72 -15.40 8.65
C ALA A 67 15.00 -14.23 7.72
N ALA A 68 14.06 -13.96 6.82
CA ALA A 68 14.21 -12.86 5.87
C ALA A 68 12.98 -11.97 5.87
N PRO A 69 12.82 -11.17 6.94
CA PRO A 69 11.68 -10.25 7.08
C PRO A 69 11.74 -9.09 6.09
N PRO A 70 10.62 -8.35 5.98
CA PRO A 70 10.52 -7.20 5.07
C PRO A 70 11.38 -6.03 5.52
N PRO A 71 11.55 -5.04 4.64
CA PRO A 71 12.34 -3.84 4.92
C PRO A 71 11.66 -2.94 5.95
N ALA A 72 10.38 -2.67 5.75
CA ALA A 72 9.63 -1.82 6.65
C ALA A 72 8.17 -1.71 6.22
N ALA A 73 7.42 -0.82 6.86
CA ALA A 73 6.01 -0.62 6.54
C ALA A 73 5.54 0.76 6.97
N GLY A 74 4.90 1.48 6.05
CA GLY A 74 4.41 2.81 6.36
C GLY A 74 4.44 3.73 5.15
N GLY A 75 3.36 4.50 4.97
CA GLY A 75 3.29 5.41 3.84
C GLY A 75 1.87 5.90 3.60
N SER A 76 1.76 6.98 2.83
CA SER A 76 0.45 7.56 2.52
C SER A 76 -0.25 8.05 3.79
N PRO A 77 -1.23 8.94 3.61
CA PRO A 77 -1.99 9.51 4.73
C PRO A 77 -2.90 8.48 5.39
N SER A 78 -3.37 8.81 6.59
CA SER A 78 -4.25 7.92 7.33
C SER A 78 -4.88 8.64 8.52
N PRO A 79 -5.99 8.08 9.03
CA PRO A 79 -6.72 8.65 10.17
C PRO A 79 -5.94 8.53 11.47
N PRO A 80 -6.41 9.24 12.51
CA PRO A 80 -5.77 9.24 13.83
C PRO A 80 -5.93 7.90 14.54
N ALA A 81 -5.51 7.86 15.80
CA ALA A 81 -5.62 6.65 16.60
C ALA A 81 -7.07 6.36 16.98
N ASP A 82 -7.53 5.16 16.67
CA ASP A 82 -8.90 4.76 16.98
C ASP A 82 -8.99 3.26 17.25
N GLY A 83 -8.88 2.46 16.19
CA GLY A 83 -8.95 1.02 16.32
C GLY A 83 -9.61 0.36 15.14
N GLY A 84 -10.41 -0.68 15.41
CA GLY A 84 -11.09 -1.39 14.34
C GLY A 84 -11.55 -2.77 14.77
N SER A 85 -10.63 -3.72 14.79
CA SER A 85 -10.95 -5.09 15.18
C SER A 85 -11.96 -5.70 14.21
N PRO A 86 -11.50 -5.96 12.97
CA PRO A 86 -12.35 -6.56 11.93
C PRO A 86 -12.69 -8.02 12.21
N PRO A 87 -13.65 -8.55 11.46
CA PRO A 87 -14.09 -9.95 11.61
C PRO A 87 -13.04 -10.94 11.15
N PRO A 88 -13.25 -12.23 11.49
CA PRO A 88 -12.33 -13.30 11.12
C PRO A 88 -12.33 -13.59 9.63
N PRO A 89 -11.35 -14.38 9.17
CA PRO A 89 -11.22 -14.74 7.76
C PRO A 89 -12.33 -15.70 7.31
N ALA A 90 -12.21 -16.20 6.08
CA ALA A 90 -13.20 -17.13 5.54
C ALA A 90 -12.54 -18.44 5.12
N ASP A 91 -11.31 -18.34 4.61
CA ASP A 91 -10.58 -19.52 4.16
C ASP A 91 -11.34 -20.27 3.07
N GLY A 92 -10.77 -21.35 2.58
CA GLY A 92 -11.40 -22.14 1.54
C GLY A 92 -12.55 -22.98 2.07
N GLY A 93 -13.75 -22.75 1.52
CA GLY A 93 -14.91 -23.51 1.95
C GLY A 93 -16.15 -22.65 2.03
N SER A 94 -16.38 -22.04 3.19
CA SER A 94 -17.56 -21.20 3.39
C SER A 94 -18.84 -21.98 3.11
N PRO A 95 -19.34 -22.66 4.14
CA PRO A 95 -18.72 -22.69 5.48
C PRO A 95 -17.41 -23.46 5.47
N PRO A 96 -16.58 -23.23 6.51
CA PRO A 96 -15.28 -23.89 6.65
C PRO A 96 -15.43 -25.38 6.97
N VAL A 97 -14.29 -26.07 7.07
CA VAL A 97 -14.29 -27.49 7.37
C VAL A 97 -13.06 -27.88 8.19
N ASP A 98 -13.29 -28.49 9.34
CA ASP A 98 -12.20 -28.90 10.22
C ASP A 98 -11.41 -27.71 10.72
N GLY A 99 -11.56 -27.41 12.01
CA GLY A 99 -10.86 -26.28 12.60
C GLY A 99 -11.75 -25.05 12.74
N GLY A 100 -11.12 -23.90 13.00
CA GLY A 100 -11.89 -22.68 13.15
C GLY A 100 -11.65 -21.70 12.02
N SER A 101 -11.15 -22.22 10.90
CA SER A 101 -10.88 -21.38 9.74
C SER A 101 -9.95 -20.22 10.10
N PRO A 102 -8.69 -20.56 10.42
CA PRO A 102 -7.68 -19.57 10.80
C PRO A 102 -7.25 -18.69 9.63
N PRO A 103 -6.52 -17.61 9.92
CA PRO A 103 -6.12 -17.27 11.30
C PRO A 103 -7.32 -16.81 12.14
N PRO A 104 -7.10 -16.73 13.46
CA PRO A 104 -8.15 -16.31 14.39
C PRO A 104 -8.49 -14.83 14.26
N PRO A 105 -9.59 -14.41 14.89
CA PRO A 105 -10.05 -13.02 14.86
C PRO A 105 -9.14 -12.08 15.63
N SER A 106 -9.57 -10.85 15.81
CA SER A 106 -8.79 -9.85 16.54
C SER A 106 -9.15 -9.86 18.02
N THR A 107 -9.10 -11.04 18.63
CA THR A 107 -9.42 -11.17 20.05
C THR A 107 -9.19 -12.60 20.52
N HIS A 108 -9.48 -13.57 19.65
CA HIS A 108 -9.29 -14.98 19.99
C HIS A 108 -10.17 -15.37 21.16
N ALA A 1 -6.54 -18.07 18.49
CA ALA A 1 -6.18 -16.72 18.92
C ALA A 1 -4.68 -16.52 18.94
N GLY A 2 -4.10 -16.17 17.80
CA GLY A 2 -2.67 -15.95 17.71
C GLY A 2 -2.31 -14.50 17.51
N SER A 3 -2.04 -13.80 18.62
CA SER A 3 -1.69 -12.39 18.56
C SER A 3 -0.47 -12.17 17.68
N LYS A 4 -0.58 -11.26 16.73
CA LYS A 4 0.51 -10.95 15.82
C LYS A 4 0.12 -9.83 14.85
N LEU A 5 1.01 -9.53 13.91
CA LEU A 5 0.76 -8.49 12.93
C LEU A 5 0.37 -9.08 11.58
N CYS A 6 -0.60 -8.48 10.92
CA CYS A 6 -1.07 -8.95 9.63
C CYS A 6 -0.90 -7.87 8.56
N GLU A 7 -0.43 -8.28 7.38
CA GLU A 7 -0.23 -7.35 6.28
C GLU A 7 -0.97 -7.81 5.03
N LYS A 8 -1.59 -6.87 4.34
CA LYS A 8 -2.34 -7.18 3.11
C LYS A 8 -1.55 -6.73 1.87
N THR A 9 -1.83 -7.38 0.75
CA THR A 9 -1.17 -7.05 -0.50
C THR A 9 -2.16 -6.56 -1.55
N SER A 10 -3.17 -5.82 -1.10
CA SER A 10 -4.19 -5.29 -1.99
C SER A 10 -4.94 -6.42 -2.69
N LYS A 11 -6.21 -6.61 -2.31
CA LYS A 11 -7.03 -7.64 -2.90
C LYS A 11 -8.36 -7.07 -3.38
N THR A 12 -8.59 -5.80 -3.11
CA THR A 12 -9.82 -5.14 -3.51
C THR A 12 -9.56 -3.67 -3.86
N TYR A 13 -8.31 -3.34 -4.15
CA TYR A 13 -7.94 -1.98 -4.51
C TYR A 13 -7.69 -1.86 -6.00
N SER A 14 -7.88 -2.96 -6.73
CA SER A 14 -7.67 -2.98 -8.17
C SER A 14 -8.32 -1.77 -8.82
N GLY A 15 -7.49 -0.80 -9.23
CA GLY A 15 -8.00 0.39 -9.87
C GLY A 15 -6.91 1.22 -10.51
N LYS A 16 -6.84 2.49 -10.15
CA LYS A 16 -5.83 3.40 -10.70
C LYS A 16 -4.65 3.55 -9.74
N CYS A 17 -4.80 3.00 -8.54
CA CYS A 17 -3.75 3.07 -7.53
C CYS A 17 -3.47 4.51 -7.15
N ASP A 18 -3.86 4.90 -5.94
CA ASP A 18 -3.64 6.26 -5.45
C ASP A 18 -2.88 6.24 -4.13
N ASN A 19 -2.81 7.40 -3.49
CA ASN A 19 -2.12 7.53 -2.21
C ASN A 19 -3.08 7.37 -1.05
N LYS A 20 -3.87 8.41 -0.80
CA LYS A 20 -4.85 8.39 0.29
C LYS A 20 -5.89 7.30 0.07
N LYS A 21 -6.31 7.12 -1.18
CA LYS A 21 -7.29 6.10 -1.52
C LYS A 21 -6.83 4.72 -1.08
N CYS A 22 -5.55 4.43 -1.30
CA CYS A 22 -4.98 3.15 -0.94
C CYS A 22 -5.13 2.90 0.57
N ASP A 23 -4.76 3.89 1.37
CA ASP A 23 -4.87 3.78 2.82
C ASP A 23 -6.32 3.68 3.26
N LYS A 24 -7.12 4.65 2.83
CA LYS A 24 -8.54 4.69 3.17
C LYS A 24 -9.22 3.37 2.81
N LYS A 25 -9.00 2.92 1.57
CA LYS A 25 -9.59 1.67 1.11
C LYS A 25 -9.12 0.49 1.96
N CYS A 26 -7.87 0.55 2.42
CA CYS A 26 -7.32 -0.51 3.25
C CYS A 26 -8.04 -0.59 4.59
N ILE A 27 -8.27 0.56 5.21
CA ILE A 27 -8.95 0.63 6.49
C ILE A 27 -10.46 0.54 6.32
N GLU A 28 -10.93 0.82 5.11
CA GLU A 28 -12.35 0.76 4.80
C GLU A 28 -12.78 -0.64 4.40
N TRP A 29 -11.90 -1.34 3.69
CA TRP A 29 -12.17 -2.70 3.24
C TRP A 29 -11.43 -3.72 4.10
N GLU A 30 -10.14 -3.50 4.30
CA GLU A 30 -9.32 -4.41 5.10
C GLU A 30 -9.24 -3.92 6.54
N LYS A 31 -9.88 -2.78 6.82
CA LYS A 31 -9.87 -2.21 8.16
C LYS A 31 -8.48 -2.28 8.78
N ALA A 32 -7.46 -2.06 7.96
CA ALA A 32 -6.08 -2.09 8.42
C ALA A 32 -5.71 -0.79 9.14
N GLN A 33 -4.42 -0.62 9.40
CA GLN A 33 -3.94 0.58 10.09
C GLN A 33 -3.30 1.55 9.10
N HIS A 34 -2.42 1.03 8.25
CA HIS A 34 -1.73 1.85 7.26
C HIS A 34 -1.65 1.12 5.92
N GLY A 35 -1.61 1.90 4.83
CA GLY A 35 -1.53 1.31 3.50
C GLY A 35 -0.75 2.18 2.53
N ALA A 36 -0.04 1.54 1.62
CA ALA A 36 0.75 2.26 0.63
C ALA A 36 0.61 1.63 -0.74
N CYS A 37 0.91 2.41 -1.79
CA CYS A 37 0.80 1.95 -3.16
C CYS A 37 2.15 2.03 -3.86
N HIS A 38 2.41 1.08 -4.76
CA HIS A 38 3.66 1.05 -5.50
C HIS A 38 3.45 0.46 -6.89
N LYS A 39 4.36 0.78 -7.81
CA LYS A 39 4.27 0.28 -9.17
C LYS A 39 5.46 -0.63 -9.49
N ARG A 40 5.16 -1.81 -10.04
CA ARG A 40 6.20 -2.77 -10.39
C ARG A 40 5.59 -4.05 -10.96
N GLU A 41 6.45 -4.98 -11.36
CA GLU A 41 6.00 -6.24 -11.92
C GLU A 41 5.05 -6.00 -13.10
N ALA A 42 5.61 -5.99 -14.31
CA ALA A 42 4.82 -5.77 -15.51
C ALA A 42 4.05 -4.46 -15.43
N GLY A 43 4.54 -3.54 -14.60
CA GLY A 43 3.88 -2.25 -14.45
C GLY A 43 2.58 -2.35 -13.66
N LYS A 44 2.48 -3.37 -12.82
CA LYS A 44 1.28 -3.58 -12.02
C LYS A 44 1.39 -2.86 -10.68
N GLU A 45 0.34 -2.12 -10.31
CA GLU A 45 0.34 -1.39 -9.06
C GLU A 45 -0.09 -2.29 -7.90
N SER A 46 0.74 -2.33 -6.85
CA SER A 46 0.46 -3.16 -5.69
C SER A 46 0.37 -2.30 -4.43
N CYS A 47 -0.68 -2.52 -3.65
CA CYS A 47 -0.88 -1.78 -2.42
C CYS A 47 -0.69 -2.68 -1.19
N PHE A 48 0.23 -2.31 -0.32
CA PHE A 48 0.51 -3.08 0.88
C PHE A 48 0.04 -2.34 2.13
N CYS A 49 -0.68 -3.05 3.00
CA CYS A 49 -1.19 -2.45 4.23
C CYS A 49 -0.76 -3.27 5.44
N TYR A 50 -0.55 -2.59 6.56
CA TYR A 50 -0.15 -3.25 7.80
C TYR A 50 -1.13 -2.97 8.92
N PHE A 51 -1.52 -4.02 9.65
CA PHE A 51 -2.45 -3.88 10.75
C PHE A 51 -2.23 -4.97 11.80
N ASP A 52 -2.63 -4.69 13.03
CA ASP A 52 -2.47 -5.65 14.12
C ASP A 52 -3.65 -6.61 14.18
N CYS A 53 -3.37 -7.90 14.12
CA CYS A 53 -4.41 -8.92 14.18
C CYS A 53 -4.30 -9.75 15.45
N SER A 54 -5.43 -10.29 15.90
CA SER A 54 -5.46 -11.10 17.11
C SER A 54 -4.85 -10.35 18.28
N LYS A 55 -4.95 -9.02 18.24
CA LYS A 55 -4.41 -8.18 19.31
C LYS A 55 -2.88 -8.28 19.35
N SER A 56 -2.23 -7.72 18.33
CA SER A 56 -0.78 -7.75 18.26
C SER A 56 -0.16 -7.24 19.55
N PRO A 57 0.98 -7.85 19.94
CA PRO A 57 1.71 -7.48 21.16
C PRO A 57 2.35 -6.10 21.05
N PRO A 58 2.82 -5.58 22.20
CA PRO A 58 3.46 -4.26 22.26
C PRO A 58 4.83 -4.26 21.59
N GLY A 59 4.84 -4.20 20.27
CA GLY A 59 6.10 -4.19 19.53
C GLY A 59 6.37 -5.52 18.86
N ALA A 60 6.17 -5.58 17.55
CA ALA A 60 6.41 -6.80 16.80
C ALA A 60 6.36 -6.54 15.29
N THR A 61 6.35 -7.62 14.51
CA THR A 61 6.33 -7.50 13.06
C THR A 61 5.37 -8.52 12.45
N PRO A 62 4.92 -8.25 11.20
CA PRO A 62 4.01 -9.13 10.49
C PRO A 62 4.67 -10.45 10.08
N ALA A 63 3.89 -11.32 9.44
CA ALA A 63 4.40 -12.61 8.99
C ALA A 63 4.35 -12.73 7.47
N PRO A 64 5.20 -11.95 6.78
CA PRO A 64 5.26 -11.95 5.32
C PRO A 64 5.83 -13.25 4.76
N PRO A 65 5.68 -13.44 3.44
CA PRO A 65 6.18 -14.63 2.76
C PRO A 65 7.70 -14.69 2.70
N GLY A 66 8.32 -15.08 3.82
CA GLY A 66 9.76 -15.16 3.87
C GLY A 66 10.44 -13.89 3.42
N ALA A 67 9.86 -12.74 3.80
CA ALA A 67 10.42 -11.45 3.44
C ALA A 67 9.84 -10.34 4.31
N ALA A 68 10.54 -10.04 5.41
CA ALA A 68 10.09 -8.99 6.32
C ALA A 68 11.10 -7.85 6.39
N PRO A 69 11.15 -7.04 5.33
CA PRO A 69 12.06 -5.90 5.24
C PRO A 69 11.69 -4.78 6.21
N PRO A 70 12.61 -3.82 6.38
CA PRO A 70 12.40 -2.68 7.28
C PRO A 70 11.34 -1.71 6.76
N PRO A 71 10.91 -0.78 7.62
CA PRO A 71 9.90 0.21 7.27
C PRO A 71 10.42 1.25 6.28
N ALA A 72 9.58 2.21 5.92
CA ALA A 72 9.96 3.26 4.99
C ALA A 72 9.06 4.49 5.13
N ALA A 73 8.63 4.75 6.35
CA ALA A 73 7.77 5.89 6.63
C ALA A 73 6.38 5.69 6.02
N GLY A 74 6.27 5.88 4.71
CA GLY A 74 5.00 5.72 4.03
C GLY A 74 4.00 6.80 4.41
N GLY A 75 3.63 7.62 3.44
CA GLY A 75 2.69 8.69 3.69
C GLY A 75 1.24 8.22 3.58
N SER A 76 0.59 8.58 2.48
CA SER A 76 -0.79 8.20 2.26
C SER A 76 -1.67 8.62 3.42
N PRO A 77 -1.90 9.93 3.55
CA PRO A 77 -2.73 10.49 4.63
C PRO A 77 -4.21 10.15 4.46
N SER A 78 -5.00 10.51 5.46
CA SER A 78 -6.43 10.24 5.44
C SER A 78 -7.20 11.32 6.20
N PRO A 79 -7.30 12.51 5.59
CA PRO A 79 -8.01 13.64 6.19
C PRO A 79 -9.52 13.43 6.22
N PRO A 80 -10.23 14.28 6.97
CA PRO A 80 -11.69 14.22 7.09
C PRO A 80 -12.41 14.60 5.81
N ALA A 81 -12.75 13.61 5.01
CA ALA A 81 -13.45 13.84 3.75
C ALA A 81 -13.79 12.53 3.06
N ASP A 82 -14.95 11.95 3.43
CA ASP A 82 -15.39 10.69 2.85
C ASP A 82 -16.89 10.73 2.55
N GLY A 83 -17.33 9.93 1.59
CA GLY A 83 -18.73 9.89 1.23
C GLY A 83 -18.97 9.21 -0.10
N GLY A 84 -19.33 7.93 -0.04
CA GLY A 84 -19.59 7.18 -1.26
C GLY A 84 -18.34 6.53 -1.82
N SER A 85 -17.86 7.03 -2.95
CA SER A 85 -16.67 6.49 -3.59
C SER A 85 -16.83 4.99 -3.86
N PRO A 86 -17.72 4.66 -4.80
CA PRO A 86 -17.97 3.27 -5.18
C PRO A 86 -16.81 2.63 -5.91
N PRO A 87 -16.85 1.30 -6.07
CA PRO A 87 -15.80 0.55 -6.76
C PRO A 87 -15.79 0.82 -8.26
N PRO A 88 -14.71 0.38 -8.93
CA PRO A 88 -14.54 0.56 -10.37
C PRO A 88 -15.51 -0.29 -11.19
N PRO A 89 -15.61 0.00 -12.49
CA PRO A 89 -16.50 -0.73 -13.40
C PRO A 89 -16.03 -2.15 -13.65
N ALA A 90 -14.75 -2.42 -13.37
CA ALA A 90 -14.18 -3.74 -13.57
C ALA A 90 -14.20 -4.13 -15.04
N ASP A 91 -13.37 -5.11 -15.40
CA ASP A 91 -13.29 -5.59 -16.77
C ASP A 91 -12.88 -7.05 -16.82
N GLY A 92 -13.16 -7.71 -17.94
CA GLY A 92 -12.80 -9.10 -18.09
C GLY A 92 -13.01 -9.60 -19.51
N GLY A 93 -12.01 -10.28 -20.05
CA GLY A 93 -12.12 -10.81 -21.40
C GLY A 93 -10.76 -10.89 -22.09
N SER A 94 -10.78 -11.12 -23.40
CA SER A 94 -9.56 -11.23 -24.18
C SER A 94 -9.84 -11.07 -25.67
N PRO A 95 -9.85 -9.80 -26.13
CA PRO A 95 -9.60 -8.64 -25.28
C PRO A 95 -10.74 -8.39 -24.30
N PRO A 96 -10.45 -7.61 -23.25
CA PRO A 96 -11.45 -7.27 -22.22
C PRO A 96 -12.54 -6.34 -22.75
N VAL A 97 -13.79 -6.66 -22.46
CA VAL A 97 -14.92 -5.86 -22.90
C VAL A 97 -16.08 -5.97 -21.94
N ASP A 98 -16.67 -4.82 -21.59
CA ASP A 98 -17.80 -4.80 -20.67
C ASP A 98 -18.56 -3.48 -20.79
N GLY A 99 -17.98 -2.41 -20.25
CA GLY A 99 -18.62 -1.11 -20.30
C GLY A 99 -18.30 -0.26 -19.09
N GLY A 100 -19.12 0.77 -18.87
CA GLY A 100 -18.89 1.65 -17.73
C GLY A 100 -19.00 3.11 -18.11
N SER A 101 -18.66 3.43 -19.35
CA SER A 101 -18.72 4.80 -19.84
C SER A 101 -17.88 5.72 -18.95
N PRO A 102 -16.54 5.60 -19.06
CA PRO A 102 -15.61 6.41 -18.28
C PRO A 102 -15.61 7.87 -18.70
N PRO A 103 -14.97 8.73 -17.90
CA PRO A 103 -14.30 8.29 -16.66
C PRO A 103 -15.29 7.87 -15.59
N PRO A 104 -14.77 7.22 -14.52
CA PRO A 104 -15.59 6.75 -13.41
C PRO A 104 -16.13 7.89 -12.57
N PRO A 105 -17.10 7.57 -11.68
CA PRO A 105 -17.72 8.55 -10.80
C PRO A 105 -16.77 9.06 -9.72
N SER A 106 -16.02 8.14 -9.13
CA SER A 106 -15.07 8.50 -8.08
C SER A 106 -13.63 8.36 -8.58
N THR A 107 -12.88 9.45 -8.49
CA THR A 107 -11.49 9.45 -8.94
C THR A 107 -10.75 10.69 -8.44
N HIS A 108 -11.44 11.82 -8.47
CA HIS A 108 -10.85 13.09 -8.02
C HIS A 108 -9.62 13.43 -8.84
N ALA A 1 -3.39 -18.08 24.24
CA ALA A 1 -2.50 -17.09 23.64
C ALA A 1 -2.69 -17.03 22.13
N GLY A 2 -2.79 -15.82 21.61
CA GLY A 2 -2.97 -15.64 20.17
C GLY A 2 -2.85 -14.19 19.75
N SER A 3 -1.79 -13.86 19.02
CA SER A 3 -1.57 -12.50 18.56
C SER A 3 -0.59 -12.48 17.39
N LYS A 4 -0.85 -11.60 16.43
CA LYS A 4 0.01 -11.47 15.26
C LYS A 4 -0.34 -10.23 14.45
N LEU A 5 0.25 -10.11 13.26
CA LEU A 5 -0.02 -8.98 12.39
C LEU A 5 -0.60 -9.43 11.06
N CYS A 6 -1.52 -8.64 10.52
CA CYS A 6 -2.16 -8.96 9.25
C CYS A 6 -1.88 -7.88 8.21
N GLU A 7 -1.40 -8.29 7.05
CA GLU A 7 -1.10 -7.35 5.96
C GLU A 7 -1.87 -7.71 4.70
N LYS A 8 -2.40 -6.69 4.03
CA LYS A 8 -3.15 -6.90 2.80
C LYS A 8 -2.34 -6.48 1.59
N THR A 9 -2.56 -7.16 0.46
CA THR A 9 -1.84 -6.86 -0.77
C THR A 9 -2.81 -6.51 -1.89
N SER A 10 -3.58 -5.45 -1.70
CA SER A 10 -4.55 -5.01 -2.69
C SER A 10 -5.65 -6.05 -2.86
N LYS A 11 -5.77 -6.95 -1.90
CA LYS A 11 -6.79 -8.00 -1.95
C LYS A 11 -8.16 -7.41 -2.24
N THR A 12 -8.36 -6.16 -1.83
CA THR A 12 -9.63 -5.48 -2.05
C THR A 12 -9.42 -4.08 -2.62
N TYR A 13 -8.28 -3.89 -3.27
CA TYR A 13 -7.96 -2.60 -3.88
C TYR A 13 -7.75 -2.73 -5.38
N SER A 14 -7.96 -3.94 -5.90
CA SER A 14 -7.79 -4.20 -7.33
C SER A 14 -8.43 -3.08 -8.15
N GLY A 15 -7.60 -2.29 -8.80
CA GLY A 15 -8.09 -1.20 -9.62
C GLY A 15 -7.20 0.03 -9.56
N LYS A 16 -7.79 1.20 -9.79
CA LYS A 16 -7.05 2.44 -9.77
C LYS A 16 -6.23 2.57 -8.48
N CYS A 17 -4.91 2.68 -8.63
CA CYS A 17 -4.02 2.80 -7.48
C CYS A 17 -3.81 4.27 -7.11
N ASP A 18 -3.30 4.50 -5.92
CA ASP A 18 -3.04 5.86 -5.44
C ASP A 18 -2.44 5.84 -4.04
N ASN A 19 -2.35 7.02 -3.43
CA ASN A 19 -1.80 7.14 -2.08
C ASN A 19 -2.90 7.14 -1.04
N LYS A 20 -3.72 8.18 -1.05
CA LYS A 20 -4.83 8.30 -0.09
C LYS A 20 -5.91 7.26 -0.38
N LYS A 21 -6.14 6.99 -1.66
CA LYS A 21 -7.14 6.01 -2.07
C LYS A 21 -6.80 4.63 -1.52
N CYS A 22 -5.53 4.26 -1.60
CA CYS A 22 -5.09 2.96 -1.11
C CYS A 22 -5.17 2.90 0.42
N ASP A 23 -4.48 3.82 1.08
CA ASP A 23 -4.49 3.87 2.54
C ASP A 23 -5.91 3.91 3.08
N LYS A 24 -6.74 4.76 2.48
CA LYS A 24 -8.13 4.90 2.91
C LYS A 24 -8.91 3.62 2.64
N LYS A 25 -8.81 3.11 1.41
CA LYS A 25 -9.50 1.88 1.03
C LYS A 25 -9.04 0.71 1.89
N CYS A 26 -7.85 0.84 2.46
CA CYS A 26 -7.29 -0.21 3.30
C CYS A 26 -8.01 -0.28 4.65
N ILE A 27 -8.08 0.86 5.33
CA ILE A 27 -8.75 0.93 6.62
C ILE A 27 -10.26 0.98 6.46
N GLU A 28 -10.71 1.30 5.26
CA GLU A 28 -12.13 1.39 4.98
C GLU A 28 -12.72 0.00 4.68
N TRP A 29 -12.00 -0.77 3.88
CA TRP A 29 -12.44 -2.12 3.53
C TRP A 29 -11.67 -3.17 4.30
N GLU A 30 -10.34 -3.06 4.29
CA GLU A 30 -9.48 -4.00 4.99
C GLU A 30 -9.33 -3.62 6.46
N LYS A 31 -9.92 -2.49 6.83
CA LYS A 31 -9.85 -2.00 8.20
C LYS A 31 -8.45 -2.14 8.76
N ALA A 32 -7.45 -1.93 7.91
CA ALA A 32 -6.06 -2.04 8.34
C ALA A 32 -5.62 -0.79 9.09
N GLN A 33 -4.32 -0.69 9.35
CA GLN A 33 -3.78 0.45 10.07
C GLN A 33 -3.16 1.47 9.11
N HIS A 34 -2.34 0.97 8.18
CA HIS A 34 -1.69 1.84 7.20
C HIS A 34 -1.55 1.11 5.86
N GLY A 35 -1.61 1.89 4.78
CA GLY A 35 -1.49 1.31 3.45
C GLY A 35 -0.67 2.18 2.52
N ALA A 36 -0.11 1.56 1.48
CA ALA A 36 0.70 2.28 0.51
C ALA A 36 0.64 1.61 -0.86
N CYS A 37 0.93 2.39 -1.90
CA CYS A 37 0.90 1.87 -3.27
C CYS A 37 2.25 2.07 -3.95
N HIS A 38 2.69 1.08 -4.71
CA HIS A 38 3.96 1.15 -5.42
C HIS A 38 3.87 0.42 -6.76
N LYS A 39 4.66 0.88 -7.72
CA LYS A 39 4.68 0.28 -9.05
C LYS A 39 5.72 -0.85 -9.11
N ARG A 40 5.30 -2.01 -9.63
CA ARG A 40 6.19 -3.15 -9.74
C ARG A 40 5.78 -4.03 -10.92
N GLU A 41 6.66 -4.97 -11.28
CA GLU A 41 6.37 -5.89 -12.39
C GLU A 41 5.91 -5.12 -13.63
N ALA A 42 6.87 -4.68 -14.43
CA ALA A 42 6.56 -3.93 -15.65
C ALA A 42 5.88 -2.60 -15.32
N GLY A 43 4.57 -2.65 -15.08
CA GLY A 43 3.83 -1.45 -14.75
C GLY A 43 2.60 -1.73 -13.93
N LYS A 44 2.66 -2.78 -13.11
CA LYS A 44 1.54 -3.15 -12.26
C LYS A 44 1.74 -2.64 -10.84
N GLU A 45 0.90 -1.68 -10.44
CA GLU A 45 1.00 -1.11 -9.10
C GLU A 45 0.23 -1.96 -8.09
N SER A 46 0.82 -2.15 -6.92
CA SER A 46 0.21 -2.95 -5.87
C SER A 46 0.03 -2.14 -4.59
N CYS A 47 -0.97 -2.49 -3.80
CA CYS A 47 -1.25 -1.78 -2.54
C CYS A 47 -0.95 -2.69 -1.35
N PHE A 48 0.02 -2.28 -0.53
CA PHE A 48 0.39 -3.04 0.65
C PHE A 48 0.00 -2.30 1.93
N CYS A 49 -0.74 -2.99 2.80
CA CYS A 49 -1.18 -2.39 4.05
C CYS A 49 -0.82 -3.29 5.23
N TYR A 50 -0.54 -2.67 6.37
CA TYR A 50 -0.17 -3.41 7.57
C TYR A 50 -1.14 -3.12 8.71
N PHE A 51 -1.54 -4.17 9.42
CA PHE A 51 -2.46 -4.03 10.54
C PHE A 51 -2.17 -5.05 11.63
N ASP A 52 -2.59 -4.75 12.85
CA ASP A 52 -2.37 -5.64 13.98
C ASP A 52 -3.58 -6.56 14.19
N CYS A 53 -3.31 -7.86 14.27
CA CYS A 53 -4.37 -8.84 14.47
C CYS A 53 -4.28 -9.48 15.85
N SER A 54 -5.44 -9.81 16.42
CA SER A 54 -5.48 -10.41 17.74
C SER A 54 -4.49 -9.74 18.69
N LYS A 55 -4.63 -8.43 18.86
CA LYS A 55 -3.75 -7.68 19.74
C LYS A 55 -2.39 -7.45 19.08
N SER A 56 -1.83 -8.51 18.50
CA SER A 56 -0.53 -8.42 17.84
C SER A 56 0.57 -8.14 18.85
N PRO A 57 1.74 -8.76 18.65
CA PRO A 57 2.90 -8.58 19.53
C PRO A 57 3.52 -7.20 19.40
N PRO A 58 4.42 -6.86 20.34
CA PRO A 58 5.09 -5.55 20.35
C PRO A 58 6.08 -5.41 19.20
N GLY A 59 6.30 -6.49 18.46
CA GLY A 59 7.22 -6.46 17.34
C GLY A 59 6.57 -5.94 16.08
N ALA A 60 6.78 -6.65 14.97
CA ALA A 60 6.22 -6.26 13.69
C ALA A 60 6.41 -7.35 12.65
N THR A 61 6.47 -6.95 11.37
CA THR A 61 6.65 -7.89 10.28
C THR A 61 5.47 -8.85 10.17
N PRO A 62 4.44 -8.44 9.42
CA PRO A 62 3.24 -9.24 9.22
C PRO A 62 3.49 -10.47 8.36
N ALA A 63 2.53 -11.38 8.34
CA ALA A 63 2.65 -12.60 7.55
C ALA A 63 3.81 -13.46 8.05
N PRO A 64 3.79 -14.75 7.69
CA PRO A 64 4.83 -15.70 8.09
C PRO A 64 6.16 -15.44 7.39
N PRO A 65 7.22 -16.09 7.88
CA PRO A 65 8.56 -15.93 7.31
C PRO A 65 8.69 -16.57 5.93
N GLY A 66 9.31 -15.85 5.00
CA GLY A 66 9.49 -16.36 3.66
C GLY A 66 9.93 -15.29 2.69
N ALA A 67 9.60 -14.04 2.98
CA ALA A 67 9.97 -12.92 2.14
C ALA A 67 10.49 -11.74 2.96
N ALA A 68 11.71 -11.32 2.67
CA ALA A 68 12.31 -10.20 3.39
C ALA A 68 12.53 -9.01 2.46
N PRO A 69 11.43 -8.31 2.12
CA PRO A 69 11.48 -7.14 1.24
C PRO A 69 12.15 -5.94 1.91
N PRO A 70 12.46 -4.91 1.09
CA PRO A 70 13.11 -3.70 1.59
C PRO A 70 12.19 -2.86 2.46
N PRO A 71 12.76 -1.86 3.15
CA PRO A 71 12.01 -0.97 4.03
C PRO A 71 11.09 -0.02 3.26
N ALA A 72 11.37 0.13 1.96
CA ALA A 72 10.57 1.00 1.11
C ALA A 72 9.09 0.66 1.21
N ALA A 73 8.31 1.58 1.75
CA ALA A 73 6.88 1.38 1.91
C ALA A 73 6.17 2.69 2.27
N GLY A 74 6.58 3.28 3.39
CA GLY A 74 5.98 4.53 3.83
C GLY A 74 6.35 5.70 2.93
N GLY A 75 5.78 6.87 3.24
CA GLY A 75 6.05 8.04 2.44
C GLY A 75 4.93 8.40 1.50
N SER A 76 4.05 7.42 1.23
CA SER A 76 2.92 7.64 0.34
C SER A 76 3.38 8.21 -1.00
N PRO A 77 4.10 7.40 -1.77
CA PRO A 77 4.61 7.81 -3.09
C PRO A 77 3.50 7.98 -4.12
N SER A 78 3.89 8.30 -5.35
CA SER A 78 2.92 8.49 -6.42
C SER A 78 3.62 8.51 -7.78
N PRO A 79 4.16 7.35 -8.20
CA PRO A 79 4.86 7.21 -9.48
C PRO A 79 3.92 7.31 -10.67
N PRO A 80 4.49 7.44 -11.87
CA PRO A 80 3.73 7.56 -13.11
C PRO A 80 3.03 6.25 -13.49
N ALA A 81 1.70 6.28 -13.50
CA ALA A 81 0.92 5.09 -13.84
C ALA A 81 0.54 5.09 -15.32
N ASP A 82 1.33 5.78 -16.13
CA ASP A 82 1.08 5.87 -17.56
C ASP A 82 -0.30 6.47 -17.84
N GLY A 83 -0.32 7.77 -18.12
CA GLY A 83 -1.57 8.45 -18.40
C GLY A 83 -2.13 8.10 -19.76
N GLY A 84 -2.70 6.91 -19.88
CA GLY A 84 -3.27 6.47 -21.15
C GLY A 84 -3.00 5.01 -21.43
N SER A 85 -2.01 4.75 -22.29
CA SER A 85 -1.66 3.39 -22.65
C SER A 85 -2.86 2.66 -23.25
N PRO A 86 -3.22 3.03 -24.49
CA PRO A 86 -4.34 2.42 -25.21
C PRO A 86 -4.06 0.98 -25.62
N PRO A 87 -5.12 0.27 -26.05
CA PRO A 87 -5.01 -1.12 -26.47
C PRO A 87 -4.25 -1.27 -27.79
N PRO A 88 -3.89 -2.51 -28.13
CA PRO A 88 -3.15 -2.81 -29.37
C PRO A 88 -4.01 -2.62 -30.61
N PRO A 89 -3.37 -2.63 -31.79
CA PRO A 89 -4.06 -2.46 -33.07
C PRO A 89 -4.92 -3.66 -33.43
N ALA A 90 -5.89 -3.45 -34.32
CA ALA A 90 -6.78 -4.52 -34.74
C ALA A 90 -6.27 -5.17 -36.03
N ASP A 91 -5.38 -6.15 -35.88
CA ASP A 91 -4.83 -6.85 -37.02
C ASP A 91 -4.49 -8.29 -36.67
N GLY A 92 -4.46 -9.15 -37.69
CA GLY A 92 -4.15 -10.55 -37.45
C GLY A 92 -2.80 -10.95 -38.01
N GLY A 93 -2.73 -12.12 -38.64
CA GLY A 93 -1.48 -12.60 -39.21
C GLY A 93 -1.65 -13.91 -39.96
N SER A 94 -0.54 -14.58 -40.21
CA SER A 94 -0.55 -15.85 -40.93
C SER A 94 -1.19 -15.69 -42.30
N PRO A 95 -0.38 -15.31 -43.30
CA PRO A 95 1.05 -15.07 -43.09
C PRO A 95 1.32 -13.82 -42.27
N PRO A 96 2.53 -13.71 -41.72
CA PRO A 96 2.94 -12.57 -40.91
C PRO A 96 3.10 -11.29 -41.73
N VAL A 97 3.35 -10.17 -41.05
CA VAL A 97 3.53 -8.90 -41.72
C VAL A 97 4.62 -8.06 -41.05
N ASP A 98 5.34 -7.29 -41.83
CA ASP A 98 6.40 -6.43 -41.31
C ASP A 98 5.87 -5.50 -40.23
N GLY A 99 4.61 -5.11 -40.37
CA GLY A 99 4.00 -4.21 -39.40
C GLY A 99 4.09 -4.75 -37.98
N GLY A 100 4.75 -4.00 -37.11
CA GLY A 100 4.90 -4.43 -35.73
C GLY A 100 6.32 -4.27 -35.22
N SER A 101 6.92 -5.39 -34.82
CA SER A 101 8.29 -5.37 -34.31
C SER A 101 8.37 -4.54 -33.02
N PRO A 102 9.44 -4.78 -32.25
CA PRO A 102 9.67 -4.07 -30.99
C PRO A 102 10.03 -2.60 -31.20
N PRO A 103 10.01 -1.82 -30.11
CA PRO A 103 9.69 -2.34 -28.78
C PRO A 103 8.21 -2.71 -28.64
N PRO A 104 7.87 -3.42 -27.55
CA PRO A 104 6.50 -3.84 -27.28
C PRO A 104 5.59 -2.68 -26.94
N PRO A 105 4.27 -2.93 -26.91
CA PRO A 105 3.26 -1.91 -26.59
C PRO A 105 3.30 -1.52 -25.12
N SER A 106 2.62 -0.42 -24.80
CA SER A 106 2.58 0.07 -23.42
C SER A 106 3.99 0.29 -22.88
N THR A 107 4.74 1.16 -23.54
CA THR A 107 6.11 1.44 -23.13
C THR A 107 6.92 0.16 -22.93
N HIS A 108 8.11 0.30 -22.38
CA HIS A 108 8.99 -0.84 -22.15
C HIS A 108 9.26 -1.58 -23.45
N ALA A 1 -4.37 -17.39 22.53
CA ALA A 1 -4.25 -16.10 21.85
C ALA A 1 -3.01 -16.05 20.97
N GLY A 2 -3.13 -15.39 19.82
CA GLY A 2 -2.01 -15.29 18.91
C GLY A 2 -1.70 -13.85 18.54
N SER A 3 -1.42 -13.03 19.54
CA SER A 3 -1.11 -11.62 19.31
C SER A 3 -0.01 -11.48 18.27
N LYS A 4 -0.34 -10.83 17.16
CA LYS A 4 0.62 -10.62 16.08
C LYS A 4 0.04 -9.67 15.02
N LEU A 5 0.92 -9.08 14.23
CA LEU A 5 0.51 -8.16 13.17
C LEU A 5 0.24 -8.91 11.87
N CYS A 6 -0.65 -8.34 11.05
CA CYS A 6 -0.99 -8.96 9.77
C CYS A 6 -0.64 -8.03 8.61
N GLU A 7 -0.31 -8.61 7.46
CA GLU A 7 0.04 -7.83 6.28
C GLU A 7 -0.73 -8.33 5.06
N LYS A 8 -1.25 -7.38 4.27
CA LYS A 8 -2.00 -7.72 3.07
C LYS A 8 -1.33 -7.16 1.82
N THR A 9 -1.57 -7.79 0.68
CA THR A 9 -0.99 -7.35 -0.58
C THR A 9 -2.07 -6.91 -1.56
N SER A 10 -3.06 -6.19 -1.05
CA SER A 10 -4.16 -5.70 -1.88
C SER A 10 -4.95 -6.87 -2.47
N LYS A 11 -6.27 -6.73 -2.48
CA LYS A 11 -7.14 -7.77 -3.01
C LYS A 11 -8.41 -7.16 -3.60
N THR A 12 -8.97 -6.17 -2.92
CA THR A 12 -10.17 -5.51 -3.37
C THR A 12 -9.89 -4.08 -3.82
N TYR A 13 -8.64 -3.65 -3.65
CA TYR A 13 -8.24 -2.31 -4.03
C TYR A 13 -8.57 -2.03 -5.49
N SER A 14 -7.78 -2.60 -6.39
CA SER A 14 -7.99 -2.41 -7.82
C SER A 14 -8.06 -0.94 -8.18
N GLY A 15 -8.37 -0.64 -9.44
CA GLY A 15 -8.47 0.74 -9.88
C GLY A 15 -7.11 1.37 -10.11
N LYS A 16 -7.00 2.66 -9.81
CA LYS A 16 -5.76 3.38 -9.98
C LYS A 16 -4.83 3.17 -8.78
N CYS A 17 -3.70 3.88 -8.77
CA CYS A 17 -2.74 3.78 -7.69
C CYS A 17 -2.49 5.14 -7.05
N ASP A 18 -3.00 5.32 -5.83
CA ASP A 18 -2.82 6.58 -5.11
C ASP A 18 -2.42 6.32 -3.67
N ASN A 19 -2.15 7.40 -2.93
CA ASN A 19 -1.75 7.30 -1.54
C ASN A 19 -2.97 7.21 -0.63
N LYS A 20 -3.63 8.35 -0.43
CA LYS A 20 -4.81 8.40 0.41
C LYS A 20 -5.86 7.39 -0.04
N LYS A 21 -6.01 7.25 -1.36
CA LYS A 21 -6.97 6.31 -1.93
C LYS A 21 -6.66 4.88 -1.50
N CYS A 22 -5.37 4.53 -1.52
CA CYS A 22 -4.94 3.20 -1.13
C CYS A 22 -5.08 2.99 0.38
N ASP A 23 -4.46 3.88 1.14
CA ASP A 23 -4.51 3.80 2.60
C ASP A 23 -5.95 3.74 3.09
N LYS A 24 -6.79 4.63 2.58
CA LYS A 24 -8.19 4.68 2.96
C LYS A 24 -8.92 3.41 2.52
N LYS A 25 -8.66 3.00 1.29
CA LYS A 25 -9.30 1.79 0.75
C LYS A 25 -8.90 0.56 1.56
N CYS A 26 -7.77 0.65 2.25
CA CYS A 26 -7.28 -0.46 3.06
C CYS A 26 -8.08 -0.58 4.35
N ILE A 27 -8.22 0.53 5.07
CA ILE A 27 -8.96 0.54 6.32
C ILE A 27 -10.47 0.54 6.06
N GLU A 28 -10.85 0.88 4.83
CA GLU A 28 -12.25 0.91 4.46
C GLU A 28 -12.76 -0.48 4.08
N TRP A 29 -11.95 -1.21 3.32
CA TRP A 29 -12.32 -2.55 2.89
C TRP A 29 -11.56 -3.61 3.70
N GLU A 30 -10.24 -3.45 3.79
CA GLU A 30 -9.41 -4.39 4.54
C GLU A 30 -9.39 -4.02 6.02
N LYS A 31 -10.04 -2.92 6.36
CA LYS A 31 -10.09 -2.46 7.75
C LYS A 31 -8.71 -2.55 8.40
N ALA A 32 -7.67 -2.30 7.62
CA ALA A 32 -6.31 -2.34 8.11
C ALA A 32 -5.96 -1.07 8.88
N GLN A 33 -4.69 -0.93 9.24
CA GLN A 33 -4.23 0.24 9.97
C GLN A 33 -3.49 1.21 9.06
N HIS A 34 -2.65 0.68 8.18
CA HIS A 34 -1.89 1.49 7.25
C HIS A 34 -1.70 0.77 5.92
N GLY A 35 -1.73 1.52 4.82
CA GLY A 35 -1.56 0.94 3.52
C GLY A 35 -0.76 1.82 2.58
N ALA A 36 -0.10 1.21 1.61
CA ALA A 36 0.70 1.95 0.64
C ALA A 36 0.53 1.40 -0.76
N CYS A 37 0.90 2.19 -1.77
CA CYS A 37 0.78 1.78 -3.16
C CYS A 37 2.14 1.80 -3.84
N HIS A 38 2.38 0.81 -4.70
CA HIS A 38 3.64 0.71 -5.43
C HIS A 38 3.42 0.17 -6.84
N LYS A 39 3.98 0.87 -7.82
CA LYS A 39 3.84 0.46 -9.21
C LYS A 39 5.13 -0.22 -9.72
N ARG A 40 4.98 -1.40 -10.29
CA ARG A 40 6.12 -2.15 -10.80
C ARG A 40 5.68 -3.48 -11.40
N GLU A 41 6.63 -4.22 -11.95
CA GLU A 41 6.34 -5.52 -12.56
C GLU A 41 5.27 -5.40 -13.62
N ALA A 42 5.69 -5.27 -14.88
CA ALA A 42 4.76 -5.15 -15.99
C ALA A 42 3.79 -4.00 -15.76
N GLY A 43 4.20 -3.02 -14.97
CA GLY A 43 3.35 -1.87 -14.69
C GLY A 43 2.19 -2.23 -13.78
N LYS A 44 2.38 -3.26 -12.96
CA LYS A 44 1.33 -3.70 -12.04
C LYS A 44 1.45 -2.99 -10.69
N GLU A 45 0.39 -2.30 -10.30
CA GLU A 45 0.37 -1.57 -9.03
C GLU A 45 -0.13 -2.46 -7.90
N SER A 46 0.67 -2.57 -6.84
CA SER A 46 0.31 -3.39 -5.69
C SER A 46 0.21 -2.55 -4.43
N CYS A 47 -0.84 -2.79 -3.64
CA CYS A 47 -1.07 -2.06 -2.41
C CYS A 47 -0.88 -2.96 -1.19
N PHE A 48 0.10 -2.63 -0.36
CA PHE A 48 0.39 -3.41 0.84
C PHE A 48 -0.04 -2.66 2.10
N CYS A 49 -0.80 -3.34 2.95
CA CYS A 49 -1.29 -2.74 4.19
C CYS A 49 -0.96 -3.63 5.38
N TYR A 50 -0.89 -3.03 6.56
CA TYR A 50 -0.59 -3.77 7.79
C TYR A 50 -1.51 -3.34 8.92
N PHE A 51 -1.97 -4.32 9.70
CA PHE A 51 -2.86 -4.05 10.82
C PHE A 51 -2.63 -5.03 11.96
N ASP A 52 -2.97 -4.62 13.17
CA ASP A 52 -2.80 -5.48 14.34
C ASP A 52 -3.78 -6.65 14.31
N CYS A 53 -3.26 -7.86 14.49
CA CYS A 53 -4.09 -9.05 14.48
C CYS A 53 -4.10 -9.71 15.86
N SER A 54 -5.21 -10.38 16.18
CA SER A 54 -5.36 -11.06 17.46
C SER A 54 -5.39 -10.05 18.60
N LYS A 55 -4.21 -9.56 18.98
CA LYS A 55 -4.09 -8.58 20.05
C LYS A 55 -2.76 -7.83 19.98
N SER A 56 -2.26 -7.67 18.76
CA SER A 56 -0.99 -6.98 18.54
C SER A 56 -1.17 -5.47 18.69
N PRO A 57 -0.07 -4.77 19.03
CA PRO A 57 -0.08 -3.33 19.22
C PRO A 57 -0.27 -2.58 17.91
N PRO A 58 -0.51 -1.26 18.01
CA PRO A 58 -0.72 -0.41 16.83
C PRO A 58 0.56 -0.20 16.03
N GLY A 59 0.94 -1.22 15.26
CA GLY A 59 2.14 -1.14 14.45
C GLY A 59 3.33 -1.79 15.12
N ALA A 60 3.67 -2.99 14.67
CA ALA A 60 4.80 -3.72 15.22
C ALA A 60 5.28 -4.82 14.27
N THR A 61 5.73 -4.40 13.09
CA THR A 61 6.21 -5.35 12.08
C THR A 61 5.23 -6.51 11.92
N PRO A 62 5.08 -6.96 10.67
CA PRO A 62 4.18 -8.08 10.34
C PRO A 62 4.70 -9.42 10.86
N ALA A 63 4.04 -10.50 10.46
CA ALA A 63 4.43 -11.83 10.88
C ALA A 63 4.96 -12.65 9.71
N PRO A 64 6.19 -12.33 9.27
CA PRO A 64 6.84 -13.03 8.16
C PRO A 64 7.23 -14.45 8.51
N PRO A 65 7.59 -15.24 7.49
CA PRO A 65 8.01 -16.64 7.67
C PRO A 65 9.35 -16.76 8.37
N GLY A 66 10.20 -15.75 8.19
CA GLY A 66 11.51 -15.77 8.81
C GLY A 66 12.12 -14.38 8.90
N ALA A 67 11.34 -13.41 9.34
CA ALA A 67 11.81 -12.05 9.49
C ALA A 67 12.40 -11.54 8.17
N ALA A 68 11.53 -10.99 7.32
CA ALA A 68 11.97 -10.46 6.03
C ALA A 68 11.04 -9.36 5.54
N PRO A 69 11.14 -8.18 6.18
CA PRO A 69 10.32 -7.02 5.81
C PRO A 69 10.68 -6.45 4.45
N PRO A 70 9.82 -5.55 3.93
CA PRO A 70 10.03 -4.91 2.64
C PRO A 70 11.19 -3.92 2.66
N PRO A 71 11.61 -3.47 1.47
CA PRO A 71 12.71 -2.52 1.33
C PRO A 71 12.34 -1.12 1.83
N ALA A 72 13.33 -0.39 2.31
CA ALA A 72 13.10 0.96 2.81
C ALA A 72 12.35 1.81 1.78
N ALA A 73 11.13 2.23 2.14
CA ALA A 73 10.32 3.04 1.26
C ALA A 73 9.90 4.34 1.94
N GLY A 74 9.36 5.27 1.16
CA GLY A 74 8.92 6.54 1.71
C GLY A 74 7.44 6.56 2.03
N GLY A 75 6.61 6.53 0.98
CA GLY A 75 5.18 6.54 1.19
C GLY A 75 4.56 7.90 0.88
N SER A 76 3.62 7.92 -0.05
CA SER A 76 2.95 9.17 -0.44
C SER A 76 3.95 10.14 -1.05
N PRO A 77 3.43 11.13 -1.80
CA PRO A 77 4.25 12.15 -2.46
C PRO A 77 4.89 13.11 -1.46
N SER A 78 6.02 12.70 -0.88
CA SER A 78 6.71 13.53 0.09
C SER A 78 5.86 13.76 1.33
N PRO A 79 6.50 14.15 2.44
CA PRO A 79 5.82 14.40 3.71
C PRO A 79 4.97 15.67 3.65
N PRO A 80 4.11 15.85 4.67
CA PRO A 80 3.22 17.01 4.76
C PRO A 80 3.98 18.30 5.05
N ALA A 81 4.33 19.03 3.99
CA ALA A 81 5.07 20.28 4.13
C ALA A 81 5.29 20.93 2.78
N ASP A 82 5.65 22.22 2.80
CA ASP A 82 5.90 22.96 1.57
C ASP A 82 6.65 24.25 1.85
N GLY A 83 5.96 25.19 2.50
CA GLY A 83 6.58 26.46 2.83
C GLY A 83 7.17 27.16 1.61
N GLY A 84 7.94 28.21 1.85
CA GLY A 84 8.56 28.94 0.75
C GLY A 84 10.02 28.57 0.57
N SER A 85 10.67 28.14 1.64
CA SER A 85 12.07 27.77 1.59
C SER A 85 12.93 28.96 1.19
N PRO A 86 13.05 29.94 2.10
CA PRO A 86 13.85 31.15 1.87
C PRO A 86 15.35 30.86 1.85
N PRO A 87 16.13 31.85 1.39
CA PRO A 87 17.59 31.73 1.30
C PRO A 87 18.25 31.69 2.68
N PRO A 88 19.54 31.33 2.71
CA PRO A 88 20.31 31.26 3.95
C PRO A 88 20.59 32.64 4.55
N PRO A 89 21.06 32.67 5.80
CA PRO A 89 21.37 33.91 6.50
C PRO A 89 22.59 34.61 5.94
N ALA A 90 23.05 35.65 6.62
CA ALA A 90 24.21 36.41 6.17
C ALA A 90 24.76 37.28 7.30
N ASP A 91 24.86 36.70 8.50
CA ASP A 91 25.37 37.42 9.65
C ASP A 91 26.48 36.62 10.34
N GLY A 92 27.40 37.34 10.99
CA GLY A 92 28.49 36.68 11.67
C GLY A 92 28.13 36.25 13.07
N GLY A 93 28.01 34.93 13.27
CA GLY A 93 27.66 34.41 14.58
C GLY A 93 28.01 32.94 14.72
N SER A 94 26.99 32.10 14.84
CA SER A 94 27.20 30.66 14.99
C SER A 94 28.07 30.37 16.21
N PRO A 95 27.44 30.26 17.38
CA PRO A 95 25.98 30.39 17.51
C PRO A 95 25.52 31.83 17.28
N PRO A 96 24.22 31.99 17.01
CA PRO A 96 23.62 33.31 16.78
C PRO A 96 23.56 34.15 18.05
N VAL A 97 23.02 35.36 17.92
CA VAL A 97 22.91 36.27 19.05
C VAL A 97 21.52 36.90 19.12
N ASP A 98 20.99 37.04 20.33
CA ASP A 98 19.67 37.63 20.53
C ASP A 98 18.59 36.70 20.00
N GLY A 99 18.43 36.66 18.67
CA GLY A 99 17.42 35.81 18.07
C GLY A 99 16.70 36.50 16.92
N GLY A 100 15.88 35.74 16.21
CA GLY A 100 15.14 36.30 15.08
C GLY A 100 15.84 36.07 13.76
N SER A 101 16.69 37.02 13.38
CA SER A 101 17.43 36.94 12.12
C SER A 101 16.47 36.77 10.95
N PRO A 102 15.78 37.86 10.59
CA PRO A 102 14.81 37.86 9.48
C PRO A 102 15.51 37.74 8.12
N PRO A 103 14.70 37.50 7.07
CA PRO A 103 13.25 37.36 7.20
C PRO A 103 12.86 36.07 7.92
N PRO A 104 11.58 35.97 8.32
CA PRO A 104 11.05 34.81 9.02
C PRO A 104 10.96 33.58 8.12
N PRO A 105 10.73 32.41 8.73
CA PRO A 105 10.63 31.13 8.01
C PRO A 105 9.36 31.05 7.17
N SER A 106 9.53 30.89 5.86
CA SER A 106 8.40 30.80 4.95
C SER A 106 7.72 32.16 4.80
N THR A 107 7.04 32.59 5.87
CA THR A 107 6.33 33.86 5.85
C THR A 107 7.30 35.02 5.59
N HIS A 108 6.75 36.23 5.47
CA HIS A 108 7.56 37.41 5.22
C HIS A 108 6.73 38.68 5.41
N ALA A 1 1.28 -19.82 17.55
CA ALA A 1 1.15 -18.51 16.94
C ALA A 1 -0.07 -17.78 17.49
N GLY A 2 0.09 -16.47 17.73
CA GLY A 2 -1.01 -15.68 18.25
C GLY A 2 -0.88 -14.20 17.89
N SER A 3 -0.71 -13.36 18.89
CA SER A 3 -0.59 -11.93 18.68
C SER A 3 0.51 -11.63 17.66
N LYS A 4 0.16 -10.86 16.64
CA LYS A 4 1.11 -10.49 15.60
C LYS A 4 0.47 -9.56 14.57
N LEU A 5 1.30 -8.94 13.74
CA LEU A 5 0.81 -8.02 12.72
C LEU A 5 0.53 -8.76 11.41
N CYS A 6 -0.40 -8.23 10.63
CA CYS A 6 -0.77 -8.83 9.36
C CYS A 6 -0.52 -7.87 8.21
N GLU A 7 -0.12 -8.41 7.05
CA GLU A 7 0.16 -7.59 5.88
C GLU A 7 -0.53 -8.18 4.64
N LYS A 8 -1.12 -7.31 3.84
CA LYS A 8 -1.81 -7.74 2.62
C LYS A 8 -1.32 -6.94 1.41
N THR A 9 -1.24 -7.60 0.26
CA THR A 9 -0.79 -6.96 -0.96
C THR A 9 -1.96 -6.72 -1.92
N SER A 10 -2.93 -5.93 -1.47
CA SER A 10 -4.10 -5.64 -2.29
C SER A 10 -4.90 -6.90 -2.58
N LYS A 11 -6.16 -6.91 -2.17
CA LYS A 11 -7.04 -8.05 -2.38
C LYS A 11 -8.49 -7.61 -2.52
N THR A 12 -8.69 -6.31 -2.71
CA THR A 12 -10.04 -5.77 -2.86
C THR A 12 -10.00 -4.38 -3.48
N TYR A 13 -8.91 -3.64 -3.22
CA TYR A 13 -8.75 -2.30 -3.76
C TYR A 13 -9.10 -2.25 -5.24
N SER A 14 -8.19 -2.75 -6.07
CA SER A 14 -8.40 -2.77 -7.51
C SER A 14 -8.68 -1.37 -8.04
N GLY A 15 -7.63 -0.70 -8.52
CA GLY A 15 -7.77 0.64 -9.05
C GLY A 15 -6.46 1.21 -9.55
N LYS A 16 -6.46 2.50 -9.87
CA LYS A 16 -5.27 3.17 -10.36
C LYS A 16 -4.23 3.33 -9.26
N CYS A 17 -4.63 3.02 -8.03
CA CYS A 17 -3.74 3.13 -6.88
C CYS A 17 -3.40 4.59 -6.59
N ASP A 18 -3.10 4.89 -5.33
CA ASP A 18 -2.76 6.24 -4.91
C ASP A 18 -2.20 6.25 -3.49
N ASN A 19 -2.20 7.43 -2.87
CA ASN A 19 -1.70 7.57 -1.52
C ASN A 19 -2.83 7.48 -0.50
N LYS A 20 -3.64 8.53 -0.42
CA LYS A 20 -4.76 8.56 0.50
C LYS A 20 -5.83 7.55 0.10
N LYS A 21 -6.07 7.44 -1.20
CA LYS A 21 -7.08 6.51 -1.73
C LYS A 21 -6.77 5.08 -1.28
N CYS A 22 -5.50 4.71 -1.33
CA CYS A 22 -5.07 3.37 -0.92
C CYS A 22 -5.25 3.18 0.57
N ASP A 23 -4.76 4.14 1.35
CA ASP A 23 -4.86 4.07 2.81
C ASP A 23 -6.32 4.00 3.25
N LYS A 24 -7.13 4.95 2.79
CA LYS A 24 -8.54 5.00 3.13
C LYS A 24 -9.24 3.72 2.68
N LYS A 25 -9.05 3.36 1.42
CA LYS A 25 -9.66 2.16 0.87
C LYS A 25 -9.20 0.91 1.62
N CYS A 26 -7.99 0.97 2.17
CA CYS A 26 -7.44 -0.15 2.92
C CYS A 26 -8.22 -0.38 4.21
N ILE A 27 -8.40 0.70 4.98
CA ILE A 27 -9.12 0.61 6.24
C ILE A 27 -10.63 0.60 6.02
N GLU A 28 -11.05 1.04 4.83
CA GLU A 28 -12.46 1.08 4.49
C GLU A 28 -12.93 -0.27 3.96
N TRP A 29 -12.11 -0.89 3.11
CA TRP A 29 -12.44 -2.18 2.53
C TRP A 29 -11.69 -3.31 3.24
N GLU A 30 -10.38 -3.14 3.38
CA GLU A 30 -9.55 -4.14 4.04
C GLU A 30 -9.52 -3.92 5.56
N LYS A 31 -10.19 -2.85 6.00
CA LYS A 31 -10.24 -2.52 7.42
C LYS A 31 -8.87 -2.65 8.06
N ALA A 32 -7.83 -2.33 7.30
CA ALA A 32 -6.46 -2.41 7.80
C ALA A 32 -6.13 -1.21 8.67
N GLN A 33 -4.86 -1.11 9.08
CA GLN A 33 -4.42 0.00 9.92
C GLN A 33 -3.72 1.07 9.09
N HIS A 34 -2.95 0.63 8.09
CA HIS A 34 -2.23 1.54 7.21
C HIS A 34 -2.16 1.01 5.79
N GLY A 35 -2.09 1.91 4.83
CA GLY A 35 -2.02 1.50 3.43
C GLY A 35 -0.78 2.02 2.74
N ALA A 36 -0.49 1.47 1.56
CA ALA A 36 0.68 1.88 0.79
C ALA A 36 0.50 1.57 -0.69
N CYS A 37 1.28 2.25 -1.53
CA CYS A 37 1.20 2.04 -2.97
C CYS A 37 2.60 1.88 -3.57
N HIS A 38 2.72 0.93 -4.49
CA HIS A 38 4.01 0.67 -5.14
C HIS A 38 3.80 0.27 -6.60
N LYS A 39 4.84 0.44 -7.41
CA LYS A 39 4.79 0.10 -8.83
C LYS A 39 5.80 -0.99 -9.18
N ARG A 40 5.30 -2.11 -9.67
CA ARG A 40 6.17 -3.23 -10.04
C ARG A 40 5.35 -4.40 -10.57
N GLU A 41 6.02 -5.50 -10.89
CA GLU A 41 5.36 -6.68 -11.41
C GLU A 41 4.53 -6.35 -12.64
N ALA A 42 5.10 -6.58 -13.82
CA ALA A 42 4.42 -6.31 -15.07
C ALA A 42 4.02 -4.84 -15.17
N GLY A 43 4.62 -4.01 -14.32
CA GLY A 43 4.33 -2.59 -14.32
C GLY A 43 2.95 -2.29 -13.76
N LYS A 44 2.53 -3.06 -12.76
CA LYS A 44 1.23 -2.86 -12.13
C LYS A 44 1.38 -2.27 -10.74
N GLU A 45 0.42 -1.43 -10.35
CA GLU A 45 0.45 -0.80 -9.04
C GLU A 45 -0.13 -1.73 -7.97
N SER A 46 0.63 -1.91 -6.90
CA SER A 46 0.19 -2.79 -5.81
C SER A 46 -0.03 -1.98 -4.53
N CYS A 47 -1.02 -2.40 -3.75
CA CYS A 47 -1.35 -1.72 -2.50
C CYS A 47 -0.99 -2.58 -1.29
N PHE A 48 -0.07 -2.10 -0.47
CA PHE A 48 0.36 -2.83 0.71
C PHE A 48 -0.21 -2.20 1.99
N CYS A 49 -0.96 -2.99 2.75
CA CYS A 49 -1.57 -2.52 3.98
C CYS A 49 -1.22 -3.43 5.15
N TYR A 50 -1.11 -2.86 6.34
CA TYR A 50 -0.79 -3.62 7.53
C TYR A 50 -1.75 -3.30 8.67
N PHE A 51 -2.12 -4.32 9.44
CA PHE A 51 -3.04 -4.15 10.56
C PHE A 51 -2.70 -5.11 11.70
N ASP A 52 -3.04 -4.72 12.92
CA ASP A 52 -2.77 -5.55 14.09
C ASP A 52 -3.63 -6.80 14.07
N CYS A 53 -2.99 -7.96 14.18
CA CYS A 53 -3.69 -9.24 14.17
C CYS A 53 -3.58 -9.92 15.54
N SER A 54 -4.59 -10.73 15.87
CA SER A 54 -4.61 -11.44 17.14
C SER A 54 -4.25 -10.51 18.30
N LYS A 55 -4.67 -9.26 18.18
CA LYS A 55 -4.41 -8.26 19.21
C LYS A 55 -2.90 -8.05 19.38
N SER A 56 -2.25 -7.61 18.31
CA SER A 56 -0.82 -7.36 18.34
C SER A 56 -0.49 -6.15 19.20
N PRO A 57 0.75 -6.11 19.73
CA PRO A 57 1.21 -5.01 20.58
C PRO A 57 1.39 -3.71 19.81
N PRO A 58 1.57 -2.60 20.54
CA PRO A 58 1.76 -1.29 19.94
C PRO A 58 3.11 -1.15 19.24
N GLY A 59 3.21 -1.73 18.05
CA GLY A 59 4.45 -1.68 17.30
C GLY A 59 4.74 -2.96 16.55
N ALA A 60 6.03 -3.30 16.42
CA ALA A 60 6.43 -4.51 15.73
C ALA A 60 6.06 -4.45 14.25
N THR A 61 6.19 -5.58 13.56
CA THR A 61 5.86 -5.64 12.15
C THR A 61 5.19 -6.97 11.80
N PRO A 62 4.46 -6.99 10.66
CA PRO A 62 3.76 -8.18 10.20
C PRO A 62 4.70 -9.27 9.73
N ALA A 63 4.25 -10.51 9.78
CA ALA A 63 5.05 -11.65 9.36
C ALA A 63 6.30 -11.79 10.23
N PRO A 64 6.90 -13.00 10.21
CA PRO A 64 8.10 -13.29 11.00
C PRO A 64 9.32 -12.57 10.47
N PRO A 65 10.41 -12.58 11.27
CA PRO A 65 11.66 -11.92 10.91
C PRO A 65 12.38 -12.63 9.77
N GLY A 66 13.10 -11.87 8.96
CA GLY A 66 13.83 -12.44 7.85
C GLY A 66 14.38 -11.38 6.91
N ALA A 67 13.71 -10.23 6.84
CA ALA A 67 14.14 -9.14 5.98
C ALA A 67 14.21 -7.83 6.76
N ALA A 68 15.42 -7.31 6.91
CA ALA A 68 15.62 -6.05 7.64
C ALA A 68 16.16 -4.96 6.70
N PRO A 69 15.28 -4.44 5.83
CA PRO A 69 15.65 -3.39 4.88
C PRO A 69 15.92 -2.05 5.56
N PRO A 70 16.51 -1.12 4.81
CA PRO A 70 16.84 0.23 5.33
C PRO A 70 15.60 1.07 5.59
N PRO A 71 15.79 2.20 6.29
CA PRO A 71 14.69 3.11 6.63
C PRO A 71 14.16 3.85 5.41
N ALA A 72 13.31 4.83 5.64
CA ALA A 72 12.72 5.62 4.56
C ALA A 72 11.85 4.74 3.66
N ALA A 73 11.04 5.39 2.83
CA ALA A 73 10.17 4.68 1.91
C ALA A 73 9.75 5.56 0.75
N GLY A 74 8.85 5.04 -0.09
CA GLY A 74 8.38 5.80 -1.24
C GLY A 74 7.30 6.80 -0.87
N GLY A 75 6.91 7.63 -1.83
CA GLY A 75 5.88 8.62 -1.59
C GLY A 75 4.90 8.75 -2.74
N SER A 76 3.78 8.05 -2.63
CA SER A 76 2.76 8.08 -3.67
C SER A 76 3.30 7.50 -4.98
N PRO A 77 2.38 7.10 -5.87
CA PRO A 77 2.74 6.54 -7.17
C PRO A 77 3.35 7.58 -8.11
N SER A 78 3.14 8.85 -7.79
CA SER A 78 3.66 9.94 -8.61
C SER A 78 3.68 11.25 -7.81
N PRO A 79 4.64 11.35 -6.88
CA PRO A 79 4.79 12.55 -6.03
C PRO A 79 5.29 13.75 -6.82
N PRO A 80 5.21 14.94 -6.20
CA PRO A 80 5.66 16.19 -6.83
C PRO A 80 7.17 16.26 -6.97
N ALA A 81 7.66 17.31 -7.62
CA ALA A 81 9.09 17.49 -7.83
C ALA A 81 9.68 16.35 -8.66
N ASP A 82 9.67 16.53 -9.98
CA ASP A 82 10.20 15.53 -10.89
C ASP A 82 10.78 16.18 -12.14
N GLY A 83 9.90 16.64 -13.03
CA GLY A 83 10.33 17.27 -14.25
C GLY A 83 11.31 16.42 -15.03
N GLY A 84 11.90 16.98 -16.08
CA GLY A 84 12.85 16.25 -16.89
C GLY A 84 12.30 14.93 -17.38
N SER A 85 11.31 15.00 -18.27
CA SER A 85 10.68 13.80 -18.82
C SER A 85 9.59 14.17 -19.82
N PRO A 86 10.02 14.71 -20.97
CA PRO A 86 9.09 15.11 -22.03
C PRO A 86 8.45 13.92 -22.73
N PRO A 87 7.41 14.19 -23.53
CA PRO A 87 6.68 13.15 -24.27
C PRO A 87 7.52 12.54 -25.39
N PRO A 88 7.03 11.41 -25.94
CA PRO A 88 7.73 10.70 -27.03
C PRO A 88 7.69 11.49 -28.33
N PRO A 89 8.50 11.05 -29.31
CA PRO A 89 8.58 11.69 -30.63
C PRO A 89 7.31 11.47 -31.45
N ALA A 90 6.85 10.23 -31.51
CA ALA A 90 5.64 9.89 -32.26
C ALA A 90 5.31 8.41 -32.11
N ASP A 91 5.32 7.92 -30.88
CA ASP A 91 5.01 6.52 -30.61
C ASP A 91 6.12 5.61 -31.12
N GLY A 92 6.15 5.42 -32.44
CA GLY A 92 7.16 4.56 -33.03
C GLY A 92 7.19 3.17 -32.43
N GLY A 93 8.24 2.42 -32.73
CA GLY A 93 8.36 1.07 -32.21
C GLY A 93 7.69 0.03 -33.10
N SER A 94 8.00 -1.23 -32.86
CA SER A 94 7.43 -2.32 -33.65
C SER A 94 7.72 -2.12 -35.13
N PRO A 95 8.88 -2.61 -35.58
CA PRO A 95 9.83 -3.31 -34.71
C PRO A 95 10.50 -2.36 -33.71
N PRO A 96 11.08 -2.93 -32.65
CA PRO A 96 11.77 -2.16 -31.61
C PRO A 96 13.07 -1.52 -32.11
N VAL A 97 12.95 -0.41 -32.83
CA VAL A 97 14.11 0.28 -33.36
C VAL A 97 14.02 1.78 -33.10
N ASP A 98 15.14 2.38 -32.69
CA ASP A 98 15.18 3.80 -32.41
C ASP A 98 16.63 4.29 -32.29
N GLY A 99 16.88 5.53 -32.70
CA GLY A 99 18.21 6.09 -32.64
C GLY A 99 18.21 7.60 -32.60
N GLY A 100 17.62 8.21 -33.64
CA GLY A 100 17.57 9.66 -33.70
C GLY A 100 16.16 10.20 -33.48
N SER A 101 15.47 10.49 -34.58
CA SER A 101 14.11 11.02 -34.51
C SER A 101 14.06 12.24 -33.59
N PRO A 102 14.61 13.36 -34.06
CA PRO A 102 14.64 14.62 -33.31
C PRO A 102 13.26 15.25 -33.17
N PRO A 103 13.14 16.26 -32.30
CA PRO A 103 14.27 16.75 -31.51
C PRO A 103 14.70 15.76 -30.45
N PRO A 104 15.88 16.00 -29.84
CA PRO A 104 16.43 15.14 -28.80
C PRO A 104 15.64 15.22 -27.49
N PRO A 105 15.91 14.28 -26.58
CA PRO A 105 15.24 14.24 -25.28
C PRO A 105 15.64 15.39 -24.37
N SER A 106 15.19 15.33 -23.12
CA SER A 106 15.50 16.38 -22.14
C SER A 106 14.94 17.72 -22.60
N THR A 107 14.93 18.69 -21.69
CA THR A 107 14.43 20.03 -21.99
C THR A 107 14.94 21.05 -20.98
N HIS A 108 14.85 20.69 -19.70
CA HIS A 108 15.29 21.59 -18.64
C HIS A 108 14.82 23.02 -18.88
N ALA A 1 -2.80 -18.26 23.19
CA ALA A 1 -1.78 -18.26 22.15
C ALA A 1 -2.24 -17.50 20.92
N GLY A 2 -1.63 -16.33 20.69
CA GLY A 2 -1.99 -15.51 19.55
C GLY A 2 -1.19 -14.23 19.48
N SER A 3 -1.87 -13.12 19.22
CA SER A 3 -1.21 -11.82 19.11
C SER A 3 -0.23 -11.80 17.94
N LYS A 4 -0.60 -11.13 16.86
CA LYS A 4 0.24 -11.04 15.68
C LYS A 4 -0.18 -9.86 14.81
N LEU A 5 0.36 -9.80 13.60
CA LEU A 5 0.04 -8.73 12.65
C LEU A 5 -0.34 -9.30 11.29
N CYS A 6 -1.24 -8.60 10.60
CA CYS A 6 -1.69 -9.03 9.29
C CYS A 6 -1.41 -7.97 8.24
N GLU A 7 -1.18 -8.40 7.00
CA GLU A 7 -0.89 -7.47 5.91
C GLU A 7 -1.61 -7.90 4.64
N LYS A 8 -2.18 -6.93 3.94
CA LYS A 8 -2.90 -7.19 2.69
C LYS A 8 -2.15 -6.63 1.50
N THR A 9 -2.34 -7.27 0.34
CA THR A 9 -1.68 -6.83 -0.88
C THR A 9 -2.69 -6.50 -1.98
N SER A 10 -3.51 -5.49 -1.72
CA SER A 10 -4.54 -5.08 -2.68
C SER A 10 -5.59 -6.16 -2.85
N LYS A 11 -5.71 -7.03 -1.85
CA LYS A 11 -6.67 -8.13 -1.89
C LYS A 11 -8.06 -7.61 -2.24
N THR A 12 -8.30 -6.33 -1.93
CA THR A 12 -9.59 -5.71 -2.22
C THR A 12 -9.42 -4.27 -2.69
N TYR A 13 -8.24 -3.97 -3.22
CA TYR A 13 -7.95 -2.63 -3.71
C TYR A 13 -8.01 -2.58 -5.24
N SER A 14 -6.94 -3.05 -5.88
CA SER A 14 -6.88 -3.06 -7.34
C SER A 14 -7.24 -1.68 -7.91
N GLY A 15 -7.44 -1.62 -9.23
CA GLY A 15 -7.78 -0.37 -9.86
C GLY A 15 -6.61 0.59 -9.92
N LYS A 16 -6.89 1.88 -9.77
CA LYS A 16 -5.85 2.90 -9.81
C LYS A 16 -4.83 2.67 -8.70
N CYS A 17 -3.95 3.65 -8.49
CA CYS A 17 -2.93 3.57 -7.46
C CYS A 17 -2.67 4.93 -6.82
N ASP A 18 -3.07 5.06 -5.56
CA ASP A 18 -2.89 6.32 -4.84
C ASP A 18 -2.49 6.04 -3.39
N ASN A 19 -2.09 7.10 -2.68
CA ASN A 19 -1.67 6.98 -1.29
C ASN A 19 -2.88 6.99 -0.37
N LYS A 20 -3.65 8.07 -0.42
CA LYS A 20 -4.84 8.21 0.42
C LYS A 20 -5.92 7.20 0.00
N LYS A 21 -6.08 7.03 -1.31
CA LYS A 21 -7.06 6.09 -1.84
C LYS A 21 -6.79 4.67 -1.36
N CYS A 22 -5.52 4.28 -1.41
CA CYS A 22 -5.12 2.94 -0.98
C CYS A 22 -5.27 2.79 0.53
N ASP A 23 -4.65 3.70 1.27
CA ASP A 23 -4.71 3.67 2.74
C ASP A 23 -6.16 3.63 3.21
N LYS A 24 -6.96 4.59 2.76
CA LYS A 24 -8.36 4.67 3.15
C LYS A 24 -9.08 3.37 2.82
N LYS A 25 -8.88 2.87 1.61
CA LYS A 25 -9.51 1.62 1.17
C LYS A 25 -9.11 0.47 2.08
N CYS A 26 -7.84 0.41 2.43
CA CYS A 26 -7.33 -0.65 3.30
C CYS A 26 -8.12 -0.71 4.60
N ILE A 27 -8.30 0.44 5.23
CA ILE A 27 -9.05 0.51 6.48
C ILE A 27 -10.55 0.50 6.23
N GLU A 28 -10.95 0.76 5.00
CA GLU A 28 -12.35 0.77 4.63
C GLU A 28 -12.86 -0.64 4.37
N TRP A 29 -12.09 -1.42 3.61
CA TRP A 29 -12.46 -2.79 3.29
C TRP A 29 -11.64 -3.78 4.11
N GLU A 30 -10.31 -3.62 4.08
CA GLU A 30 -9.42 -4.50 4.82
C GLU A 30 -9.31 -4.06 6.28
N LYS A 31 -10.01 -2.98 6.62
CA LYS A 31 -9.99 -2.46 7.97
C LYS A 31 -8.57 -2.47 8.55
N ALA A 32 -7.59 -2.20 7.70
CA ALA A 32 -6.20 -2.18 8.12
C ALA A 32 -5.88 -0.89 8.89
N GLN A 33 -4.59 -0.65 9.10
CA GLN A 33 -4.15 0.55 9.82
C GLN A 33 -3.44 1.51 8.88
N HIS A 34 -2.52 0.99 8.09
CA HIS A 34 -1.77 1.82 7.14
C HIS A 34 -1.68 1.14 5.78
N GLY A 35 -1.54 1.95 4.73
CA GLY A 35 -1.45 1.41 3.39
C GLY A 35 -0.29 2.00 2.61
N ALA A 36 -0.02 1.44 1.44
CA ALA A 36 1.06 1.91 0.59
C ALA A 36 0.84 1.53 -0.87
N CYS A 37 1.56 2.19 -1.77
CA CYS A 37 1.44 1.92 -3.20
C CYS A 37 2.81 1.75 -3.84
N HIS A 38 2.92 0.79 -4.75
CA HIS A 38 4.17 0.53 -5.45
C HIS A 38 3.91 0.05 -6.88
N LYS A 39 4.60 0.67 -7.83
CA LYS A 39 4.44 0.30 -9.24
C LYS A 39 5.59 -0.58 -9.70
N ARG A 40 5.25 -1.70 -10.33
CA ARG A 40 6.26 -2.63 -10.82
C ARG A 40 5.61 -3.83 -11.51
N GLU A 41 6.43 -4.70 -12.10
CA GLU A 41 5.93 -5.87 -12.79
C GLU A 41 4.94 -5.48 -13.87
N ALA A 42 5.44 -5.35 -15.10
CA ALA A 42 4.59 -4.98 -16.24
C ALA A 42 3.87 -3.67 -15.97
N GLY A 43 4.43 -2.85 -15.08
CA GLY A 43 3.81 -1.58 -14.76
C GLY A 43 2.54 -1.74 -13.93
N LYS A 44 2.49 -2.80 -13.13
CA LYS A 44 1.33 -3.06 -12.29
C LYS A 44 1.54 -2.48 -10.89
N GLU A 45 0.63 -1.61 -10.48
CA GLU A 45 0.70 -0.98 -9.17
C GLU A 45 -0.02 -1.83 -8.11
N SER A 46 0.68 -2.12 -7.02
CA SER A 46 0.11 -2.92 -5.95
C SER A 46 -0.03 -2.10 -4.67
N CYS A 47 -1.00 -2.46 -3.84
CA CYS A 47 -1.24 -1.76 -2.59
C CYS A 47 -0.90 -2.65 -1.39
N PHE A 48 -0.03 -2.14 -0.52
CA PHE A 48 0.38 -2.89 0.67
C PHE A 48 -0.20 -2.27 1.93
N CYS A 49 -0.89 -3.08 2.72
CA CYS A 49 -1.49 -2.62 3.96
C CYS A 49 -1.09 -3.50 5.14
N TYR A 50 -1.00 -2.90 6.32
CA TYR A 50 -0.62 -3.65 7.52
C TYR A 50 -1.44 -3.18 8.72
N PHE A 51 -1.88 -4.13 9.53
CA PHE A 51 -2.68 -3.83 10.71
C PHE A 51 -2.46 -4.87 11.80
N ASP A 52 -2.68 -4.48 13.05
CA ASP A 52 -2.51 -5.38 14.18
C ASP A 52 -3.59 -6.46 14.18
N CYS A 53 -3.16 -7.72 14.34
CA CYS A 53 -4.08 -8.84 14.36
C CYS A 53 -4.12 -9.49 15.74
N SER A 54 -5.27 -10.07 16.09
CA SER A 54 -5.43 -10.72 17.38
C SER A 54 -5.42 -9.69 18.51
N LYS A 55 -4.24 -9.19 18.84
CA LYS A 55 -4.10 -8.20 19.89
C LYS A 55 -2.69 -7.60 19.88
N SER A 56 -2.09 -7.50 18.70
CA SER A 56 -0.75 -6.95 18.55
C SER A 56 -0.70 -5.52 19.10
N PRO A 57 0.50 -5.12 19.55
CA PRO A 57 0.71 -3.77 20.11
C PRO A 57 0.64 -2.69 19.05
N PRO A 58 0.61 -1.42 19.50
CA PRO A 58 0.55 -0.27 18.60
C PRO A 58 1.83 -0.06 17.81
N GLY A 59 2.05 -0.90 16.80
CA GLY A 59 3.25 -0.79 15.99
C GLY A 59 3.98 -2.11 15.88
N ALA A 60 4.10 -2.62 14.65
CA ALA A 60 4.79 -3.89 14.41
C ALA A 60 4.81 -4.21 12.93
N THR A 61 5.28 -5.41 12.60
CA THR A 61 5.36 -5.85 11.21
C THR A 61 4.51 -7.10 10.99
N PRO A 62 4.15 -7.34 9.71
CA PRO A 62 3.33 -8.50 9.33
C PRO A 62 4.09 -9.81 9.47
N ALA A 63 3.43 -10.91 9.11
CA ALA A 63 4.04 -12.23 9.18
C ALA A 63 4.26 -12.82 7.79
N PRO A 64 5.29 -12.32 7.09
CA PRO A 64 5.62 -12.77 5.74
C PRO A 64 6.20 -14.19 5.74
N PRO A 65 6.29 -14.79 4.53
CA PRO A 65 6.82 -16.15 4.37
C PRO A 65 8.32 -16.23 4.64
N GLY A 66 8.68 -16.22 5.92
CA GLY A 66 10.08 -16.29 6.28
C GLY A 66 10.57 -15.04 6.97
N ALA A 67 10.69 -13.96 6.21
CA ALA A 67 11.15 -12.68 6.75
C ALA A 67 11.23 -11.62 5.67
N ALA A 68 10.29 -11.66 4.73
CA ALA A 68 10.26 -10.71 3.64
C ALA A 68 9.02 -9.81 3.72
N PRO A 69 9.04 -8.88 4.69
CA PRO A 69 7.93 -7.94 4.90
C PRO A 69 7.79 -6.92 3.77
N PRO A 70 6.67 -6.19 3.76
CA PRO A 70 6.40 -5.18 2.74
C PRO A 70 7.30 -3.96 2.89
N PRO A 71 7.30 -3.10 1.86
CA PRO A 71 8.10 -1.87 1.86
C PRO A 71 7.60 -0.84 2.84
N ALA A 72 8.43 0.16 3.13
CA ALA A 72 8.06 1.21 4.07
C ALA A 72 6.72 1.84 3.70
N ALA A 73 6.71 2.66 2.67
CA ALA A 73 5.49 3.32 2.22
C ALA A 73 5.75 4.19 1.00
N GLY A 74 6.58 5.22 1.18
CA GLY A 74 6.90 6.12 0.08
C GLY A 74 5.84 7.19 -0.11
N GLY A 75 6.29 8.42 -0.34
CA GLY A 75 5.36 9.51 -0.55
C GLY A 75 4.63 9.42 -1.87
N SER A 76 3.56 8.63 -1.90
CA SER A 76 2.77 8.46 -3.11
C SER A 76 3.61 7.81 -4.21
N PRO A 77 2.93 7.23 -5.21
CA PRO A 77 3.59 6.56 -6.34
C PRO A 77 4.30 7.55 -7.27
N SER A 78 5.53 7.88 -6.92
CA SER A 78 6.32 8.83 -7.72
C SER A 78 5.66 10.21 -7.73
N PRO A 79 6.46 11.22 -8.07
CA PRO A 79 5.98 12.62 -8.14
C PRO A 79 5.02 12.84 -9.30
N PRO A 80 4.35 13.99 -9.29
CA PRO A 80 3.39 14.36 -10.34
C PRO A 80 4.07 14.67 -11.67
N ALA A 81 3.27 14.92 -12.69
CA ALA A 81 3.80 15.23 -14.02
C ALA A 81 2.71 15.78 -14.94
N ASP A 82 1.81 16.57 -14.37
CA ASP A 82 0.71 17.16 -15.13
C ASP A 82 -0.32 16.10 -15.49
N GLY A 83 0.05 15.19 -16.38
CA GLY A 83 -0.85 14.13 -16.80
C GLY A 83 -1.32 14.30 -18.23
N GLY A 84 -0.51 13.82 -19.17
CA GLY A 84 -0.87 13.93 -20.57
C GLY A 84 -0.02 13.03 -21.46
N SER A 85 1.05 13.59 -22.01
CA SER A 85 1.94 12.84 -22.89
C SER A 85 3.25 13.58 -23.10
N PRO A 86 4.06 13.68 -22.03
CA PRO A 86 5.35 14.37 -22.08
C PRO A 86 6.38 13.62 -22.90
N PRO A 87 7.50 14.28 -23.21
CA PRO A 87 8.58 13.69 -24.00
C PRO A 87 9.32 12.60 -23.25
N PRO A 88 10.16 11.83 -23.97
CA PRO A 88 10.95 10.74 -23.38
C PRO A 88 12.05 11.25 -22.46
N PRO A 89 12.65 10.33 -21.69
CA PRO A 89 13.73 10.67 -20.77
C PRO A 89 15.02 11.04 -21.48
N ALA A 90 15.44 12.30 -21.34
CA ALA A 90 16.65 12.79 -21.98
C ALA A 90 16.55 12.67 -23.50
N ASP A 91 17.67 12.92 -24.18
CA ASP A 91 17.72 12.85 -25.63
C ASP A 91 18.37 11.56 -26.10
N GLY A 92 17.89 11.03 -27.22
CA GLY A 92 18.45 9.79 -27.76
C GLY A 92 19.91 9.93 -28.13
N GLY A 93 20.54 8.80 -28.44
CA GLY A 93 21.95 8.82 -28.81
C GLY A 93 22.16 8.82 -30.31
N SER A 94 21.17 8.33 -31.04
CA SER A 94 21.25 8.27 -32.50
C SER A 94 22.42 7.39 -32.94
N PRO A 95 22.15 6.08 -33.06
CA PRO A 95 20.82 5.51 -32.78
C PRO A 95 20.48 5.56 -31.29
N PRO A 96 19.19 5.41 -30.98
CA PRO A 96 18.70 5.43 -29.60
C PRO A 96 19.12 4.18 -28.82
N VAL A 97 20.09 4.34 -27.94
CA VAL A 97 20.59 3.23 -27.13
C VAL A 97 19.96 3.23 -25.74
N ASP A 98 19.72 4.43 -25.21
CA ASP A 98 19.12 4.57 -23.90
C ASP A 98 17.60 4.46 -23.98
N GLY A 99 17.04 4.86 -25.12
CA GLY A 99 15.60 4.79 -25.30
C GLY A 99 15.08 3.36 -25.37
N GLY A 100 13.76 3.22 -25.36
CA GLY A 100 13.17 1.90 -25.40
C GLY A 100 12.48 1.52 -24.12
N SER A 101 12.67 0.28 -23.68
CA SER A 101 12.06 -0.20 -22.45
C SER A 101 10.54 -0.15 -22.54
N PRO A 102 9.96 -1.06 -23.35
CA PRO A 102 8.51 -1.12 -23.54
C PRO A 102 7.78 -1.61 -22.29
N PRO A 103 6.44 -1.48 -22.29
CA PRO A 103 5.71 -0.91 -23.42
C PRO A 103 5.95 0.58 -23.57
N PRO A 104 5.53 1.15 -24.72
CA PRO A 104 5.69 2.57 -25.00
C PRO A 104 4.79 3.44 -24.14
N PRO A 105 5.05 4.76 -24.15
CA PRO A 105 4.27 5.73 -23.37
C PRO A 105 2.85 5.90 -23.89
N SER A 106 2.08 6.76 -23.25
CA SER A 106 0.71 7.02 -23.65
C SER A 106 -0.09 5.71 -23.71
N THR A 107 -0.41 5.17 -22.54
CA THR A 107 -1.18 3.94 -22.45
C THR A 107 -2.50 4.05 -23.21
N HIS A 108 -2.76 3.09 -24.08
CA HIS A 108 -3.99 3.08 -24.86
C HIS A 108 -4.19 4.41 -25.58
#